data_8HWF
#
_entry.id   8HWF
#
_cell.length_a   1.00
_cell.length_b   1.00
_cell.length_c   1.00
_cell.angle_alpha   90.00
_cell.angle_beta   90.00
_cell.angle_gamma   90.00
#
_symmetry.space_group_name_H-M   'P 1'
#
loop_
_entity.id
_entity.type
_entity.pdbx_description
1 polymer 'Primase D5'
2 polymer "DNA (5'-D(P*TP*TP*TP*TP*TP*T)-3')"
3 non-polymer "ADENOSINE-5'-DIPHOSPHATE"
4 non-polymer 'MAGNESIUM ION'
#
loop_
_entity_poly.entity_id
_entity_poly.type
_entity_poly.pdbx_seq_one_letter_code
_entity_poly.pdbx_strand_id
1 'polypeptide(L)'
;MDAAIRGNDVIFVLKTIGVPSACRQNEDPRFVEAFKCDELERYIDNNPECTLFESLRDEEAYSIVRIFMDVDLDACLDEI
DYLTAIQDFIIEVSNCVARFAFTECGAIHENVIKSMRSNFSLTKSTNRDKTSFHIIFLDTYTTMDTLIAMKRTLLELSRS
SENPLTRSIDTAVYRRKTTLRVVGTRKNPNCDTIHVMQPPHDNIEDYLFTYVDMNNNSYYFSLQRRLEDLVPDKLWEPGF
ISFEDAIKRVSKIFINSIINFNDLDENNFTTVPLVIDYVTPCALCKKRSHKHPHQLSLENGAIRIYKTGNPHSCKVKIVP
LDGNKLFNIAQRILDTNSVLLTERGDHIVWINNSWKFNSEEPLITKLILSIRHQLPKEYSSELLCPRKRKTVEANIRDML
VDSVETDTYPDKLPFKNGVLDLVDGMFYSGDDAKKYTCTVSTGFKFDDTKFVEDSPEMEELMNIINDIQPLTDENKKNRE
LYEKTLSSCLCGATKGCLTFFFGETATGKSTTKRLLKSAIGDLFVETGQTILTDVLDKGPNPFIANMHLKRSVFCSELPD
FACSGSKKIRSDNIKKLTEPCVIGRPCFSNKINNRNHATIIIDTNYKPVFDRIDNALMRRIAVVRFRTHFSQPSGREAAE
NNDAYDKVKLLDEGLDGKIQNNRYRFAFLYLLVKWYKKYHIPIMKLYPTPEEIPDFAFYLKIGTLLVSSSVKHIPLMTDL
SKKGYILYDNVVTLPLTTFQQKISKYFNSRLFGHDIESFINRHKKFANVSDEYLQYIFIEDISSP
;
C,B,F,E,D,A
2 'polydeoxyribonucleotide' (DT)(DT)(DT)(DT)(DT)(DT) S
#
# COMPACT_ATOMS: atom_id res chain seq x y z
N GLY A 323 17.47 -44.97 8.78
CA GLY A 323 17.22 -45.15 10.21
C GLY A 323 15.90 -44.55 10.66
N ASN A 324 15.82 -43.22 10.64
CA ASN A 324 14.60 -42.52 11.00
C ASN A 324 13.50 -42.86 10.00
N LYS A 325 12.47 -43.59 10.45
CA LYS A 325 11.47 -44.10 9.54
C LYS A 325 10.64 -42.97 8.93
N LEU A 326 10.50 -41.84 9.63
CA LEU A 326 9.85 -40.68 9.04
C LEU A 326 10.64 -40.09 7.90
N PHE A 327 11.92 -40.45 7.76
CA PHE A 327 12.70 -40.11 6.58
C PHE A 327 12.54 -41.16 5.48
N ASN A 328 12.39 -42.43 5.85
CA ASN A 328 12.11 -43.46 4.86
C ASN A 328 10.77 -43.24 4.18
N ILE A 329 9.77 -42.81 4.94
CA ILE A 329 8.47 -42.50 4.35
C ILE A 329 8.59 -41.37 3.34
N ALA A 330 9.33 -40.31 3.70
CA ALA A 330 9.51 -39.20 2.78
C ALA A 330 10.28 -39.62 1.54
N GLN A 331 11.31 -40.47 1.70
CA GLN A 331 12.04 -40.97 0.55
C GLN A 331 11.15 -41.79 -0.37
N ARG A 332 10.31 -42.67 0.20
CA ARG A 332 9.40 -43.46 -0.61
C ARG A 332 8.41 -42.57 -1.36
N ILE A 333 7.88 -41.56 -0.67
CA ILE A 333 6.97 -40.62 -1.34
C ILE A 333 7.68 -39.88 -2.46
N LEU A 334 8.96 -39.54 -2.26
CA LEU A 334 9.72 -38.82 -3.28
C LEU A 334 9.99 -39.70 -4.50
N ASP A 335 10.21 -41.00 -4.30
CA ASP A 335 10.48 -41.88 -5.43
C ASP A 335 9.29 -41.98 -6.38
N THR A 336 8.06 -41.80 -5.89
CA THR A 336 6.90 -41.86 -6.75
C THR A 336 6.77 -40.68 -7.70
N ASN A 337 7.59 -39.65 -7.53
CA ASN A 337 7.53 -38.45 -8.35
C ASN A 337 6.15 -37.80 -8.28
N SER A 338 5.63 -37.68 -7.05
CA SER A 338 4.35 -37.06 -6.81
C SER A 338 4.46 -35.59 -6.43
N VAL A 339 5.59 -35.17 -5.87
CA VAL A 339 5.83 -33.77 -5.53
C VAL A 339 6.91 -33.22 -6.44
N LEU A 340 6.66 -32.04 -6.99
CA LEU A 340 7.60 -31.41 -7.91
C LEU A 340 7.75 -29.94 -7.56
N LEU A 341 8.90 -29.38 -7.91
CA LEU A 341 9.20 -27.97 -7.71
C LEU A 341 9.17 -27.28 -9.06
N THR A 342 8.38 -26.21 -9.18
CA THR A 342 8.26 -25.48 -10.43
C THR A 342 9.29 -24.34 -10.47
N GLU A 343 9.40 -23.71 -11.64
CA GLU A 343 10.34 -22.60 -11.78
C GLU A 343 9.88 -21.37 -11.03
N ARG A 344 8.57 -21.15 -10.94
CA ARG A 344 8.04 -20.02 -10.18
C ARG A 344 8.18 -20.21 -8.67
N GLY A 345 8.58 -21.39 -8.21
CA GLY A 345 8.76 -21.63 -6.79
C GLY A 345 7.61 -22.34 -6.11
N ASP A 346 6.63 -22.83 -6.86
CA ASP A 346 5.51 -23.54 -6.28
C ASP A 346 5.86 -25.02 -6.08
N HIS A 347 5.09 -25.66 -5.21
CA HIS A 347 5.23 -27.09 -4.93
C HIS A 347 3.97 -27.77 -5.43
N ILE A 348 3.99 -28.22 -6.68
CA ILE A 348 2.82 -28.84 -7.29
C ILE A 348 2.70 -30.27 -6.78
N VAL A 349 1.53 -30.61 -6.25
CA VAL A 349 1.26 -31.93 -5.73
C VAL A 349 0.37 -32.68 -6.73
N TRP A 350 0.26 -34.00 -6.54
CA TRP A 350 -0.46 -34.87 -7.46
C TRP A 350 -1.48 -35.65 -6.64
N ILE A 351 -2.70 -35.12 -6.54
CA ILE A 351 -3.79 -35.75 -5.79
C ILE A 351 -4.98 -35.91 -6.73
N ASN A 352 -5.60 -37.08 -6.68
CA ASN A 352 -6.82 -37.36 -7.44
C ASN A 352 -6.61 -37.17 -8.94
N ASN A 353 -5.50 -37.69 -9.44
CA ASN A 353 -5.20 -37.72 -10.89
C ASN A 353 -5.19 -36.32 -11.50
N SER A 354 -4.60 -35.37 -10.77
CA SER A 354 -4.46 -34.01 -11.28
C SER A 354 -3.41 -33.27 -10.46
N TRP A 355 -2.61 -32.44 -11.14
CA TRP A 355 -1.63 -31.61 -10.46
C TRP A 355 -2.32 -30.39 -9.86
N LYS A 356 -2.01 -30.10 -8.60
CA LYS A 356 -2.59 -28.98 -7.90
C LYS A 356 -1.50 -28.21 -7.15
N PHE A 357 -1.74 -26.92 -6.96
CA PHE A 357 -0.79 -26.08 -6.24
C PHE A 357 -1.55 -24.91 -5.62
N ASN A 358 -0.92 -24.31 -4.61
CA ASN A 358 -1.51 -23.17 -3.90
C ASN A 358 -0.35 -22.37 -3.31
N SER A 359 -0.18 -21.14 -3.79
CA SER A 359 0.94 -20.32 -3.34
C SER A 359 0.81 -19.93 -1.87
N GLU A 360 -0.41 -19.75 -1.38
CA GLU A 360 -0.61 -19.31 0.00
C GLU A 360 -0.19 -20.40 0.99
N GLU A 361 -0.82 -21.58 0.89
CA GLU A 361 -0.48 -22.69 1.78
C GLU A 361 -0.07 -23.91 0.97
N PRO A 362 1.07 -24.51 1.26
CA PRO A 362 1.47 -25.74 0.58
C PRO A 362 0.48 -26.87 0.84
N LEU A 363 0.36 -27.75 -0.15
CA LEU A 363 -0.50 -28.92 -0.07
C LEU A 363 0.27 -30.22 0.10
N ILE A 364 1.53 -30.14 0.55
CA ILE A 364 2.33 -31.36 0.70
C ILE A 364 1.74 -32.26 1.77
N THR A 365 1.19 -31.68 2.84
CA THR A 365 0.53 -32.49 3.87
C THR A 365 -0.67 -33.23 3.31
N LYS A 366 -1.43 -32.58 2.41
CA LYS A 366 -2.55 -33.26 1.76
C LYS A 366 -2.07 -34.48 1.00
N LEU A 367 -1.00 -34.34 0.23
CA LEU A 367 -0.44 -35.46 -0.52
C LEU A 367 0.06 -36.55 0.41
N ILE A 368 0.72 -36.18 1.50
CA ILE A 368 1.25 -37.18 2.42
C ILE A 368 0.12 -37.99 3.04
N LEU A 369 -0.96 -37.31 3.43
CA LEU A 369 -2.10 -38.02 4.01
C LEU A 369 -2.82 -38.86 2.97
N SER A 370 -2.85 -38.40 1.72
CA SER A 370 -3.58 -39.12 0.67
C SER A 370 -2.85 -40.39 0.26
N ILE A 371 -1.52 -40.33 0.12
CA ILE A 371 -0.74 -41.45 -0.37
C ILE A 371 -0.71 -42.57 0.66
N ARG A 372 -1.15 -42.26 1.88
CA ARG A 372 -1.12 -43.22 3.00
C ARG A 372 -1.62 -44.61 2.61
N HIS A 373 -2.48 -44.73 1.60
CA HIS A 373 -3.01 -46.01 1.15
C HIS A 373 -2.09 -46.71 0.15
N GLN A 374 -0.80 -46.36 0.13
CA GLN A 374 0.15 -47.02 -0.75
C GLN A 374 1.42 -47.47 -0.05
N LEU A 375 1.44 -47.50 1.28
CA LEU A 375 2.61 -47.88 2.06
C LEU A 375 2.25 -48.99 3.03
N PRO A 376 3.23 -49.75 3.51
CA PRO A 376 2.94 -50.83 4.47
C PRO A 376 2.30 -50.29 5.74
N LYS A 377 1.84 -51.22 6.57
CA LYS A 377 1.07 -50.87 7.76
C LYS A 377 1.91 -50.06 8.75
N GLU A 378 3.17 -50.44 8.94
CA GLU A 378 4.03 -49.69 9.84
C GLU A 378 4.28 -48.27 9.36
N TYR A 379 4.07 -48.01 8.07
CA TYR A 379 4.20 -46.66 7.53
C TYR A 379 2.86 -45.96 7.35
N SER A 380 1.76 -46.71 7.25
CA SER A 380 0.45 -46.12 7.01
C SER A 380 -0.19 -45.54 8.26
N SER A 381 0.26 -45.92 9.45
CA SER A 381 -0.32 -45.41 10.68
C SER A 381 0.42 -44.20 11.22
N GLU A 382 1.66 -43.96 10.77
CA GLU A 382 2.43 -42.84 11.31
C GLU A 382 2.01 -41.51 10.69
N LEU A 383 1.25 -41.54 9.60
CA LEU A 383 0.85 -40.35 8.88
C LEU A 383 -0.47 -39.76 9.36
N LEU A 384 -1.02 -40.29 10.45
CA LEU A 384 -2.28 -39.78 10.98
C LEU A 384 -2.08 -38.59 11.92
N CYS A 385 -0.96 -38.55 12.63
CA CYS A 385 -0.67 -37.44 13.53
C CYS A 385 -0.13 -36.25 12.74
N PRO A 386 -0.72 -35.07 12.85
CA PRO A 386 -0.25 -33.93 12.04
C PRO A 386 1.21 -33.55 12.30
N ARG A 387 1.69 -33.68 13.53
CA ARG A 387 3.08 -33.36 13.82
C ARG A 387 4.05 -34.35 13.18
N LYS A 388 3.63 -35.59 12.97
CA LYS A 388 4.42 -36.55 12.21
C LYS A 388 4.29 -36.37 10.71
N ARG A 389 3.25 -35.65 10.27
CA ARG A 389 3.12 -35.30 8.87
C ARG A 389 3.95 -34.07 8.51
N LYS A 390 4.10 -33.13 9.43
CA LYS A 390 4.95 -31.97 9.18
C LYS A 390 6.41 -32.37 9.07
N THR A 391 6.84 -33.40 9.79
CA THR A 391 8.20 -33.90 9.66
C THR A 391 8.46 -34.45 8.27
N VAL A 392 7.53 -35.26 7.75
CA VAL A 392 7.67 -35.79 6.41
C VAL A 392 7.64 -34.66 5.39
N GLU A 393 6.79 -33.65 5.61
CA GLU A 393 6.75 -32.50 4.72
C GLU A 393 8.08 -31.76 4.71
N ALA A 394 8.69 -31.58 5.89
CA ALA A 394 9.98 -30.91 5.96
C ALA A 394 11.05 -31.71 5.22
N ASN A 395 11.05 -33.03 5.40
CA ASN A 395 12.02 -33.86 4.69
C ASN A 395 11.83 -33.76 3.18
N ILE A 396 10.58 -33.79 2.72
CA ILE A 396 10.31 -33.70 1.29
C ILE A 396 10.75 -32.36 0.74
N ARG A 397 10.45 -31.28 1.46
CA ARG A 397 10.91 -29.95 1.04
C ARG A 397 12.43 -29.85 1.02
N ASP A 398 13.11 -30.56 1.92
CA ASP A 398 14.57 -30.54 1.95
C ASP A 398 15.20 -31.45 0.90
N MET A 399 14.43 -32.38 0.33
CA MET A 399 14.97 -33.26 -0.71
C MET A 399 14.70 -32.76 -2.12
N LEU A 400 13.87 -31.75 -2.31
CA LEU A 400 13.58 -31.21 -3.63
C LEU A 400 14.58 -30.10 -3.93
N VAL A 401 15.50 -30.36 -4.85
CA VAL A 401 16.58 -29.42 -5.14
C VAL A 401 16.34 -28.68 -6.44
N ASP A 402 16.19 -29.40 -7.55
CA ASP A 402 16.09 -28.80 -8.87
C ASP A 402 14.64 -28.70 -9.33
N SER A 403 14.34 -27.61 -10.02
CA SER A 403 13.00 -27.35 -10.51
C SER A 403 12.77 -28.00 -11.86
N VAL A 404 11.51 -27.96 -12.31
CA VAL A 404 11.10 -28.52 -13.59
C VAL A 404 10.23 -27.50 -14.32
N GLU A 405 10.05 -27.74 -15.62
CA GLU A 405 9.20 -26.90 -16.45
C GLU A 405 7.86 -27.59 -16.65
N THR A 406 6.79 -26.80 -16.67
CA THR A 406 5.43 -27.31 -16.73
C THR A 406 4.70 -26.81 -17.97
N ASP A 407 3.63 -27.51 -18.32
CA ASP A 407 2.76 -27.13 -19.44
C ASP A 407 3.55 -27.03 -20.75
N THR A 408 4.28 -28.08 -21.06
CA THR A 408 5.08 -28.14 -22.28
C THR A 408 4.38 -28.88 -23.41
N TYR A 409 3.16 -29.36 -23.20
CA TYR A 409 2.41 -30.07 -24.22
C TYR A 409 1.18 -29.27 -24.61
N PRO A 410 1.11 -28.74 -25.83
CA PRO A 410 -0.03 -27.90 -26.21
C PRO A 410 -1.26 -28.70 -26.62
N ASP A 411 -1.07 -29.95 -27.05
CA ASP A 411 -2.15 -30.75 -27.62
C ASP A 411 -2.84 -31.63 -26.58
N LYS A 412 -2.86 -31.21 -25.31
CA LYS A 412 -3.54 -31.94 -24.26
C LYS A 412 -4.46 -30.99 -23.50
N LEU A 413 -5.59 -31.52 -23.04
CA LEU A 413 -6.56 -30.74 -22.29
C LEU A 413 -6.74 -31.39 -20.93
N PRO A 414 -6.30 -30.74 -19.84
CA PRO A 414 -6.38 -31.36 -18.52
C PRO A 414 -7.73 -31.12 -17.84
N PHE A 415 -8.25 -32.19 -17.22
CA PHE A 415 -9.47 -32.14 -16.44
C PHE A 415 -9.14 -32.38 -14.97
N LYS A 416 -10.18 -32.52 -14.15
CA LYS A 416 -9.99 -32.79 -12.74
C LYS A 416 -9.68 -34.26 -12.45
N ASN A 417 -9.75 -35.13 -13.46
CA ASN A 417 -9.51 -36.55 -13.23
C ASN A 417 -8.70 -37.18 -14.36
N GLY A 418 -7.90 -36.40 -15.06
CA GLY A 418 -7.05 -36.95 -16.10
C GLY A 418 -6.74 -35.91 -17.16
N VAL A 419 -6.32 -36.40 -18.33
CA VAL A 419 -5.94 -35.55 -19.45
C VAL A 419 -6.53 -36.14 -20.73
N LEU A 420 -7.18 -35.30 -21.52
CA LEU A 420 -7.72 -35.71 -22.81
C LEU A 420 -6.74 -35.33 -23.91
N ASP A 421 -6.28 -36.33 -24.66
CA ASP A 421 -5.39 -36.10 -25.79
C ASP A 421 -6.25 -35.81 -27.02
N LEU A 422 -6.07 -34.61 -27.58
CA LEU A 422 -6.91 -34.13 -28.67
C LEU A 422 -6.56 -34.78 -30.01
N VAL A 423 -5.28 -35.05 -30.26
CA VAL A 423 -4.88 -35.62 -31.54
C VAL A 423 -5.45 -37.01 -31.73
N ASP A 424 -5.68 -37.75 -30.64
CA ASP A 424 -6.34 -39.05 -30.70
C ASP A 424 -7.69 -39.05 -30.00
N GLY A 425 -8.03 -37.99 -29.28
CA GLY A 425 -9.27 -37.96 -28.51
C GLY A 425 -9.32 -39.06 -27.47
N MET A 426 -8.20 -39.31 -26.79
CA MET A 426 -8.07 -40.42 -25.87
C MET A 426 -7.90 -39.90 -24.45
N PHE A 427 -8.67 -40.45 -23.51
CA PHE A 427 -8.66 -39.99 -22.13
C PHE A 427 -7.68 -40.85 -21.34
N TYR A 428 -6.67 -40.20 -20.75
CA TYR A 428 -5.68 -40.87 -19.93
C TYR A 428 -5.89 -40.48 -18.47
N SER A 429 -5.94 -41.48 -17.60
CA SER A 429 -6.13 -41.27 -16.17
C SER A 429 -5.01 -41.94 -15.40
N GLY A 430 -4.76 -41.43 -14.20
CA GLY A 430 -3.70 -41.97 -13.36
C GLY A 430 -2.32 -41.70 -13.94
N ASP A 431 -1.41 -42.65 -13.71
CA ASP A 431 -0.04 -42.51 -14.17
C ASP A 431 0.03 -42.32 -15.67
N ASP A 432 -0.95 -42.84 -16.42
CA ASP A 432 -0.96 -42.63 -17.87
C ASP A 432 -0.94 -41.15 -18.22
N ALA A 433 -1.59 -40.30 -17.42
CA ALA A 433 -1.50 -38.85 -17.62
C ALA A 433 -0.84 -38.27 -16.37
N LYS A 434 0.48 -38.35 -16.33
CA LYS A 434 1.28 -37.64 -15.33
C LYS A 434 2.55 -37.03 -15.92
N LYS A 435 3.05 -37.54 -17.04
CA LYS A 435 4.20 -36.94 -17.70
C LYS A 435 3.88 -35.53 -18.16
N TYR A 436 2.67 -35.32 -18.68
CA TYR A 436 2.23 -34.00 -19.10
C TYR A 436 1.94 -33.16 -17.87
N THR A 437 2.94 -32.44 -17.37
CA THR A 437 2.82 -31.68 -16.14
C THR A 437 1.98 -30.45 -16.42
N CYS A 438 0.66 -30.63 -16.38
CA CYS A 438 -0.30 -29.56 -16.59
C CYS A 438 -0.83 -29.13 -15.24
N THR A 439 -0.44 -27.93 -14.80
CA THR A 439 -0.85 -27.40 -13.50
C THR A 439 -2.22 -26.75 -13.53
N VAL A 440 -2.82 -26.59 -14.69
CA VAL A 440 -4.14 -26.02 -14.81
C VAL A 440 -5.14 -27.14 -15.10
N SER A 441 -6.42 -26.84 -14.95
CA SER A 441 -7.47 -27.83 -15.21
C SER A 441 -8.76 -27.09 -15.54
N THR A 442 -9.71 -27.82 -16.13
CA THR A 442 -11.01 -27.27 -16.43
C THR A 442 -11.88 -27.13 -15.18
N GLY A 443 -11.62 -27.95 -14.17
CA GLY A 443 -12.34 -27.86 -12.92
C GLY A 443 -13.49 -28.82 -12.73
N PHE A 444 -13.64 -29.82 -13.61
CA PHE A 444 -14.70 -30.80 -13.45
C PHE A 444 -14.22 -32.14 -14.00
N LYS A 445 -14.94 -33.19 -13.60
CA LYS A 445 -14.64 -34.54 -14.07
C LYS A 445 -15.04 -34.69 -15.53
N PHE A 446 -14.48 -35.72 -16.16
CA PHE A 446 -14.77 -36.04 -17.56
C PHE A 446 -15.49 -37.38 -17.60
N ASP A 447 -16.81 -37.33 -17.81
CA ASP A 447 -17.64 -38.52 -17.88
C ASP A 447 -17.69 -38.99 -19.33
N ASP A 448 -17.15 -40.18 -19.59
CA ASP A 448 -17.06 -40.72 -20.95
C ASP A 448 -18.39 -41.22 -21.48
N THR A 449 -19.50 -41.10 -20.74
CA THR A 449 -20.81 -41.49 -21.26
C THR A 449 -21.55 -40.34 -21.94
N LYS A 450 -21.17 -39.10 -21.68
CA LYS A 450 -21.77 -37.94 -22.32
C LYS A 450 -20.90 -37.36 -23.42
N PHE A 451 -19.87 -38.09 -23.84
CA PHE A 451 -18.91 -37.61 -24.84
C PHE A 451 -19.12 -38.28 -26.19
N VAL A 452 -20.37 -38.52 -26.57
CA VAL A 452 -20.72 -39.23 -27.80
C VAL A 452 -21.70 -38.39 -28.60
N GLU A 453 -21.87 -38.77 -29.88
CA GLU A 453 -22.81 -38.10 -30.76
C GLU A 453 -24.25 -38.50 -30.50
N ASP A 454 -24.48 -39.77 -30.14
CA ASP A 454 -25.83 -40.28 -29.95
C ASP A 454 -26.43 -39.74 -28.65
N SER A 455 -27.01 -38.55 -28.72
CA SER A 455 -27.60 -37.91 -27.55
C SER A 455 -28.66 -36.94 -28.02
N PRO A 456 -29.68 -36.67 -27.19
CA PRO A 456 -30.65 -35.63 -27.55
C PRO A 456 -30.07 -34.25 -27.40
N GLU A 457 -29.12 -34.09 -26.47
CA GLU A 457 -28.47 -32.80 -26.27
C GLU A 457 -27.65 -32.38 -27.48
N MET A 458 -27.02 -33.34 -28.15
CA MET A 458 -26.21 -33.02 -29.32
C MET A 458 -27.06 -32.42 -30.44
N GLU A 459 -28.25 -32.96 -30.66
CA GLU A 459 -29.14 -32.41 -31.68
C GLU A 459 -29.57 -31.00 -31.33
N GLU A 460 -29.88 -30.74 -30.06
CA GLU A 460 -30.26 -29.40 -29.65
C GLU A 460 -29.11 -28.42 -29.84
N LEU A 461 -27.89 -28.84 -29.48
CA LEU A 461 -26.72 -27.98 -29.68
C LEU A 461 -26.48 -27.72 -31.16
N MET A 462 -26.66 -28.74 -32.00
CA MET A 462 -26.51 -28.55 -33.44
C MET A 462 -27.52 -27.55 -33.96
N ASN A 463 -28.78 -27.66 -33.52
CA ASN A 463 -29.80 -26.70 -33.94
C ASN A 463 -29.52 -25.29 -33.44
N ILE A 464 -28.94 -25.16 -32.23
CA ILE A 464 -28.59 -23.83 -31.72
C ILE A 464 -27.47 -23.22 -32.57
N ILE A 465 -26.43 -23.99 -32.84
CA ILE A 465 -25.27 -23.46 -33.55
C ILE A 465 -25.62 -23.16 -35.00
N ASN A 466 -26.36 -24.07 -35.65
CA ASN A 466 -26.77 -23.84 -37.03
C ASN A 466 -27.77 -22.70 -37.16
N ASP A 467 -28.33 -22.23 -36.05
CA ASP A 467 -29.14 -21.01 -36.04
C ASP A 467 -28.31 -19.77 -35.77
N ILE A 468 -27.31 -19.86 -34.89
CA ILE A 468 -26.42 -18.74 -34.66
C ILE A 468 -25.59 -18.44 -35.91
N GLN A 469 -24.98 -19.48 -36.49
CA GLN A 469 -24.23 -19.37 -37.73
C GLN A 469 -24.81 -20.35 -38.74
N PRO A 470 -25.67 -19.90 -39.65
CA PRO A 470 -26.32 -20.82 -40.58
C PRO A 470 -25.32 -21.44 -41.54
N LEU A 471 -25.65 -22.67 -41.98
CA LEU A 471 -24.81 -23.42 -42.90
C LEU A 471 -25.17 -23.12 -44.35
N THR A 472 -25.18 -21.84 -44.71
CA THR A 472 -25.42 -21.45 -46.10
C THR A 472 -24.11 -21.42 -46.87
N ASP A 473 -24.14 -20.88 -48.09
CA ASP A 473 -22.93 -20.70 -48.88
C ASP A 473 -22.42 -19.26 -48.90
N GLU A 474 -23.27 -18.29 -48.55
CA GLU A 474 -22.80 -16.93 -48.33
C GLU A 474 -22.20 -16.74 -46.94
N ASN A 475 -22.27 -17.76 -46.09
CA ASN A 475 -21.73 -17.71 -44.74
C ASN A 475 -20.92 -18.98 -44.48
N LYS A 476 -20.06 -19.33 -45.43
CA LYS A 476 -19.21 -20.52 -45.31
C LYS A 476 -17.82 -20.19 -44.78
N LYS A 477 -17.16 -19.18 -45.34
CA LYS A 477 -15.87 -18.76 -44.80
C LYS A 477 -16.02 -18.24 -43.38
N ASN A 478 -17.08 -17.47 -43.12
CA ASN A 478 -17.32 -16.96 -41.77
C ASN A 478 -17.55 -18.10 -40.79
N ARG A 479 -18.33 -19.11 -41.18
CA ARG A 479 -18.57 -20.25 -40.31
C ARG A 479 -17.29 -21.02 -40.04
N GLU A 480 -16.45 -21.20 -41.06
CA GLU A 480 -15.18 -21.91 -40.87
C GLU A 480 -14.26 -21.13 -39.94
N LEU A 481 -14.19 -19.81 -40.10
CA LEU A 481 -13.37 -18.99 -39.21
C LEU A 481 -13.89 -19.05 -37.78
N TYR A 482 -15.22 -19.02 -37.61
CA TYR A 482 -15.81 -19.12 -36.28
C TYR A 482 -15.47 -20.46 -35.63
N GLU A 483 -15.58 -21.55 -36.40
CA GLU A 483 -15.22 -22.86 -35.87
C GLU A 483 -13.75 -22.94 -35.50
N LYS A 484 -12.87 -22.39 -36.34
CA LYS A 484 -11.44 -22.39 -36.05
C LYS A 484 -11.15 -21.62 -34.76
N THR A 485 -11.75 -20.43 -34.62
CA THR A 485 -11.51 -19.61 -33.44
C THR A 485 -12.01 -20.31 -32.18
N LEU A 486 -13.19 -20.92 -32.24
CA LEU A 486 -13.71 -21.61 -31.07
C LEU A 486 -12.87 -22.83 -30.72
N SER A 487 -12.46 -23.61 -31.71
CA SER A 487 -11.71 -24.83 -31.46
C SER A 487 -10.27 -24.56 -31.06
N SER A 488 -9.73 -23.38 -31.37
CA SER A 488 -8.38 -23.05 -30.95
C SER A 488 -8.28 -22.82 -29.45
N CYS A 489 -9.40 -22.73 -28.74
CA CYS A 489 -9.41 -22.49 -27.31
C CYS A 489 -8.98 -23.70 -26.50
N LEU A 490 -8.78 -24.86 -27.13
CA LEU A 490 -8.34 -26.06 -26.43
C LEU A 490 -6.84 -26.29 -26.48
N CYS A 491 -6.15 -25.69 -27.44
CA CYS A 491 -4.71 -25.88 -27.59
C CYS A 491 -3.96 -24.90 -26.69
N GLY A 492 -3.01 -25.42 -25.92
CA GLY A 492 -2.25 -24.60 -25.01
C GLY A 492 -0.97 -24.04 -25.61
N ALA A 493 -1.09 -23.35 -26.73
CA ALA A 493 0.03 -22.71 -27.40
C ALA A 493 -0.25 -21.22 -27.57
N THR A 494 0.78 -20.50 -28.00
CA THR A 494 0.66 -19.05 -28.17
C THR A 494 -0.01 -18.76 -29.51
N LYS A 495 -1.20 -18.17 -29.47
CA LYS A 495 -1.92 -17.78 -30.67
C LYS A 495 -1.62 -16.34 -31.02
N GLY A 496 -1.33 -16.10 -32.29
CA GLY A 496 -0.89 -14.79 -32.74
C GLY A 496 -1.93 -13.99 -33.48
N CYS A 497 -3.18 -14.02 -33.01
CA CYS A 497 -4.23 -13.25 -33.65
C CYS A 497 -5.28 -12.86 -32.61
N LEU A 498 -5.93 -11.73 -32.87
CA LEU A 498 -7.03 -11.25 -32.04
C LEU A 498 -8.33 -11.33 -32.84
N THR A 499 -9.37 -11.87 -32.21
CA THR A 499 -10.63 -12.12 -32.88
C THR A 499 -11.71 -11.21 -32.33
N PHE A 500 -12.48 -10.59 -33.23
CA PHE A 500 -13.59 -9.74 -32.87
C PHE A 500 -14.90 -10.43 -33.22
N PHE A 501 -15.82 -10.50 -32.25
CA PHE A 501 -17.17 -11.00 -32.47
C PHE A 501 -18.04 -9.78 -32.75
N PHE A 502 -18.08 -9.36 -34.01
CA PHE A 502 -18.77 -8.15 -34.40
C PHE A 502 -20.18 -8.47 -34.90
N GLY A 503 -21.14 -7.67 -34.47
CA GLY A 503 -22.51 -7.86 -34.91
C GLY A 503 -23.44 -6.96 -34.12
N GLU A 504 -24.68 -6.92 -34.56
CA GLU A 504 -25.70 -6.12 -33.91
C GLU A 504 -26.14 -6.81 -32.62
N THR A 505 -27.13 -6.23 -31.94
CA THR A 505 -27.58 -6.76 -30.66
C THR A 505 -28.46 -8.00 -30.88
N ALA A 506 -28.43 -8.88 -29.88
CA ALA A 506 -29.22 -10.11 -29.87
C ALA A 506 -28.94 -10.95 -31.12
N THR A 507 -27.69 -11.41 -31.23
CA THR A 507 -27.26 -12.20 -32.38
C THR A 507 -26.60 -13.52 -32.00
N GLY A 508 -26.18 -13.70 -30.76
CA GLY A 508 -25.64 -14.99 -30.34
C GLY A 508 -24.22 -14.95 -29.80
N LYS A 509 -23.68 -13.75 -29.60
CA LYS A 509 -22.30 -13.64 -29.11
C LYS A 509 -22.19 -14.10 -27.67
N SER A 510 -23.07 -13.60 -26.80
CA SER A 510 -23.02 -14.00 -25.39
C SER A 510 -23.38 -15.45 -25.21
N THR A 511 -24.28 -15.98 -26.04
CA THR A 511 -24.58 -17.42 -25.98
C THR A 511 -23.35 -18.24 -26.31
N THR A 512 -22.58 -17.83 -27.32
CA THR A 512 -21.35 -18.52 -27.65
C THR A 512 -20.34 -18.42 -26.51
N LYS A 513 -20.22 -17.25 -25.90
CA LYS A 513 -19.30 -17.08 -24.78
C LYS A 513 -19.68 -17.99 -23.61
N ARG A 514 -20.97 -18.08 -23.31
CA ARG A 514 -21.43 -18.90 -22.20
C ARG A 514 -21.27 -20.39 -22.50
N LEU A 515 -21.52 -20.80 -23.75
CA LEU A 515 -21.27 -22.18 -24.13
C LEU A 515 -19.79 -22.52 -23.99
N LEU A 516 -18.91 -21.61 -24.41
CA LEU A 516 -17.48 -21.84 -24.27
C LEU A 516 -17.07 -21.93 -22.80
N LYS A 517 -17.63 -21.06 -21.96
CA LYS A 517 -17.33 -21.12 -20.53
C LYS A 517 -17.78 -22.44 -19.93
N SER A 518 -18.96 -22.91 -20.31
CA SER A 518 -19.43 -24.21 -19.83
C SER A 518 -18.56 -25.35 -20.35
N ALA A 519 -18.02 -25.21 -21.55
CA ALA A 519 -17.21 -26.28 -22.13
C ALA A 519 -15.84 -26.37 -21.49
N ILE A 520 -15.04 -25.30 -21.57
CA ILE A 520 -13.66 -25.35 -21.08
C ILE A 520 -13.55 -25.04 -19.60
N GLY A 521 -14.62 -24.59 -18.96
CA GLY A 521 -14.64 -24.43 -17.52
C GLY A 521 -13.72 -23.36 -16.97
N ASP A 522 -12.69 -23.76 -16.23
CA ASP A 522 -11.81 -22.83 -15.53
C ASP A 522 -10.66 -22.35 -16.41
N LEU A 523 -10.47 -22.94 -17.58
CA LEU A 523 -9.50 -22.41 -18.53
C LEU A 523 -10.15 -21.30 -19.33
N PHE A 524 -10.77 -20.34 -18.64
CA PHE A 524 -11.56 -19.29 -19.28
C PHE A 524 -11.67 -18.14 -18.30
N VAL A 525 -11.09 -17.00 -18.65
CA VAL A 525 -11.12 -15.81 -17.81
C VAL A 525 -11.65 -14.65 -18.64
N GLU A 526 -12.59 -13.90 -18.06
CA GLU A 526 -13.10 -12.69 -18.68
C GLU A 526 -12.48 -11.49 -17.97
N THR A 527 -11.91 -10.58 -18.74
CA THR A 527 -11.25 -9.39 -18.20
C THR A 527 -11.94 -8.15 -18.75
N GLY A 528 -11.54 -6.99 -18.22
CA GLY A 528 -12.08 -5.74 -18.69
C GLY A 528 -11.40 -5.28 -19.97
N GLN A 529 -11.91 -4.16 -20.49
CA GLN A 529 -11.34 -3.58 -21.70
C GLN A 529 -10.11 -2.73 -21.41
N THR A 530 -9.73 -2.59 -20.14
CA THR A 530 -8.55 -1.81 -19.76
C THR A 530 -7.26 -2.40 -20.31
N ILE A 531 -7.27 -3.65 -20.76
CA ILE A 531 -6.09 -4.24 -21.38
C ILE A 531 -5.92 -3.80 -22.83
N LEU A 532 -6.88 -3.04 -23.37
CA LEU A 532 -6.78 -2.53 -24.72
C LEU A 532 -6.66 -1.01 -24.81
N THR A 533 -6.96 -0.29 -23.73
CA THR A 533 -6.94 1.16 -23.76
C THR A 533 -5.93 1.78 -22.80
N ASP A 534 -5.54 1.09 -21.75
CA ASP A 534 -4.55 1.59 -20.80
C ASP A 534 -3.21 0.90 -21.04
N VAL A 535 -2.22 1.21 -20.20
CA VAL A 535 -0.90 0.61 -20.28
C VAL A 535 -0.79 -0.44 -19.18
N LEU A 536 -0.33 -1.63 -19.54
CA LEU A 536 -0.16 -2.74 -18.61
C LEU A 536 1.26 -2.81 -18.06
N ASP A 537 1.81 -1.68 -17.65
CA ASP A 537 3.14 -1.71 -17.07
C ASP A 537 3.25 -0.98 -15.73
N LYS A 538 2.54 0.13 -15.57
CA LYS A 538 2.70 0.96 -14.37
C LYS A 538 1.85 0.41 -13.23
N GLY A 539 2.49 0.14 -12.10
CA GLY A 539 1.80 -0.35 -10.93
C GLY A 539 1.27 -1.75 -11.12
N PRO A 540 0.32 -2.15 -10.27
CA PRO A 540 -0.28 -3.47 -10.42
C PRO A 540 -1.26 -3.51 -11.59
N ASN A 541 -1.50 -4.72 -12.07
CA ASN A 541 -2.51 -4.93 -13.11
C ASN A 541 -2.96 -6.37 -13.10
N PRO A 542 -3.80 -6.78 -12.13
CA PRO A 542 -4.29 -8.16 -12.09
C PRO A 542 -5.23 -8.51 -13.23
N PHE A 543 -5.67 -7.53 -14.02
CA PHE A 543 -6.43 -7.84 -15.22
C PHE A 543 -5.57 -8.53 -16.27
N ILE A 544 -4.26 -8.40 -16.17
CA ILE A 544 -3.33 -9.12 -17.03
C ILE A 544 -2.69 -10.29 -16.30
N ALA A 545 -2.39 -10.11 -15.01
CA ALA A 545 -1.78 -11.17 -14.22
C ALA A 545 -2.68 -12.39 -14.08
N ASN A 546 -3.98 -12.25 -14.34
CA ASN A 546 -4.89 -13.38 -14.29
C ASN A 546 -4.94 -14.17 -15.59
N MET A 547 -4.33 -13.65 -16.66
CA MET A 547 -4.28 -14.34 -17.95
C MET A 547 -3.14 -15.34 -18.03
N HIS A 548 -2.57 -15.74 -16.89
CA HIS A 548 -1.45 -16.67 -16.88
C HIS A 548 -1.95 -18.08 -17.09
N LEU A 549 -1.50 -18.72 -18.18
CA LEU A 549 -1.80 -20.11 -18.54
C LEU A 549 -3.28 -20.34 -18.83
N LYS A 550 -4.07 -19.30 -18.96
CA LYS A 550 -5.47 -19.46 -19.37
C LYS A 550 -5.54 -19.61 -20.88
N ARG A 551 -6.43 -20.50 -21.33
CA ARG A 551 -6.50 -20.85 -22.74
C ARG A 551 -7.53 -20.04 -23.53
N SER A 552 -8.27 -19.15 -22.87
CA SER A 552 -9.23 -18.29 -23.57
C SER A 552 -9.49 -17.06 -22.72
N VAL A 553 -9.67 -15.92 -23.39
CA VAL A 553 -9.91 -14.65 -22.72
C VAL A 553 -11.00 -13.91 -23.49
N PHE A 554 -11.96 -13.34 -22.75
CA PHE A 554 -13.01 -12.52 -23.33
C PHE A 554 -12.93 -11.12 -22.73
N CYS A 555 -12.95 -10.11 -23.59
CA CYS A 555 -12.82 -8.71 -23.20
C CYS A 555 -13.96 -7.91 -23.83
N SER A 556 -15.18 -8.39 -23.60
CA SER A 556 -16.36 -7.92 -24.30
C SER A 556 -16.70 -6.47 -23.93
N GLU A 557 -17.80 -5.99 -24.51
CA GLU A 557 -18.35 -4.66 -24.26
C GLU A 557 -17.35 -3.56 -24.62
N LEU A 558 -17.03 -3.52 -25.91
CA LEU A 558 -16.27 -2.39 -26.45
C LEU A 558 -17.17 -1.17 -26.55
N PRO A 559 -16.68 0.01 -26.18
CA PRO A 559 -17.51 1.22 -26.27
C PRO A 559 -17.65 1.71 -27.70
N ASP A 560 -18.34 2.84 -27.87
CA ASP A 560 -18.52 3.46 -29.18
C ASP A 560 -17.43 4.51 -29.36
N PHE A 561 -16.45 4.19 -30.21
CA PHE A 561 -15.36 5.12 -30.48
C PHE A 561 -15.79 6.30 -31.35
N ALA A 562 -16.96 6.22 -31.98
CA ALA A 562 -17.50 7.35 -32.73
C ALA A 562 -18.06 8.44 -31.82
N CYS A 563 -18.18 8.17 -30.52
CA CYS A 563 -18.65 9.17 -29.58
C CYS A 563 -17.54 10.17 -29.27
N SER A 564 -17.84 11.10 -28.37
CA SER A 564 -16.90 12.13 -27.94
C SER A 564 -16.37 11.77 -26.57
N GLY A 565 -15.09 11.41 -26.49
CA GLY A 565 -14.49 11.08 -25.21
C GLY A 565 -14.28 9.59 -25.00
N SER A 566 -14.15 8.84 -26.09
CA SER A 566 -13.93 7.40 -26.04
C SER A 566 -12.49 7.10 -26.44
N LYS A 567 -11.79 6.40 -25.56
CA LYS A 567 -10.39 6.05 -25.82
C LYS A 567 -10.31 5.00 -26.92
N LYS A 568 -9.40 5.21 -27.87
CA LYS A 568 -9.20 4.27 -28.95
C LYS A 568 -8.35 3.09 -28.48
N ILE A 569 -8.38 2.01 -29.26
CA ILE A 569 -7.62 0.80 -28.93
C ILE A 569 -6.16 1.04 -29.28
N ARG A 570 -5.29 0.92 -28.28
CA ARG A 570 -3.86 1.14 -28.52
C ARG A 570 -3.29 -0.01 -29.33
N SER A 571 -2.55 0.34 -30.39
CA SER A 571 -1.98 -0.66 -31.28
C SER A 571 -0.89 -1.47 -30.58
N ASP A 572 -0.06 -0.78 -29.80
CA ASP A 572 1.02 -1.48 -29.10
C ASP A 572 0.47 -2.51 -28.13
N ASN A 573 -0.63 -2.16 -27.43
CA ASN A 573 -1.28 -3.12 -26.54
C ASN A 573 -1.70 -4.37 -27.28
N ILE A 574 -2.25 -4.20 -28.49
CA ILE A 574 -2.59 -5.36 -29.31
C ILE A 574 -1.33 -6.14 -29.66
N LYS A 575 -0.21 -5.46 -29.91
CA LYS A 575 1.03 -6.15 -30.24
C LYS A 575 1.59 -6.94 -29.08
N LYS A 576 1.43 -6.48 -27.84
CA LYS A 576 1.94 -7.24 -26.69
C LYS A 576 1.21 -8.56 -26.54
N LEU A 577 -0.11 -8.55 -26.72
CA LEU A 577 -0.96 -9.70 -26.37
C LEU A 577 -0.72 -10.92 -27.24
N THR A 578 0.00 -10.77 -28.36
CA THR A 578 0.28 -11.89 -29.25
C THR A 578 1.72 -12.39 -29.11
N GLU A 579 2.30 -12.20 -27.93
CA GLU A 579 3.66 -12.62 -27.63
C GLU A 579 3.66 -13.79 -26.66
N PRO A 580 4.70 -14.63 -26.68
CA PRO A 580 4.73 -15.78 -25.76
C PRO A 580 4.64 -15.40 -24.30
N CYS A 581 5.26 -14.29 -23.91
CA CYS A 581 5.26 -13.83 -22.52
C CYS A 581 4.73 -12.41 -22.47
N VAL A 582 3.79 -12.16 -21.56
CA VAL A 582 3.20 -10.85 -21.36
C VAL A 582 3.68 -10.31 -20.02
N ILE A 583 4.06 -9.03 -20.01
CA ILE A 583 4.63 -8.39 -18.83
C ILE A 583 3.51 -7.74 -18.05
N GLY A 584 3.40 -8.11 -16.78
CA GLY A 584 2.34 -7.63 -15.91
C GLY A 584 2.36 -8.38 -14.60
N ARG A 585 2.11 -7.68 -13.49
CA ARG A 585 2.29 -8.30 -12.19
C ARG A 585 1.03 -8.16 -11.35
N PRO A 586 0.77 -9.12 -10.46
CA PRO A 586 -0.36 -8.98 -9.54
C PRO A 586 -0.01 -8.03 -8.40
N CYS A 587 -0.93 -7.86 -7.47
CA CYS A 587 -0.65 -7.07 -6.28
C CYS A 587 0.20 -7.89 -5.30
N PHE A 588 1.09 -7.19 -4.60
CA PHE A 588 1.98 -7.79 -3.60
C PHE A 588 2.85 -8.89 -4.19
N SER A 589 3.18 -8.81 -5.47
CA SER A 589 3.94 -9.87 -6.13
C SER A 589 5.02 -9.26 -7.02
N ASN A 590 6.11 -10.03 -7.18
CA ASN A 590 7.23 -9.62 -8.01
C ASN A 590 7.30 -10.36 -9.34
N LYS A 591 6.54 -11.44 -9.51
CA LYS A 591 6.52 -12.16 -10.78
C LYS A 591 5.93 -11.26 -11.87
N ILE A 592 6.75 -10.89 -12.85
CA ILE A 592 6.35 -9.91 -13.86
C ILE A 592 6.00 -10.54 -15.20
N ASN A 593 6.33 -11.80 -15.42
CA ASN A 593 6.08 -12.45 -16.70
C ASN A 593 4.97 -13.49 -16.56
N ASN A 594 4.07 -13.52 -17.54
CA ASN A 594 2.98 -14.48 -17.57
C ASN A 594 2.93 -15.15 -18.94
N ARG A 595 2.59 -16.43 -18.95
CA ARG A 595 2.57 -17.22 -20.18
C ARG A 595 1.26 -17.00 -20.91
N ASN A 596 1.35 -16.66 -22.20
CA ASN A 596 0.19 -16.32 -23.01
C ASN A 596 -0.20 -17.53 -23.84
N HIS A 597 -1.10 -18.33 -23.29
CA HIS A 597 -1.71 -19.44 -24.01
C HIS A 597 -3.13 -19.12 -24.47
N ALA A 598 -3.55 -17.87 -24.37
CA ALA A 598 -4.96 -17.51 -24.47
C ALA A 598 -5.35 -17.11 -25.88
N THR A 599 -6.57 -17.49 -26.27
CA THR A 599 -7.23 -16.95 -27.45
C THR A 599 -8.04 -15.76 -26.99
N ILE A 600 -7.69 -14.57 -27.47
CA ILE A 600 -8.33 -13.34 -27.04
C ILE A 600 -9.47 -13.03 -28.00
N ILE A 601 -10.69 -12.93 -27.46
CA ILE A 601 -11.88 -12.67 -28.26
C ILE A 601 -12.56 -11.44 -27.68
N ILE A 602 -12.87 -10.46 -28.55
CA ILE A 602 -13.48 -9.21 -28.13
C ILE A 602 -14.91 -9.22 -28.66
N ASP A 603 -15.87 -9.50 -27.79
CA ASP A 603 -17.29 -9.48 -28.16
C ASP A 603 -17.67 -8.00 -28.24
N THR A 604 -17.53 -7.45 -29.44
CA THR A 604 -17.80 -6.04 -29.66
C THR A 604 -19.19 -5.86 -30.27
N ASN A 605 -19.60 -4.59 -30.40
CA ASN A 605 -20.86 -4.25 -31.03
C ASN A 605 -20.73 -3.20 -32.12
N TYR A 606 -19.68 -2.37 -32.10
CA TYR A 606 -19.41 -1.39 -33.13
C TYR A 606 -18.07 -1.71 -33.78
N LYS A 607 -17.83 -1.09 -34.92
CA LYS A 607 -16.57 -1.28 -35.62
C LYS A 607 -15.43 -0.70 -34.81
N PRO A 608 -14.39 -1.48 -34.50
CA PRO A 608 -13.30 -0.95 -33.67
C PRO A 608 -12.51 0.14 -34.37
N VAL A 609 -11.95 1.04 -33.56
CA VAL A 609 -11.11 2.13 -34.04
C VAL A 609 -9.81 2.10 -33.25
N PHE A 610 -8.69 2.16 -33.96
CA PHE A 610 -7.37 2.02 -33.37
C PHE A 610 -6.62 3.35 -33.41
N ASP A 611 -5.60 3.44 -32.56
CA ASP A 611 -4.78 4.65 -32.50
C ASP A 611 -4.01 4.87 -33.80
N ARG A 612 -3.38 3.81 -34.31
CA ARG A 612 -2.64 3.87 -35.55
C ARG A 612 -2.79 2.55 -36.28
N ILE A 613 -2.68 2.59 -37.60
CA ILE A 613 -2.89 1.42 -38.45
C ILE A 613 -1.61 1.15 -39.23
N ASP A 614 -1.12 -0.07 -39.15
CA ASP A 614 0.06 -0.50 -39.88
C ASP A 614 -0.01 -2.01 -40.06
N ASN A 615 0.84 -2.53 -40.95
CA ASN A 615 0.81 -3.95 -41.29
C ASN A 615 0.98 -4.84 -40.06
N ALA A 616 1.80 -4.42 -39.09
CA ALA A 616 1.94 -5.19 -37.86
C ALA A 616 0.63 -5.31 -37.11
N LEU A 617 -0.25 -4.31 -37.21
CA LEU A 617 -1.58 -4.40 -36.63
C LEU A 617 -2.57 -5.12 -37.53
N MET A 618 -2.39 -5.05 -38.84
CA MET A 618 -3.28 -5.69 -39.79
C MET A 618 -3.06 -7.20 -39.90
N ARG A 619 -1.89 -7.70 -39.48
CA ARG A 619 -1.61 -9.13 -39.53
C ARG A 619 -1.89 -9.82 -38.21
N ARG A 620 -2.69 -9.20 -37.31
CA ARG A 620 -2.99 -9.79 -36.03
C ARG A 620 -4.46 -9.67 -35.65
N ILE A 621 -5.35 -9.41 -36.63
CA ILE A 621 -6.75 -9.13 -36.34
C ILE A 621 -7.62 -9.94 -37.28
N ALA A 622 -8.61 -10.63 -36.72
CA ALA A 622 -9.58 -11.39 -37.50
C ALA A 622 -10.99 -11.04 -37.01
N VAL A 623 -11.94 -11.01 -37.95
CA VAL A 623 -13.31 -10.60 -37.66
C VAL A 623 -14.25 -11.68 -38.15
N VAL A 624 -15.17 -12.11 -37.29
CA VAL A 624 -16.25 -13.02 -37.64
C VAL A 624 -17.57 -12.36 -37.29
N ARG A 625 -18.51 -12.36 -38.22
CA ARG A 625 -19.73 -11.58 -38.11
C ARG A 625 -20.90 -12.46 -37.69
N PHE A 626 -21.81 -11.85 -36.93
CA PHE A 626 -23.05 -12.48 -36.49
C PHE A 626 -24.22 -11.73 -37.12
N ARG A 627 -24.97 -12.42 -37.98
CA ARG A 627 -26.05 -11.80 -38.75
C ARG A 627 -27.32 -12.61 -38.65
N THR A 628 -27.70 -12.98 -37.43
CA THR A 628 -28.94 -13.70 -37.18
C THR A 628 -29.56 -13.14 -35.89
N HIS A 629 -30.72 -12.49 -36.02
CA HIS A 629 -31.35 -11.86 -34.87
C HIS A 629 -32.42 -12.77 -34.29
N PHE A 630 -32.35 -12.97 -32.97
CA PHE A 630 -33.29 -13.79 -32.23
C PHE A 630 -34.24 -12.85 -31.48
N SER A 631 -35.49 -12.78 -31.94
CA SER A 631 -36.45 -11.83 -31.42
C SER A 631 -37.72 -12.52 -30.96
N GLN A 632 -38.51 -11.78 -30.19
CA GLN A 632 -39.86 -12.16 -29.78
C GLN A 632 -40.85 -11.81 -30.87
N PRO A 633 -42.04 -12.42 -30.86
CA PRO A 633 -43.05 -12.05 -31.87
C PRO A 633 -43.48 -10.58 -31.80
N SER A 634 -43.34 -9.94 -30.63
CA SER A 634 -43.72 -8.54 -30.51
C SER A 634 -42.85 -7.66 -31.40
N GLY A 635 -41.54 -7.89 -31.40
CA GLY A 635 -40.63 -7.10 -32.21
C GLY A 635 -40.21 -7.80 -33.49
N ARG A 636 -40.98 -8.81 -33.89
CA ARG A 636 -40.63 -9.59 -35.07
C ARG A 636 -40.72 -8.77 -36.35
N GLU A 637 -41.57 -7.75 -36.39
CA GLU A 637 -41.80 -6.96 -37.61
C GLU A 637 -40.71 -5.92 -37.85
N ALA A 638 -40.28 -5.21 -36.81
CA ALA A 638 -39.25 -4.19 -36.98
C ALA A 638 -37.87 -4.77 -37.27
N ALA A 639 -37.66 -6.06 -37.01
CA ALA A 639 -36.37 -6.69 -37.25
C ALA A 639 -36.17 -7.12 -38.68
N GLU A 640 -37.25 -7.38 -39.42
CA GLU A 640 -37.13 -7.81 -40.81
C GLU A 640 -36.72 -6.67 -41.74
N ASN A 641 -37.09 -5.43 -41.43
CA ASN A 641 -36.68 -4.29 -42.24
C ASN A 641 -35.22 -3.90 -42.00
N ASN A 642 -34.63 -4.36 -40.91
CA ASN A 642 -33.25 -4.01 -40.61
C ASN A 642 -32.30 -4.67 -41.61
N ASP A 643 -31.30 -3.89 -42.04
CA ASP A 643 -30.31 -4.38 -42.99
C ASP A 643 -29.09 -5.01 -42.34
N ALA A 644 -29.04 -5.04 -41.01
CA ALA A 644 -27.92 -5.61 -40.27
C ALA A 644 -28.15 -7.07 -39.91
N TYR A 645 -29.21 -7.68 -40.42
CA TYR A 645 -29.52 -9.08 -40.15
C TYR A 645 -29.74 -9.82 -41.46
N ASP A 646 -29.54 -11.14 -41.41
CA ASP A 646 -29.78 -11.99 -42.56
C ASP A 646 -30.93 -12.96 -42.37
N LYS A 647 -31.35 -13.21 -41.13
CA LYS A 647 -32.46 -14.11 -40.85
C LYS A 647 -32.96 -13.88 -39.44
N VAL A 648 -34.27 -13.85 -39.24
CA VAL A 648 -34.88 -13.57 -37.94
C VAL A 648 -35.46 -14.86 -37.40
N LYS A 649 -34.98 -15.27 -36.24
CA LYS A 649 -35.49 -16.46 -35.55
C LYS A 649 -36.23 -16.05 -34.29
N LEU A 650 -36.97 -16.99 -33.72
CA LEU A 650 -37.78 -16.73 -32.53
C LEU A 650 -36.95 -16.96 -31.28
N LEU A 651 -37.04 -16.02 -30.34
CA LEU A 651 -36.26 -16.11 -29.12
C LEU A 651 -36.71 -17.30 -28.28
N ASP A 652 -35.75 -17.88 -27.56
CA ASP A 652 -35.99 -19.01 -26.66
C ASP A 652 -35.72 -18.54 -25.24
N GLU A 653 -36.77 -18.41 -24.44
CA GLU A 653 -36.63 -17.89 -23.09
C GLU A 653 -35.91 -18.87 -22.16
N GLY A 654 -36.14 -20.16 -22.33
CA GLY A 654 -35.55 -21.17 -21.47
C GLY A 654 -34.15 -21.62 -21.85
N LEU A 655 -33.57 -21.03 -22.90
CA LEU A 655 -32.23 -21.45 -23.32
C LEU A 655 -31.18 -21.11 -22.27
N ASP A 656 -31.29 -19.91 -21.68
CA ASP A 656 -30.32 -19.50 -20.67
C ASP A 656 -30.37 -20.38 -19.43
N GLY A 657 -31.53 -20.93 -19.09
CA GLY A 657 -31.61 -21.80 -17.92
C GLY A 657 -30.78 -23.06 -18.08
N LYS A 658 -30.90 -23.72 -19.23
CA LYS A 658 -30.13 -24.93 -19.48
C LYS A 658 -28.81 -24.62 -20.20
N ILE A 659 -28.09 -23.64 -19.67
CA ILE A 659 -26.71 -23.38 -20.05
C ILE A 659 -25.91 -23.22 -18.77
N GLN A 660 -26.42 -22.36 -17.87
CA GLN A 660 -25.82 -22.23 -16.54
C GLN A 660 -25.89 -23.54 -15.76
N ASN A 661 -26.78 -24.45 -16.13
CA ASN A 661 -26.86 -25.78 -15.54
C ASN A 661 -25.93 -26.77 -16.21
N ASN A 662 -25.12 -26.30 -17.16
CA ASN A 662 -24.13 -27.13 -17.85
C ASN A 662 -24.78 -28.33 -18.53
N ARG A 663 -25.86 -28.06 -19.26
CA ARG A 663 -26.54 -29.12 -19.99
C ARG A 663 -25.82 -29.43 -21.30
N TYR A 664 -25.50 -28.39 -22.08
CA TYR A 664 -24.73 -28.55 -23.31
C TYR A 664 -23.24 -28.39 -23.05
N ARG A 665 -22.71 -29.13 -22.09
CA ARG A 665 -21.31 -29.01 -21.71
C ARG A 665 -20.41 -29.99 -22.47
N PHE A 666 -20.68 -31.28 -22.31
CA PHE A 666 -19.86 -32.29 -22.97
C PHE A 666 -20.16 -32.40 -24.47
N ALA A 667 -21.38 -32.05 -24.89
CA ALA A 667 -21.67 -32.03 -26.32
C ALA A 667 -20.84 -30.97 -27.02
N PHE A 668 -20.76 -29.77 -26.43
CA PHE A 668 -19.90 -28.73 -27.00
C PHE A 668 -18.43 -29.12 -26.92
N LEU A 669 -18.04 -29.83 -25.87
CA LEU A 669 -16.67 -30.31 -25.79
C LEU A 669 -16.35 -31.27 -26.93
N TYR A 670 -17.28 -32.20 -27.22
CA TYR A 670 -17.08 -33.12 -28.33
C TYR A 670 -17.04 -32.37 -29.66
N LEU A 671 -17.89 -31.36 -29.82
CA LEU A 671 -17.88 -30.58 -31.06
C LEU A 671 -16.56 -29.85 -31.23
N LEU A 672 -16.05 -29.25 -30.15
CA LEU A 672 -14.77 -28.54 -30.22
C LEU A 672 -13.63 -29.49 -30.52
N VAL A 673 -13.64 -30.68 -29.91
CA VAL A 673 -12.60 -31.67 -30.19
C VAL A 673 -12.67 -32.12 -31.64
N LYS A 674 -13.88 -32.30 -32.16
CA LYS A 674 -14.04 -32.69 -33.56
C LYS A 674 -13.50 -31.62 -34.50
N TRP A 675 -13.80 -30.36 -34.21
CA TRP A 675 -13.27 -29.27 -35.04
C TRP A 675 -11.76 -29.17 -34.94
N TYR A 676 -11.20 -29.37 -33.74
CA TYR A 676 -9.75 -29.33 -33.58
C TYR A 676 -9.08 -30.47 -34.33
N LYS A 677 -9.73 -31.64 -34.38
CA LYS A 677 -9.23 -32.75 -35.16
C LYS A 677 -9.23 -32.47 -36.66
N LYS A 678 -9.91 -31.42 -37.09
CA LYS A 678 -10.03 -31.09 -38.51
C LYS A 678 -9.20 -29.89 -38.93
N TYR A 679 -9.02 -28.91 -38.04
CA TYR A 679 -8.36 -27.66 -38.42
C TYR A 679 -6.94 -27.53 -37.92
N HIS A 680 -6.59 -28.11 -36.77
CA HIS A 680 -5.31 -27.80 -36.13
C HIS A 680 -4.51 -29.04 -35.80
N ILE A 681 -4.57 -30.08 -36.63
CA ILE A 681 -3.83 -31.31 -36.32
C ILE A 681 -2.34 -31.14 -36.61
N PRO A 682 -1.89 -30.82 -37.85
CA PRO A 682 -0.43 -30.71 -38.07
C PRO A 682 0.18 -29.54 -37.30
N ILE A 683 -0.36 -28.34 -37.52
CA ILE A 683 0.09 -27.14 -36.85
C ILE A 683 -1.14 -26.30 -36.51
N MET A 684 -1.14 -25.71 -35.32
CA MET A 684 -2.20 -24.80 -34.91
C MET A 684 -1.78 -23.38 -35.22
N LYS A 685 -2.58 -22.68 -36.03
CA LYS A 685 -2.27 -21.32 -36.42
C LYS A 685 -3.56 -20.57 -36.72
N LEU A 686 -3.56 -19.28 -36.41
CA LEU A 686 -4.69 -18.39 -36.68
C LEU A 686 -4.26 -17.37 -37.74
N TYR A 687 -5.13 -17.16 -38.73
CA TYR A 687 -4.80 -16.28 -39.83
C TYR A 687 -5.63 -15.00 -39.78
N PRO A 688 -5.06 -13.87 -40.21
CA PRO A 688 -5.80 -12.61 -40.18
C PRO A 688 -6.76 -12.49 -41.36
N THR A 689 -7.78 -11.64 -41.16
CA THR A 689 -8.76 -11.31 -42.19
C THR A 689 -8.82 -9.79 -42.29
N PRO A 690 -7.88 -9.17 -43.01
CA PRO A 690 -7.85 -7.70 -43.07
C PRO A 690 -8.98 -7.07 -43.85
N GLU A 691 -9.70 -7.83 -44.69
CA GLU A 691 -10.76 -7.25 -45.50
C GLU A 691 -12.12 -7.29 -44.78
N GLU A 692 -12.12 -6.85 -43.51
CA GLU A 692 -13.35 -6.77 -42.74
C GLU A 692 -13.49 -5.47 -41.96
N ILE A 693 -12.44 -4.69 -41.80
CA ILE A 693 -12.48 -3.38 -41.14
C ILE A 693 -12.29 -2.32 -42.22
N PRO A 694 -13.15 -1.30 -42.29
CA PRO A 694 -13.03 -0.32 -43.39
C PRO A 694 -11.68 0.37 -43.46
N ASP A 695 -11.09 0.70 -42.31
CA ASP A 695 -9.77 1.32 -42.33
C ASP A 695 -8.71 0.37 -42.88
N PHE A 696 -8.75 -0.89 -42.47
CA PHE A 696 -7.84 -1.88 -43.02
C PHE A 696 -8.08 -2.09 -44.50
N ALA A 697 -9.35 -2.04 -44.93
CA ALA A 697 -9.66 -2.15 -46.35
C ALA A 697 -9.04 -1.00 -47.13
N PHE A 698 -9.11 0.21 -46.57
CA PHE A 698 -8.46 1.36 -47.19
C PHE A 698 -6.95 1.16 -47.28
N TYR A 699 -6.34 0.65 -46.20
CA TYR A 699 -4.90 0.44 -46.20
C TYR A 699 -4.51 -0.77 -47.03
N LEU A 700 -5.46 -1.65 -47.32
CA LEU A 700 -5.20 -2.78 -48.22
C LEU A 700 -4.96 -2.30 -49.65
N GLY B 323 32.95 -33.23 22.12
CA GLY B 323 31.89 -32.50 22.79
C GLY B 323 30.55 -32.63 22.10
N ASN B 324 30.02 -31.51 21.62
CA ASN B 324 28.75 -31.50 20.92
C ASN B 324 28.88 -32.15 19.55
N LYS B 325 28.07 -33.18 19.29
CA LYS B 325 28.10 -33.85 18.00
C LYS B 325 27.68 -32.91 16.88
N LEU B 326 26.59 -32.17 17.09
CA LEU B 326 26.07 -31.27 16.08
C LEU B 326 26.99 -30.09 15.81
N PHE B 327 27.69 -29.59 16.82
CA PHE B 327 28.68 -28.54 16.59
C PHE B 327 29.82 -29.03 15.71
N ASN B 328 30.32 -30.25 15.95
CA ASN B 328 31.34 -30.82 15.09
C ASN B 328 30.82 -31.02 13.68
N ILE B 329 29.56 -31.47 13.54
CA ILE B 329 28.97 -31.64 12.21
C ILE B 329 28.90 -30.30 11.49
N ALA B 330 28.48 -29.25 12.18
CA ALA B 330 28.42 -27.92 11.59
C ALA B 330 29.80 -27.38 11.21
N GLN B 331 30.81 -27.62 12.05
CA GLN B 331 32.16 -27.15 11.73
C GLN B 331 32.74 -27.89 10.54
N ARG B 332 32.44 -29.19 10.41
CA ARG B 332 32.92 -29.96 9.27
C ARG B 332 32.36 -29.41 7.97
N ILE B 333 31.08 -29.01 7.97
CA ILE B 333 30.48 -28.44 6.77
C ILE B 333 31.16 -27.14 6.39
N LEU B 334 31.45 -26.28 7.38
CA LEU B 334 32.16 -25.03 7.09
C LEU B 334 33.59 -25.28 6.62
N ASP B 335 34.21 -26.38 7.04
CA ASP B 335 35.54 -26.71 6.55
C ASP B 335 35.55 -27.04 5.07
N THR B 336 34.40 -27.39 4.49
CA THR B 336 34.32 -27.65 3.06
C THR B 336 34.10 -26.39 2.24
N ASN B 337 33.87 -25.25 2.90
CA ASN B 337 33.64 -23.98 2.22
C ASN B 337 32.48 -24.07 1.24
N SER B 338 31.41 -24.75 1.67
CA SER B 338 30.21 -24.89 0.87
C SER B 338 29.17 -23.80 1.16
N VAL B 339 29.08 -23.35 2.40
CA VAL B 339 28.18 -22.27 2.77
C VAL B 339 28.97 -20.97 2.74
N LEU B 340 28.33 -19.89 2.26
CA LEU B 340 29.01 -18.60 2.15
C LEU B 340 28.00 -17.49 2.44
N LEU B 341 28.54 -16.34 2.79
CA LEU B 341 27.73 -15.15 3.05
C LEU B 341 28.23 -14.04 2.14
N THR B 342 27.31 -13.35 1.47
CA THR B 342 27.65 -12.29 0.54
C THR B 342 27.41 -10.92 1.17
N GLU B 343 27.89 -9.89 0.47
CA GLU B 343 27.68 -8.53 0.93
C GLU B 343 26.20 -8.16 0.96
N ARG B 344 25.43 -8.70 0.01
CA ARG B 344 24.00 -8.43 -0.04
C ARG B 344 23.24 -9.07 1.11
N GLY B 345 23.87 -9.97 1.86
CA GLY B 345 23.19 -10.64 2.95
C GLY B 345 22.59 -11.99 2.60
N ASP B 346 22.93 -12.55 1.45
CA ASP B 346 22.41 -13.83 1.02
C ASP B 346 23.36 -14.96 1.41
N HIS B 347 22.78 -16.07 1.86
CA HIS B 347 23.53 -17.26 2.25
C HIS B 347 23.52 -18.22 1.06
N ILE B 348 24.55 -18.13 0.23
CA ILE B 348 24.65 -18.99 -0.94
C ILE B 348 25.21 -20.35 -0.53
N VAL B 349 24.66 -21.41 -1.10
CA VAL B 349 25.09 -22.77 -0.82
C VAL B 349 25.54 -23.41 -2.12
N TRP B 350 26.22 -24.55 -1.99
CA TRP B 350 26.84 -25.24 -3.12
C TRP B 350 26.28 -26.66 -3.19
N ILE B 351 25.22 -26.82 -3.97
CA ILE B 351 24.59 -28.12 -4.19
C ILE B 351 24.59 -28.42 -5.68
N ASN B 352 24.93 -29.65 -6.02
CA ASN B 352 24.89 -30.13 -7.41
C ASN B 352 25.73 -29.25 -8.33
N ASN B 353 26.94 -28.93 -7.88
CA ASN B 353 27.91 -28.19 -8.67
C ASN B 353 27.37 -26.85 -9.16
N SER B 354 26.72 -26.13 -8.25
CA SER B 354 26.17 -24.82 -8.58
C SER B 354 25.90 -24.05 -7.30
N TRP B 355 26.17 -22.75 -7.32
CA TRP B 355 25.82 -21.87 -6.21
C TRP B 355 24.37 -21.44 -6.33
N LYS B 356 23.61 -21.65 -5.25
CA LYS B 356 22.19 -21.33 -5.23
C LYS B 356 21.87 -20.51 -3.99
N PHE B 357 20.96 -19.56 -4.15
CA PHE B 357 20.48 -18.76 -3.03
C PHE B 357 19.01 -18.46 -3.23
N ASN B 358 18.27 -18.42 -2.12
CA ASN B 358 16.85 -18.10 -2.15
C ASN B 358 16.46 -17.61 -0.77
N SER B 359 15.84 -16.44 -0.70
CA SER B 359 15.58 -15.78 0.57
C SER B 359 14.42 -16.39 1.36
N GLU B 360 13.65 -17.30 0.78
CA GLU B 360 12.49 -17.86 1.47
C GLU B 360 12.61 -19.36 1.70
N GLU B 361 12.97 -20.13 0.68
CA GLU B 361 13.06 -21.57 0.83
C GLU B 361 14.24 -21.95 1.72
N PRO B 362 14.13 -23.08 2.43
CA PRO B 362 15.25 -23.54 3.27
C PRO B 362 16.34 -24.17 2.41
N LEU B 363 17.47 -23.49 2.29
CA LEU B 363 18.57 -23.95 1.46
C LEU B 363 19.75 -24.49 2.27
N ILE B 364 20.02 -23.93 3.45
CA ILE B 364 21.11 -24.46 4.25
C ILE B 364 20.80 -25.88 4.70
N THR B 365 19.55 -26.16 5.08
CA THR B 365 19.17 -27.53 5.42
C THR B 365 19.25 -28.46 4.22
N LYS B 366 18.97 -27.95 3.02
CA LYS B 366 19.12 -28.75 1.82
C LYS B 366 20.55 -29.23 1.66
N LEU B 367 21.51 -28.30 1.79
CA LEU B 367 22.91 -28.68 1.64
C LEU B 367 23.35 -29.57 2.80
N ILE B 368 22.83 -29.33 4.00
CA ILE B 368 23.15 -30.18 5.14
C ILE B 368 22.73 -31.62 4.87
N LEU B 369 21.53 -31.79 4.32
CA LEU B 369 21.07 -33.14 3.98
C LEU B 369 21.86 -33.72 2.81
N SER B 370 22.31 -32.87 1.87
CA SER B 370 23.00 -33.38 0.69
C SER B 370 24.44 -33.80 1.01
N ILE B 371 25.09 -33.13 1.96
CA ILE B 371 26.51 -33.34 2.24
C ILE B 371 26.63 -34.60 3.10
N ARG B 372 25.48 -35.20 3.43
CA ARG B 372 25.44 -36.33 4.34
C ARG B 372 26.36 -37.48 3.91
N HIS B 373 26.58 -37.65 2.62
CA HIS B 373 27.48 -38.72 2.16
C HIS B 373 28.92 -38.22 2.05
N GLN B 374 29.37 -37.52 3.07
CA GLN B 374 30.78 -37.20 3.30
C GLN B 374 31.21 -37.48 4.72
N LEU B 375 30.33 -37.26 5.69
CA LEU B 375 30.66 -37.48 7.09
C LEU B 375 30.69 -38.97 7.40
N PRO B 376 31.35 -39.37 8.49
CA PRO B 376 31.37 -40.79 8.87
C PRO B 376 30.01 -41.32 9.25
N LYS B 377 29.93 -42.62 9.54
CA LYS B 377 28.65 -43.26 9.82
C LYS B 377 28.03 -42.73 11.10
N GLU B 378 28.83 -42.51 12.14
CA GLU B 378 28.29 -42.02 13.41
C GLU B 378 27.69 -40.63 13.29
N TYR B 379 28.07 -39.87 12.27
CA TYR B 379 27.51 -38.54 12.03
C TYR B 379 26.40 -38.55 10.98
N SER B 380 26.43 -39.49 10.05
CA SER B 380 25.47 -39.52 8.95
C SER B 380 24.07 -39.92 9.38
N SER B 381 23.88 -40.40 10.61
CA SER B 381 22.56 -40.80 11.08
C SER B 381 21.82 -39.69 11.81
N GLU B 382 22.53 -38.69 12.33
CA GLU B 382 21.85 -37.60 13.02
C GLU B 382 21.18 -36.64 12.05
N LEU B 383 21.67 -36.55 10.82
CA LEU B 383 21.16 -35.60 9.83
C LEU B 383 19.86 -36.06 9.18
N LEU B 384 19.22 -37.11 9.68
CA LEU B 384 17.95 -37.58 9.15
C LEU B 384 16.76 -37.03 9.93
N CYS B 385 16.99 -36.19 10.92
CA CYS B 385 15.93 -35.58 11.71
C CYS B 385 15.86 -34.10 11.39
N PRO B 386 14.73 -33.58 10.91
CA PRO B 386 14.65 -32.15 10.58
C PRO B 386 14.91 -31.24 11.76
N ARG B 387 14.51 -31.63 12.97
CA ARG B 387 14.79 -30.82 14.15
C ARG B 387 16.27 -30.82 14.52
N LYS B 388 17.06 -31.72 13.95
CA LYS B 388 18.50 -31.70 14.12
C LYS B 388 19.23 -31.01 12.97
N ARG B 389 18.62 -30.96 11.79
CA ARG B 389 19.19 -30.22 10.68
C ARG B 389 19.02 -28.71 10.83
N LYS B 390 18.15 -28.26 11.74
CA LYS B 390 18.02 -26.84 12.03
C LYS B 390 18.99 -26.37 13.11
N THR B 391 19.42 -27.25 14.00
CA THR B 391 20.47 -26.90 14.96
C THR B 391 21.80 -26.69 14.25
N VAL B 392 22.14 -27.59 13.32
CA VAL B 392 23.36 -27.43 12.53
C VAL B 392 23.29 -26.16 11.69
N GLU B 393 22.14 -25.87 11.08
CA GLU B 393 21.95 -24.61 10.38
C GLU B 393 22.09 -23.40 11.28
N ALA B 394 21.55 -23.46 12.50
CA ALA B 394 21.71 -22.37 13.45
C ALA B 394 23.16 -22.15 13.86
N ASN B 395 23.94 -23.23 13.99
CA ASN B 395 25.36 -23.08 14.27
C ASN B 395 26.09 -22.45 13.07
N ILE B 396 25.77 -22.94 11.86
CA ILE B 396 26.45 -22.44 10.66
C ILE B 396 26.16 -20.96 10.47
N ARG B 397 24.90 -20.55 10.68
CA ARG B 397 24.53 -19.14 10.56
C ARG B 397 25.20 -18.28 11.61
N ASP B 398 25.78 -18.87 12.65
CA ASP B 398 26.50 -18.12 13.68
C ASP B 398 28.01 -18.12 13.46
N MET B 399 28.56 -19.14 12.82
CA MET B 399 29.98 -19.15 12.53
C MET B 399 30.38 -18.26 11.36
N LEU B 400 29.40 -17.81 10.55
CA LEU B 400 29.68 -16.99 9.38
C LEU B 400 29.72 -15.54 9.82
N VAL B 401 30.92 -14.95 9.84
CA VAL B 401 31.08 -13.58 10.29
C VAL B 401 31.23 -12.63 9.10
N ASP B 402 32.24 -12.85 8.28
CA ASP B 402 32.60 -11.93 7.20
C ASP B 402 31.96 -12.37 5.89
N SER B 403 31.73 -11.40 5.02
CA SER B 403 31.12 -11.64 3.72
C SER B 403 32.18 -11.71 2.62
N VAL B 404 31.76 -12.19 1.45
CA VAL B 404 32.63 -12.32 0.29
C VAL B 404 31.98 -11.61 -0.90
N GLU B 405 32.75 -11.49 -1.97
CA GLU B 405 32.30 -10.83 -3.20
C GLU B 405 32.02 -11.89 -4.26
N THR B 406 30.86 -11.79 -4.90
CA THR B 406 30.40 -12.79 -5.85
C THR B 406 30.31 -12.18 -7.25
N ASP B 407 30.45 -13.05 -8.26
CA ASP B 407 30.33 -12.67 -9.67
C ASP B 407 31.34 -11.59 -10.04
N THR B 408 32.62 -11.93 -9.86
CA THR B 408 33.73 -11.04 -10.19
C THR B 408 34.46 -11.45 -11.46
N TYR B 409 33.98 -12.49 -12.14
CA TYR B 409 34.58 -12.94 -13.40
C TYR B 409 33.62 -12.67 -14.54
N PRO B 410 33.98 -11.83 -15.50
CA PRO B 410 33.03 -11.46 -16.56
C PRO B 410 32.90 -12.50 -17.66
N ASP B 411 33.96 -13.27 -17.91
CA ASP B 411 34.02 -14.16 -19.07
C ASP B 411 33.89 -15.64 -18.66
N LYS B 412 33.03 -15.91 -17.68
CA LYS B 412 32.68 -17.28 -17.30
C LYS B 412 31.17 -17.41 -17.31
N LEU B 413 30.67 -18.43 -18.00
CA LEU B 413 29.23 -18.62 -18.14
C LEU B 413 28.77 -19.80 -17.30
N PRO B 414 27.98 -19.58 -16.25
CA PRO B 414 27.62 -20.67 -15.35
C PRO B 414 26.35 -21.40 -15.78
N PHE B 415 26.42 -22.73 -15.71
CA PHE B 415 25.30 -23.62 -16.01
C PHE B 415 24.82 -24.27 -14.71
N LYS B 416 23.90 -25.21 -14.84
CA LYS B 416 23.38 -25.92 -13.68
C LYS B 416 24.33 -27.00 -13.18
N ASN B 417 25.38 -27.33 -13.93
CA ASN B 417 26.31 -28.37 -13.49
C ASN B 417 27.76 -28.01 -13.79
N GLY B 418 28.10 -26.73 -13.76
CA GLY B 418 29.47 -26.32 -13.96
C GLY B 418 29.55 -24.88 -14.44
N VAL B 419 30.75 -24.52 -14.88
CA VAL B 419 31.02 -23.18 -15.42
C VAL B 419 31.83 -23.34 -16.70
N LEU B 420 31.32 -22.81 -17.80
CA LEU B 420 32.03 -22.84 -19.06
C LEU B 420 32.95 -21.63 -19.18
N ASP B 421 34.20 -21.88 -19.55
CA ASP B 421 35.19 -20.82 -19.72
C ASP B 421 35.15 -20.34 -21.16
N LEU B 422 34.84 -19.07 -21.36
CA LEU B 422 34.58 -18.54 -22.70
C LEU B 422 35.86 -18.35 -23.51
N VAL B 423 36.98 -18.01 -22.86
CA VAL B 423 38.18 -17.64 -23.60
C VAL B 423 38.72 -18.82 -24.40
N ASP B 424 38.79 -20.00 -23.78
CA ASP B 424 39.36 -21.17 -24.43
C ASP B 424 38.35 -22.26 -24.74
N GLY B 425 37.23 -22.30 -24.01
CA GLY B 425 36.18 -23.27 -24.27
C GLY B 425 36.15 -24.48 -23.36
N MET B 426 37.10 -24.61 -22.43
CA MET B 426 37.10 -25.73 -21.50
C MET B 426 35.95 -25.58 -20.52
N PHE B 427 35.32 -26.71 -20.17
CA PHE B 427 34.18 -26.73 -19.27
C PHE B 427 34.62 -27.35 -17.96
N TYR B 428 34.49 -26.58 -16.87
CA TYR B 428 34.88 -27.04 -15.54
C TYR B 428 33.65 -27.47 -14.76
N SER B 429 33.74 -28.64 -14.12
CA SER B 429 32.63 -29.16 -13.33
C SER B 429 33.20 -29.76 -12.05
N GLY B 430 32.67 -29.33 -10.90
CA GLY B 430 33.11 -29.82 -9.62
C GLY B 430 33.79 -28.75 -8.80
N ASP B 431 34.84 -29.14 -8.08
CA ASP B 431 35.61 -28.22 -7.27
C ASP B 431 36.27 -27.14 -8.13
N ASP B 432 36.69 -27.46 -9.35
CA ASP B 432 37.30 -26.48 -10.23
C ASP B 432 36.35 -25.34 -10.58
N ALA B 433 35.04 -25.57 -10.58
CA ALA B 433 34.07 -24.52 -10.82
C ALA B 433 33.70 -23.77 -9.55
N LYS B 434 34.12 -24.24 -8.38
CA LYS B 434 33.80 -23.56 -7.13
C LYS B 434 34.53 -22.24 -7.00
N LYS B 435 35.67 -22.09 -7.69
CA LYS B 435 36.47 -20.88 -7.55
C LYS B 435 35.70 -19.64 -8.00
N TYR B 436 34.99 -19.74 -9.11
CA TYR B 436 34.21 -18.62 -9.65
C TYR B 436 32.85 -18.63 -8.97
N THR B 437 32.68 -17.76 -7.97
CA THR B 437 31.44 -17.70 -7.20
C THR B 437 30.38 -16.95 -8.00
N CYS B 438 29.79 -17.67 -8.96
CA CYS B 438 28.73 -17.12 -9.79
C CYS B 438 27.39 -17.53 -9.19
N THR B 439 26.66 -16.55 -8.66
CA THR B 439 25.40 -16.81 -7.98
C THR B 439 24.26 -17.12 -8.93
N VAL B 440 24.39 -16.78 -10.21
CA VAL B 440 23.34 -17.03 -11.20
C VAL B 440 23.75 -18.20 -12.06
N SER B 441 22.79 -18.69 -12.86
CA SER B 441 23.03 -19.84 -13.72
C SER B 441 22.02 -19.83 -14.85
N THR B 442 22.31 -20.63 -15.89
CA THR B 442 21.41 -20.73 -17.03
C THR B 442 20.17 -21.55 -16.71
N GLY B 443 20.26 -22.47 -15.75
CA GLY B 443 19.12 -23.29 -15.38
C GLY B 443 19.02 -24.63 -16.07
N PHE B 444 20.08 -25.09 -16.74
CA PHE B 444 20.08 -26.40 -17.36
C PHE B 444 21.51 -26.90 -17.45
N LYS B 445 21.65 -28.20 -17.66
CA LYS B 445 22.96 -28.83 -17.74
C LYS B 445 23.61 -28.55 -19.09
N PHE B 446 24.91 -28.81 -19.17
CA PHE B 446 25.70 -28.56 -20.36
C PHE B 446 26.03 -29.90 -21.02
N ASP B 447 25.50 -30.11 -22.23
CA ASP B 447 25.72 -31.35 -22.98
C ASP B 447 26.94 -31.16 -23.86
N ASP B 448 28.05 -31.80 -23.51
CA ASP B 448 29.25 -31.75 -24.33
C ASP B 448 29.08 -32.48 -25.66
N THR B 449 28.10 -33.38 -25.77
CA THR B 449 27.84 -34.09 -27.01
C THR B 449 27.14 -33.23 -28.06
N LYS B 450 26.26 -32.32 -27.64
CA LYS B 450 25.57 -31.43 -28.55
C LYS B 450 26.33 -30.13 -28.80
N PHE B 451 27.42 -29.88 -28.07
CA PHE B 451 28.22 -28.68 -28.25
C PHE B 451 29.30 -28.93 -29.31
N VAL B 452 28.85 -29.28 -30.52
CA VAL B 452 29.73 -29.59 -31.63
C VAL B 452 29.30 -28.77 -32.84
N GLU B 453 30.27 -28.51 -33.73
CA GLU B 453 30.01 -27.71 -34.91
C GLU B 453 29.26 -28.50 -35.98
N ASP B 454 29.61 -29.77 -36.15
CA ASP B 454 29.02 -30.60 -37.19
C ASP B 454 27.79 -31.30 -36.62
N SER B 455 26.61 -30.81 -36.96
CA SER B 455 25.35 -31.37 -36.50
C SER B 455 24.24 -30.88 -37.41
N PRO B 456 23.18 -31.67 -37.60
CA PRO B 456 22.06 -31.19 -38.42
C PRO B 456 21.43 -29.91 -37.89
N GLU B 457 21.24 -29.80 -36.58
CA GLU B 457 20.65 -28.60 -36.00
C GLU B 457 21.54 -27.38 -36.24
N MET B 458 22.86 -27.54 -36.13
CA MET B 458 23.76 -26.44 -36.43
C MET B 458 23.67 -26.03 -37.90
N GLU B 459 23.41 -26.97 -38.80
CA GLU B 459 23.24 -26.64 -40.21
C GLU B 459 21.94 -25.90 -40.49
N GLU B 460 20.83 -26.30 -39.84
CA GLU B 460 19.59 -25.57 -40.04
C GLU B 460 19.65 -24.19 -39.39
N LEU B 461 20.31 -24.06 -38.24
CA LEU B 461 20.40 -22.77 -37.58
C LEU B 461 21.19 -21.77 -38.42
N MET B 462 22.25 -22.24 -39.08
CA MET B 462 23.01 -21.35 -39.96
C MET B 462 22.15 -20.83 -41.10
N ASN B 463 21.32 -21.68 -41.69
CA ASN B 463 20.40 -21.23 -42.72
C ASN B 463 19.39 -20.23 -42.17
N ILE B 464 18.87 -20.49 -40.97
CA ILE B 464 17.90 -19.59 -40.36
C ILE B 464 18.51 -18.21 -40.17
N ILE B 465 19.73 -18.17 -39.65
CA ILE B 465 20.37 -16.89 -39.35
C ILE B 465 20.75 -16.17 -40.64
N ASN B 466 21.31 -16.90 -41.61
CA ASN B 466 21.65 -16.29 -42.89
C ASN B 466 20.42 -15.84 -43.66
N ASP B 467 19.24 -16.36 -43.33
CA ASP B 467 18.01 -15.80 -43.87
C ASP B 467 17.60 -14.54 -43.11
N ILE B 468 17.72 -14.55 -41.79
CA ILE B 468 17.35 -13.37 -40.99
C ILE B 468 18.27 -12.21 -41.32
N GLN B 469 19.58 -12.44 -41.27
CA GLN B 469 20.59 -11.43 -41.59
C GLN B 469 21.47 -11.98 -42.70
N PRO B 470 21.20 -11.64 -43.95
CA PRO B 470 21.95 -12.22 -45.07
C PRO B 470 23.41 -11.79 -45.06
N LEU B 471 24.26 -12.67 -45.58
CA LEU B 471 25.70 -12.45 -45.65
C LEU B 471 26.10 -11.80 -46.97
N THR B 472 25.47 -10.67 -47.29
CA THR B 472 25.77 -9.95 -48.51
C THR B 472 26.87 -8.93 -48.24
N ASP B 473 27.13 -8.04 -49.21
CA ASP B 473 28.16 -7.03 -49.07
C ASP B 473 27.65 -5.68 -48.60
N GLU B 474 26.38 -5.35 -48.88
CA GLU B 474 25.77 -4.16 -48.33
C GLU B 474 25.23 -4.38 -46.92
N ASN B 475 25.30 -5.59 -46.41
CA ASN B 475 24.82 -5.95 -45.07
C ASN B 475 25.92 -6.68 -44.31
N LYS B 476 27.14 -6.14 -44.38
CA LYS B 476 28.28 -6.70 -43.67
C LYS B 476 28.52 -6.02 -42.33
N LYS B 477 28.50 -4.68 -42.31
CA LYS B 477 28.61 -3.96 -41.05
C LYS B 477 27.42 -4.25 -40.15
N ASN B 478 26.22 -4.31 -40.72
CA ASN B 478 25.04 -4.65 -39.93
C ASN B 478 25.13 -6.07 -39.38
N ARG B 479 25.60 -7.02 -40.20
CA ARG B 479 25.70 -8.39 -39.73
C ARG B 479 26.70 -8.52 -38.59
N GLU B 480 27.85 -7.86 -38.71
CA GLU B 480 28.85 -7.94 -37.65
C GLU B 480 28.40 -7.20 -36.39
N LEU B 481 27.67 -6.09 -36.53
CA LEU B 481 27.10 -5.44 -35.35
C LEU B 481 26.07 -6.33 -34.67
N TYR B 482 25.24 -7.01 -35.46
CA TYR B 482 24.27 -7.96 -34.91
C TYR B 482 24.98 -9.10 -34.17
N GLU B 483 26.05 -9.62 -34.76
CA GLU B 483 26.82 -10.67 -34.10
C GLU B 483 27.44 -10.18 -32.81
N LYS B 484 28.00 -8.96 -32.81
CA LYS B 484 28.58 -8.40 -31.60
C LYS B 484 27.54 -8.27 -30.49
N THR B 485 26.37 -7.71 -30.83
CA THR B 485 25.33 -7.50 -29.83
C THR B 485 24.83 -8.83 -29.28
N LEU B 486 24.64 -9.82 -30.16
CA LEU B 486 24.14 -11.11 -29.70
C LEU B 486 25.19 -11.83 -28.84
N SER B 487 26.46 -11.75 -29.22
CA SER B 487 27.50 -12.46 -28.47
C SER B 487 27.83 -11.78 -27.15
N SER B 488 27.60 -10.46 -27.04
CA SER B 488 27.90 -9.75 -25.80
C SER B 488 27.02 -10.20 -24.65
N CYS B 489 25.94 -10.92 -24.91
CA CYS B 489 25.03 -11.41 -23.88
C CYS B 489 25.63 -12.53 -23.04
N LEU B 490 26.88 -12.94 -23.26
CA LEU B 490 27.50 -13.98 -22.45
C LEU B 490 28.46 -13.46 -21.41
N CYS B 491 29.01 -12.26 -21.58
CA CYS B 491 30.00 -11.74 -20.66
C CYS B 491 29.32 -10.99 -19.53
N GLY B 492 29.71 -11.29 -18.29
CA GLY B 492 29.09 -10.70 -17.13
C GLY B 492 29.75 -9.41 -16.67
N ALA B 493 29.78 -8.42 -17.56
CA ALA B 493 30.33 -7.12 -17.25
C ALA B 493 29.38 -6.04 -17.76
N THR B 494 29.51 -4.85 -17.19
CA THR B 494 28.63 -3.75 -17.55
C THR B 494 28.83 -3.36 -19.01
N LYS B 495 27.72 -3.16 -19.73
CA LYS B 495 27.74 -2.72 -21.11
C LYS B 495 27.21 -1.29 -21.18
N GLY B 496 27.91 -0.43 -21.91
CA GLY B 496 27.57 0.97 -21.96
C GLY B 496 26.87 1.40 -23.23
N CYS B 497 25.95 0.58 -23.74
CA CYS B 497 25.21 0.92 -24.95
C CYS B 497 23.89 0.15 -24.97
N LEU B 498 22.90 0.76 -25.60
CA LEU B 498 21.60 0.14 -25.82
C LEU B 498 21.40 -0.10 -27.31
N THR B 499 20.94 -1.29 -27.66
CA THR B 499 20.80 -1.71 -29.04
C THR B 499 19.32 -1.76 -29.42
N PHE B 500 19.00 -1.22 -30.59
CA PHE B 500 17.64 -1.19 -31.11
C PHE B 500 17.53 -2.13 -32.30
N PHE B 501 16.66 -3.14 -32.18
CA PHE B 501 16.35 -4.05 -33.27
C PHE B 501 15.28 -3.39 -34.12
N PHE B 502 15.67 -2.67 -35.16
CA PHE B 502 14.74 -1.87 -35.94
C PHE B 502 14.38 -2.60 -37.24
N GLY B 503 13.12 -2.50 -37.62
CA GLY B 503 12.64 -3.11 -38.84
C GLY B 503 11.14 -3.20 -38.85
N GLU B 504 10.60 -3.39 -40.05
CA GLU B 504 9.16 -3.53 -40.21
C GLU B 504 8.73 -4.91 -39.72
N THR B 505 7.42 -5.17 -39.77
CA THR B 505 6.87 -6.39 -39.22
C THR B 505 7.31 -7.61 -40.01
N ALA B 506 7.39 -8.75 -39.32
CA ALA B 506 7.77 -10.03 -39.91
C ALA B 506 9.15 -9.96 -40.57
N THR B 507 10.16 -9.62 -39.77
CA THR B 507 11.52 -9.51 -40.26
C THR B 507 12.53 -10.34 -39.49
N GLY B 508 12.12 -11.01 -38.42
CA GLY B 508 12.99 -11.91 -37.69
C GLY B 508 13.52 -11.42 -36.35
N LYS B 509 12.88 -10.44 -35.72
CA LYS B 509 13.35 -9.95 -34.43
C LYS B 509 12.93 -10.86 -33.29
N SER B 510 11.63 -11.20 -33.24
CA SER B 510 11.15 -12.09 -32.19
C SER B 510 11.76 -13.47 -32.30
N THR B 511 12.08 -13.92 -33.52
CA THR B 511 12.77 -15.19 -33.67
C THR B 511 14.15 -15.14 -33.03
N THR B 512 14.88 -14.05 -33.22
CA THR B 512 16.18 -13.89 -32.57
C THR B 512 16.03 -13.84 -31.07
N LYS B 513 15.00 -13.13 -30.58
CA LYS B 513 14.77 -13.07 -29.14
C LYS B 513 14.50 -14.45 -28.55
N ARG B 514 13.67 -15.24 -29.23
CA ARG B 514 13.36 -16.58 -28.75
C ARG B 514 14.59 -17.49 -28.80
N LEU B 515 15.39 -17.37 -29.86
CA LEU B 515 16.63 -18.15 -29.93
C LEU B 515 17.57 -17.79 -28.79
N LEU B 516 17.72 -16.50 -28.50
CA LEU B 516 18.58 -16.08 -27.40
C LEU B 516 18.04 -16.59 -26.06
N LYS B 517 16.72 -16.52 -25.87
CA LYS B 517 16.13 -16.99 -24.63
C LYS B 517 16.35 -18.49 -24.45
N SER B 518 16.22 -19.25 -25.54
CA SER B 518 16.49 -20.69 -25.46
C SER B 518 17.97 -20.97 -25.24
N ALA B 519 18.86 -20.10 -25.72
CA ALA B 519 20.29 -20.33 -25.59
C ALA B 519 20.78 -20.04 -24.18
N ILE B 520 20.62 -18.79 -23.72
CA ILE B 520 21.19 -18.40 -22.43
C ILE B 520 20.28 -18.72 -21.26
N GLY B 521 19.07 -19.20 -21.52
CA GLY B 521 18.24 -19.73 -20.45
C GLY B 521 17.84 -18.68 -19.43
N ASP B 522 18.15 -18.94 -18.16
CA ASP B 522 17.71 -18.13 -17.04
C ASP B 522 18.39 -16.76 -17.00
N LEU B 523 19.58 -16.62 -17.59
CA LEU B 523 20.25 -15.32 -17.63
C LEU B 523 19.65 -14.43 -18.72
N PHE B 524 18.33 -14.29 -18.68
CA PHE B 524 17.59 -13.56 -19.70
C PHE B 524 16.24 -13.19 -19.12
N VAL B 525 15.98 -11.91 -18.97
CA VAL B 525 14.72 -11.42 -18.42
C VAL B 525 14.10 -10.44 -19.42
N GLU B 526 12.79 -10.51 -19.57
CA GLU B 526 12.04 -9.61 -20.44
C GLU B 526 11.21 -8.69 -19.55
N THR B 527 11.31 -7.39 -19.78
CA THR B 527 10.57 -6.40 -19.02
C THR B 527 9.75 -5.52 -19.97
N GLY B 528 8.98 -4.60 -19.40
CA GLY B 528 8.17 -3.70 -20.16
C GLY B 528 8.89 -2.41 -20.49
N GLN B 529 8.18 -1.53 -21.20
CA GLN B 529 8.74 -0.23 -21.56
C GLN B 529 8.61 0.79 -20.45
N THR B 530 8.05 0.43 -19.30
CA THR B 530 8.01 1.34 -18.17
C THR B 530 9.41 1.66 -17.67
N ILE B 531 10.38 0.77 -17.92
CA ILE B 531 11.76 1.05 -17.57
C ILE B 531 12.36 2.15 -18.44
N LEU B 532 11.73 2.46 -19.57
CA LEU B 532 12.22 3.50 -20.48
C LEU B 532 11.53 4.84 -20.27
N THR B 533 10.21 4.86 -20.09
CA THR B 533 9.46 6.10 -19.87
C THR B 533 8.71 5.97 -18.54
N ASP B 534 9.41 6.27 -17.45
CA ASP B 534 8.94 6.37 -16.07
C ASP B 534 10.13 6.73 -15.20
N VAL B 535 9.84 7.13 -13.97
CA VAL B 535 10.90 7.29 -12.98
C VAL B 535 11.08 5.97 -12.25
N LEU B 536 12.26 5.38 -12.35
CA LEU B 536 12.54 4.05 -11.78
C LEU B 536 13.10 4.17 -10.36
N ASP B 537 12.50 5.06 -9.56
CA ASP B 537 13.05 5.32 -8.23
C ASP B 537 12.00 5.33 -7.12
N LYS B 538 10.75 5.64 -7.39
CA LYS B 538 9.75 5.82 -6.34
C LYS B 538 8.97 4.52 -6.13
N GLY B 539 8.76 4.16 -4.87
CA GLY B 539 8.00 2.99 -4.52
C GLY B 539 8.68 1.71 -4.96
N PRO B 540 8.00 0.58 -4.77
CA PRO B 540 8.53 -0.68 -5.32
C PRO B 540 8.51 -0.66 -6.84
N ASN B 541 9.48 -1.35 -7.42
CA ASN B 541 9.60 -1.43 -8.87
C ASN B 541 10.31 -2.73 -9.24
N PRO B 542 9.58 -3.85 -9.26
CA PRO B 542 10.20 -5.13 -9.62
C PRO B 542 10.60 -5.24 -11.08
N PHE B 543 10.22 -4.29 -11.92
CA PHE B 543 10.70 -4.30 -13.30
C PHE B 543 12.19 -4.01 -13.35
N ILE B 544 12.67 -3.11 -12.50
CA ILE B 544 14.10 -2.84 -12.40
C ILE B 544 14.78 -3.81 -11.44
N ALA B 545 14.10 -4.19 -10.37
CA ALA B 545 14.67 -5.10 -9.39
C ALA B 545 14.91 -6.49 -9.95
N ASN B 546 14.24 -6.86 -11.04
CA ASN B 546 14.40 -8.19 -11.61
C ASN B 546 15.64 -8.33 -12.49
N MET B 547 16.12 -7.23 -13.05
CA MET B 547 17.32 -7.27 -13.89
C MET B 547 18.58 -7.08 -13.07
N HIS B 548 18.72 -7.89 -12.02
CA HIS B 548 19.91 -7.92 -11.17
C HIS B 548 20.74 -9.13 -11.58
N LEU B 549 21.94 -8.88 -12.09
CA LEU B 549 22.90 -9.86 -12.58
C LEU B 549 22.43 -10.56 -13.85
N LYS B 550 21.26 -10.20 -14.39
CA LYS B 550 20.84 -10.75 -15.67
C LYS B 550 21.77 -10.25 -16.77
N ARG B 551 22.14 -11.14 -17.68
CA ARG B 551 23.09 -10.82 -18.73
C ARG B 551 22.44 -10.33 -20.01
N SER B 552 21.12 -10.33 -20.10
CA SER B 552 20.43 -9.82 -21.26
C SER B 552 19.01 -9.41 -20.88
N VAL B 553 18.62 -8.20 -21.28
CA VAL B 553 17.31 -7.65 -20.97
C VAL B 553 16.66 -7.19 -22.25
N PHE B 554 15.54 -7.81 -22.62
CA PHE B 554 14.79 -7.46 -23.82
C PHE B 554 13.59 -6.62 -23.42
N CYS B 555 13.49 -5.41 -23.99
CA CYS B 555 12.34 -4.54 -23.79
C CYS B 555 11.77 -4.26 -25.18
N SER B 556 10.81 -5.09 -25.57
CA SER B 556 10.22 -5.03 -26.91
C SER B 556 9.06 -4.03 -26.91
N GLU B 557 8.22 -4.10 -27.95
CA GLU B 557 6.89 -3.50 -28.04
C GLU B 557 6.88 -1.97 -27.97
N LEU B 558 7.96 -1.29 -28.36
CA LEU B 558 7.98 0.16 -28.34
C LEU B 558 6.86 0.73 -29.22
N PRO B 559 6.01 1.59 -28.68
CA PRO B 559 4.87 2.11 -29.44
C PRO B 559 5.26 3.28 -30.34
N ASP B 560 4.30 3.66 -31.19
CA ASP B 560 4.49 4.80 -32.08
C ASP B 560 4.50 6.10 -31.29
N PHE B 561 5.29 7.06 -31.78
CA PHE B 561 5.38 8.38 -31.16
C PHE B 561 4.79 9.49 -32.01
N ALA B 562 4.35 9.19 -33.24
CA ALA B 562 3.69 10.20 -34.06
C ALA B 562 2.29 10.52 -33.57
N CYS B 563 1.75 9.76 -32.62
CA CYS B 563 0.42 10.01 -32.08
C CYS B 563 0.52 10.92 -30.87
N SER B 564 -0.35 11.93 -30.84
CA SER B 564 -0.39 12.90 -29.75
C SER B 564 -0.99 12.22 -28.51
N GLY B 565 -0.14 11.91 -27.54
CA GLY B 565 -0.59 11.22 -26.34
C GLY B 565 0.36 10.10 -25.93
N SER B 566 1.44 9.94 -26.68
CA SER B 566 2.44 8.92 -26.41
C SER B 566 3.62 9.53 -25.67
N LYS B 567 4.03 8.89 -24.59
CA LYS B 567 5.15 9.37 -23.79
C LYS B 567 6.46 9.08 -24.51
N LYS B 568 7.30 10.10 -24.65
CA LYS B 568 8.59 9.92 -25.30
C LYS B 568 9.52 9.12 -24.40
N ILE B 569 10.53 8.50 -25.02
CA ILE B 569 11.54 7.77 -24.26
C ILE B 569 12.36 8.76 -23.44
N ARG B 570 12.34 8.58 -22.12
CA ARG B 570 12.99 9.53 -21.22
C ARG B 570 14.49 9.58 -21.51
N SER B 571 15.03 10.79 -21.66
CA SER B 571 16.43 10.95 -22.02
C SER B 571 17.37 10.48 -20.94
N ASP B 572 17.02 10.68 -19.67
CA ASP B 572 17.90 10.29 -18.57
C ASP B 572 17.82 8.80 -18.23
N ASN B 573 16.71 8.13 -18.56
CA ASN B 573 16.62 6.70 -18.30
C ASN B 573 17.64 5.93 -19.13
N ILE B 574 17.83 6.34 -20.38
CA ILE B 574 18.87 5.71 -21.21
C ILE B 574 20.23 5.89 -20.57
N LYS B 575 20.49 7.07 -20.01
CA LYS B 575 21.75 7.32 -19.33
C LYS B 575 21.87 6.50 -18.04
N LYS B 576 20.77 6.33 -17.31
CA LYS B 576 20.82 5.58 -16.06
C LYS B 576 21.03 4.10 -16.31
N LEU B 577 20.46 3.57 -17.39
CA LEU B 577 20.54 2.14 -17.67
C LEU B 577 21.91 1.68 -18.16
N THR B 578 22.82 2.61 -18.45
CA THR B 578 24.18 2.27 -18.88
C THR B 578 25.20 2.53 -17.77
N GLU B 579 24.80 2.33 -16.52
CA GLU B 579 25.65 2.53 -15.37
C GLU B 579 26.00 1.19 -14.72
N PRO B 580 27.13 1.10 -14.01
CA PRO B 580 27.49 -0.16 -13.36
C PRO B 580 26.52 -0.60 -12.27
N CYS B 581 25.70 0.30 -11.75
CA CYS B 581 24.74 -0.05 -10.70
C CYS B 581 23.48 0.76 -10.90
N VAL B 582 22.33 0.09 -10.87
CA VAL B 582 21.04 0.73 -11.09
C VAL B 582 20.30 0.78 -9.77
N ILE B 583 19.54 1.86 -9.56
CA ILE B 583 18.81 2.09 -8.32
C ILE B 583 17.37 1.64 -8.52
N GLY B 584 16.91 0.73 -7.66
CA GLY B 584 15.57 0.20 -7.72
C GLY B 584 15.41 -0.97 -6.78
N ARG B 585 14.22 -1.12 -6.20
CA ARG B 585 14.02 -2.14 -5.19
C ARG B 585 12.75 -2.93 -5.45
N PRO B 586 12.73 -4.22 -5.11
CA PRO B 586 11.49 -5.00 -5.23
C PRO B 586 10.55 -4.76 -4.06
N CYS B 587 9.46 -5.50 -4.01
CA CYS B 587 8.53 -5.43 -2.90
C CYS B 587 9.08 -6.20 -1.71
N PHE B 588 8.85 -5.66 -0.51
CA PHE B 588 9.25 -6.30 0.75
C PHE B 588 10.77 -6.50 0.82
N SER B 589 11.51 -5.43 0.55
CA SER B 589 12.96 -5.50 0.60
C SER B 589 13.52 -4.10 0.77
N ASN B 590 14.78 -4.04 1.21
CA ASN B 590 15.49 -2.79 1.42
C ASN B 590 16.67 -2.57 0.48
N LYS B 591 17.08 -3.60 -0.27
CA LYS B 591 18.22 -3.48 -1.15
C LYS B 591 17.86 -2.63 -2.36
N ILE B 592 18.60 -1.54 -2.57
CA ILE B 592 18.27 -0.55 -3.58
C ILE B 592 19.29 -0.46 -4.70
N ASN B 593 20.32 -1.30 -4.68
CA ASN B 593 21.37 -1.27 -5.69
C ASN B 593 21.42 -2.63 -6.39
N ASN B 594 21.27 -2.61 -7.72
CA ASN B 594 21.33 -3.83 -8.53
C ASN B 594 22.50 -3.73 -9.49
N ARG B 595 23.29 -4.79 -9.55
CA ARG B 595 24.47 -4.82 -10.41
C ARG B 595 24.02 -5.01 -11.86
N ASN B 596 24.50 -4.14 -12.75
CA ASN B 596 24.05 -4.11 -14.14
C ASN B 596 25.04 -4.88 -15.00
N HIS B 597 24.67 -6.10 -15.37
CA HIS B 597 25.42 -6.90 -16.33
C HIS B 597 24.67 -7.07 -17.65
N ALA B 598 23.57 -6.32 -17.83
CA ALA B 598 22.63 -6.60 -18.91
C ALA B 598 23.07 -5.98 -20.22
N THR B 599 22.71 -6.65 -21.32
CA THR B 599 22.78 -6.11 -22.67
C THR B 599 21.36 -5.72 -23.06
N ILE B 600 21.01 -4.47 -22.79
CA ILE B 600 19.63 -4.02 -23.00
C ILE B 600 19.36 -3.91 -24.49
N ILE B 601 18.36 -4.64 -24.98
CA ILE B 601 17.99 -4.64 -26.38
C ILE B 601 16.53 -4.23 -26.47
N ILE B 602 16.25 -3.20 -27.26
CA ILE B 602 14.90 -2.71 -27.47
C ILE B 602 14.42 -3.20 -28.83
N ASP B 603 13.35 -4.00 -28.84
CA ASP B 603 12.80 -4.55 -30.07
C ASP B 603 11.68 -3.59 -30.48
N THR B 604 12.03 -2.66 -31.37
CA THR B 604 11.12 -1.61 -31.79
C THR B 604 10.66 -1.85 -33.23
N ASN B 605 9.69 -1.07 -33.64
CA ASN B 605 9.16 -1.08 -35.01
C ASN B 605 9.32 0.27 -35.69
N TYR B 606 9.17 1.36 -34.95
CA TYR B 606 9.41 2.71 -35.45
C TYR B 606 10.65 3.29 -34.78
N LYS B 607 11.21 4.33 -35.39
CA LYS B 607 12.38 4.96 -34.81
C LYS B 607 12.00 5.65 -33.50
N PRO B 608 12.80 5.50 -32.46
CA PRO B 608 12.46 6.08 -31.16
C PRO B 608 12.57 7.60 -31.16
N VAL B 609 11.80 8.22 -30.27
CA VAL B 609 11.79 9.66 -30.08
C VAL B 609 12.03 9.95 -28.60
N PHE B 610 12.95 10.87 -28.34
CA PHE B 610 13.38 11.18 -26.98
C PHE B 610 12.91 12.58 -26.59
N ASP B 611 12.90 12.84 -25.28
CA ASP B 611 12.54 14.15 -24.77
C ASP B 611 13.54 15.21 -25.23
N ARG B 612 14.83 14.93 -25.05
CA ARG B 612 15.88 15.85 -25.46
C ARG B 612 17.06 15.06 -25.99
N ILE B 613 17.70 15.61 -27.02
CA ILE B 613 18.82 14.95 -27.70
C ILE B 613 20.09 15.74 -27.41
N ASP B 614 21.12 15.02 -26.97
CA ASP B 614 22.40 15.65 -26.64
C ASP B 614 23.51 14.65 -26.91
N ASN B 615 24.74 15.17 -27.01
CA ASN B 615 25.90 14.31 -27.24
C ASN B 615 26.08 13.29 -26.14
N ALA B 616 25.53 13.54 -24.95
CA ALA B 616 25.62 12.57 -23.86
C ALA B 616 24.79 11.32 -24.12
N LEU B 617 23.90 11.35 -25.12
CA LEU B 617 22.99 10.25 -25.37
C LEU B 617 23.21 9.56 -26.71
N MET B 618 23.82 10.24 -27.68
CA MET B 618 24.12 9.58 -28.96
C MET B 618 25.30 8.62 -28.85
N ARG B 619 26.06 8.65 -27.76
CA ARG B 619 27.18 7.75 -27.56
C ARG B 619 26.77 6.49 -26.78
N ARG B 620 25.47 6.28 -26.59
CA ARG B 620 24.96 5.16 -25.81
C ARG B 620 23.91 4.38 -26.58
N ILE B 621 23.85 4.57 -27.90
CA ILE B 621 22.77 4.00 -28.70
C ILE B 621 23.34 3.42 -29.98
N ALA B 622 22.96 2.19 -30.30
CA ALA B 622 23.28 1.56 -31.56
C ALA B 622 21.99 0.98 -32.15
N VAL B 623 21.91 0.95 -33.48
CA VAL B 623 20.72 0.47 -34.18
C VAL B 623 21.15 -0.59 -35.19
N VAL B 624 20.48 -1.74 -35.16
CA VAL B 624 20.69 -2.81 -36.13
C VAL B 624 19.38 -3.08 -36.83
N ARG B 625 19.42 -3.10 -38.17
CA ARG B 625 18.23 -3.17 -39.00
C ARG B 625 17.98 -4.60 -39.47
N PHE B 626 16.71 -4.94 -39.59
CA PHE B 626 16.27 -6.21 -40.17
C PHE B 626 15.49 -5.90 -41.44
N ARG B 627 15.90 -6.53 -42.55
CA ARG B 627 15.31 -6.23 -43.85
C ARG B 627 14.71 -7.41 -44.57
N THR B 628 15.10 -8.64 -44.25
CA THR B 628 14.46 -9.79 -44.87
C THR B 628 13.05 -9.97 -44.31
N HIS B 629 12.08 -10.11 -45.20
CA HIS B 629 10.68 -10.22 -44.83
C HIS B 629 10.20 -11.63 -45.11
N PHE B 630 9.63 -12.27 -44.08
CA PHE B 630 9.10 -13.62 -44.22
C PHE B 630 7.59 -13.53 -44.43
N SER B 631 7.13 -13.99 -45.58
CA SER B 631 5.74 -13.81 -45.98
C SER B 631 5.15 -15.14 -46.42
N GLN B 632 3.82 -15.18 -46.46
CA GLN B 632 2.98 -16.26 -46.96
C GLN B 632 2.87 -16.15 -48.49
N PRO B 633 2.61 -17.26 -49.17
CA PRO B 633 2.54 -17.22 -50.64
C PRO B 633 1.47 -16.29 -51.19
N SER B 634 0.42 -16.01 -50.43
CA SER B 634 -0.66 -15.17 -50.94
C SER B 634 -0.25 -13.71 -50.98
N GLY B 635 0.21 -13.16 -49.85
CA GLY B 635 0.56 -11.75 -49.78
C GLY B 635 2.02 -11.47 -50.10
N ARG B 636 2.67 -12.44 -50.74
CA ARG B 636 4.09 -12.28 -51.07
C ARG B 636 4.32 -11.13 -52.04
N GLU B 637 3.43 -10.99 -53.02
CA GLU B 637 3.64 -9.98 -54.07
C GLU B 637 3.65 -8.57 -53.49
N ALA B 638 2.75 -8.30 -52.53
CA ALA B 638 2.70 -6.99 -51.91
C ALA B 638 3.96 -6.64 -51.14
N ALA B 639 4.76 -7.63 -50.77
CA ALA B 639 6.03 -7.39 -50.09
C ALA B 639 7.18 -7.10 -51.04
N GLU B 640 6.97 -7.24 -52.34
CA GLU B 640 8.00 -6.94 -53.33
C GLU B 640 8.01 -5.49 -53.76
N ASN B 641 7.01 -4.70 -53.35
CA ASN B 641 6.95 -3.29 -53.71
C ASN B 641 7.20 -2.36 -52.54
N ASN B 642 7.26 -2.87 -51.31
CA ASN B 642 7.55 -2.04 -50.15
C ASN B 642 9.06 -1.86 -50.01
N ASP B 643 9.50 -0.61 -49.88
CA ASP B 643 10.93 -0.32 -49.79
C ASP B 643 11.52 -0.73 -48.45
N ALA B 644 10.68 -1.08 -47.47
CA ALA B 644 11.16 -1.45 -46.15
C ALA B 644 11.79 -2.84 -46.11
N TYR B 645 11.86 -3.56 -47.24
CA TYR B 645 12.43 -4.89 -47.27
C TYR B 645 13.48 -4.97 -48.38
N ASP B 646 14.40 -5.90 -48.23
CA ASP B 646 15.41 -6.18 -49.25
C ASP B 646 15.31 -7.60 -49.78
N LYS B 647 14.38 -8.41 -49.26
CA LYS B 647 14.22 -9.79 -49.67
C LYS B 647 12.92 -10.34 -49.12
N VAL B 648 12.29 -11.27 -49.84
CA VAL B 648 11.01 -11.85 -49.44
C VAL B 648 11.21 -13.37 -49.38
N LYS B 649 11.53 -13.87 -48.21
CA LYS B 649 11.59 -15.31 -47.99
C LYS B 649 10.18 -15.84 -47.71
N LEU B 650 10.03 -17.17 -47.81
CA LEU B 650 8.76 -17.83 -47.58
C LEU B 650 8.69 -18.30 -46.13
N LEU B 651 7.58 -17.98 -45.46
CA LEU B 651 7.45 -18.25 -44.04
C LEU B 651 7.43 -19.75 -43.77
N ASP B 652 8.08 -20.14 -42.67
CA ASP B 652 8.08 -21.52 -42.20
C ASP B 652 7.13 -21.61 -41.01
N GLU B 653 6.04 -22.35 -41.20
CA GLU B 653 5.00 -22.40 -40.17
C GLU B 653 5.40 -23.24 -38.96
N GLY B 654 6.33 -24.18 -39.13
CA GLY B 654 6.76 -25.05 -38.05
C GLY B 654 8.00 -24.60 -37.31
N LEU B 655 8.47 -23.38 -37.55
CA LEU B 655 9.71 -22.93 -36.88
C LEU B 655 9.48 -22.73 -35.39
N ASP B 656 8.40 -22.07 -35.01
CA ASP B 656 8.12 -21.81 -33.59
C ASP B 656 7.92 -23.08 -32.79
N GLY B 657 7.54 -24.19 -33.44
CA GLY B 657 7.42 -25.45 -32.74
C GLY B 657 8.76 -25.95 -32.22
N LYS B 658 9.76 -25.98 -33.10
CA LYS B 658 11.11 -26.39 -32.68
C LYS B 658 11.97 -25.22 -32.27
N ILE B 659 11.44 -24.34 -31.43
CA ILE B 659 12.24 -23.32 -30.73
C ILE B 659 11.86 -23.39 -29.26
N GLN B 660 10.55 -23.34 -28.99
CA GLN B 660 10.06 -23.53 -27.63
C GLN B 660 10.38 -24.92 -27.10
N ASN B 661 10.66 -25.87 -27.99
CA ASN B 661 11.07 -27.22 -27.59
C ASN B 661 12.56 -27.31 -27.36
N ASN B 662 13.29 -26.20 -27.48
CA ASN B 662 14.73 -26.13 -27.20
C ASN B 662 15.52 -27.07 -28.11
N ARG B 663 15.34 -26.88 -29.43
CA ARG B 663 16.10 -27.65 -30.40
C ARG B 663 17.44 -27.00 -30.72
N TYR B 664 17.42 -25.73 -31.13
CA TYR B 664 18.66 -25.00 -31.39
C TYR B 664 19.16 -24.35 -30.11
N ARG B 665 19.31 -25.14 -29.04
CA ARG B 665 19.77 -24.59 -27.77
C ARG B 665 21.28 -24.58 -27.69
N PHE B 666 21.92 -25.70 -28.00
CA PHE B 666 23.37 -25.80 -27.92
C PHE B 666 24.08 -25.39 -29.20
N ALA B 667 23.42 -25.51 -30.35
CA ALA B 667 24.00 -24.99 -31.59
C ALA B 667 24.13 -23.48 -31.52
N PHE B 668 23.09 -22.80 -31.02
CA PHE B 668 23.18 -21.35 -30.84
C PHE B 668 24.20 -20.99 -29.78
N LEU B 669 24.36 -21.83 -28.75
CA LEU B 669 25.39 -21.58 -27.75
C LEU B 669 26.78 -21.67 -28.37
N TYR B 670 27.00 -22.68 -29.22
CA TYR B 670 28.28 -22.79 -29.92
C TYR B 670 28.52 -21.58 -30.80
N LEU B 671 27.49 -21.15 -31.53
CA LEU B 671 27.65 -19.97 -32.39
C LEU B 671 27.96 -18.73 -31.58
N LEU B 672 27.29 -18.55 -30.44
CA LEU B 672 27.53 -17.39 -29.59
C LEU B 672 28.94 -17.42 -29.02
N VAL B 673 29.42 -18.59 -28.61
CA VAL B 673 30.79 -18.69 -28.09
C VAL B 673 31.80 -18.37 -29.18
N LYS B 674 31.57 -18.89 -30.39
CA LYS B 674 32.49 -18.64 -31.49
C LYS B 674 32.52 -17.15 -31.85
N TRP B 675 31.36 -16.50 -31.86
CA TRP B 675 31.31 -15.06 -32.07
C TRP B 675 31.97 -14.30 -30.94
N TYR B 676 31.83 -14.76 -29.70
CA TYR B 676 32.44 -14.08 -28.56
C TYR B 676 33.95 -14.09 -28.67
N LYS B 677 34.54 -15.26 -28.90
CA LYS B 677 35.99 -15.26 -29.05
C LYS B 677 36.38 -14.90 -30.48
N LYS B 678 35.76 -13.85 -31.01
CA LYS B 678 36.21 -13.22 -32.25
C LYS B 678 36.11 -11.70 -32.21
N TYR B 679 35.33 -11.12 -31.29
CA TYR B 679 35.21 -9.68 -31.14
C TYR B 679 35.52 -9.17 -29.75
N HIS B 680 35.44 -10.01 -28.71
CA HIS B 680 35.50 -9.54 -27.34
C HIS B 680 36.64 -10.17 -26.55
N ILE B 681 37.61 -10.79 -27.21
CA ILE B 681 38.64 -11.53 -26.49
C ILE B 681 39.71 -10.60 -25.90
N PRO B 682 40.19 -9.53 -26.59
CA PRO B 682 41.14 -8.64 -25.90
C PRO B 682 40.46 -7.87 -24.77
N ILE B 683 39.38 -7.19 -25.11
CA ILE B 683 38.52 -6.50 -24.15
C ILE B 683 37.13 -6.41 -24.77
N MET B 684 36.11 -6.54 -23.94
CA MET B 684 34.72 -6.48 -24.41
C MET B 684 34.25 -5.03 -24.33
N LYS B 685 33.81 -4.48 -25.45
CA LYS B 685 33.29 -3.12 -25.49
C LYS B 685 32.32 -2.99 -26.65
N LEU B 686 31.27 -2.21 -26.45
CA LEU B 686 30.27 -1.93 -27.46
C LEU B 686 30.34 -0.46 -27.85
N TYR B 687 30.09 -0.18 -29.13
CA TYR B 687 30.24 1.17 -29.64
C TYR B 687 28.94 1.65 -30.28
N PRO B 688 28.66 2.95 -30.20
CA PRO B 688 27.41 3.47 -30.75
C PRO B 688 27.48 3.67 -32.25
N THR B 689 26.29 3.75 -32.85
CA THR B 689 26.12 4.04 -34.27
C THR B 689 25.16 5.21 -34.40
N PRO B 690 25.64 6.43 -34.17
CA PRO B 690 24.73 7.59 -34.18
C PRO B 690 24.21 7.96 -35.56
N GLU B 691 24.86 7.51 -36.63
CA GLU B 691 24.45 7.91 -37.97
C GLU B 691 23.16 7.25 -38.42
N GLU B 692 22.75 6.17 -37.76
CA GLU B 692 21.61 5.37 -38.21
C GLU B 692 20.27 5.89 -37.66
N ILE B 693 20.28 6.97 -36.89
CA ILE B 693 19.05 7.56 -36.39
C ILE B 693 18.90 8.97 -36.96
N PRO B 694 17.75 9.32 -37.54
CA PRO B 694 17.63 10.63 -38.20
C PRO B 694 17.90 11.82 -37.29
N ASP B 695 17.42 11.78 -36.04
CA ASP B 695 17.59 12.92 -35.15
C ASP B 695 19.07 13.11 -34.79
N PHE B 696 19.76 12.01 -34.47
CA PHE B 696 21.19 12.12 -34.19
C PHE B 696 21.97 12.54 -35.43
N ALA B 697 21.52 12.10 -36.61
CA ALA B 697 22.15 12.53 -37.85
C ALA B 697 22.00 14.04 -38.03
N PHE B 698 20.83 14.58 -37.69
CA PHE B 698 20.65 16.03 -37.74
C PHE B 698 21.57 16.73 -36.75
N TYR B 699 21.60 16.27 -35.50
CA TYR B 699 22.40 16.92 -34.49
C TYR B 699 23.89 16.79 -34.81
N LEU B 700 24.31 15.62 -35.28
CA LEU B 700 25.71 15.38 -35.63
C LEU B 700 26.10 16.20 -36.86
N GLY C 323 -0.19 -18.77 46.73
CA GLY C 323 0.52 -19.62 45.80
C GLY C 323 0.92 -18.89 44.52
N ASN C 324 1.55 -19.63 43.60
CA ASN C 324 2.00 -19.07 42.33
C ASN C 324 2.95 -17.90 42.55
N LYS C 325 4.12 -18.19 43.11
CA LYS C 325 5.11 -17.16 43.45
C LYS C 325 5.33 -16.13 42.36
N LEU C 326 5.16 -16.52 41.08
CA LEU C 326 5.33 -15.55 40.00
C LEU C 326 4.25 -14.48 40.03
N PHE C 327 3.01 -14.85 40.37
CA PHE C 327 1.97 -13.85 40.54
C PHE C 327 2.28 -12.92 41.70
N ASN C 328 2.84 -13.46 42.79
CA ASN C 328 3.26 -12.61 43.91
C ASN C 328 4.35 -11.64 43.48
N ILE C 329 5.31 -12.11 42.68
CA ILE C 329 6.36 -11.24 42.17
C ILE C 329 5.75 -10.12 41.32
N ALA C 330 4.82 -10.48 40.45
CA ALA C 330 4.15 -9.47 39.63
C ALA C 330 3.41 -8.44 40.47
N GLN C 331 2.70 -8.89 41.50
CA GLN C 331 1.99 -7.98 42.37
C GLN C 331 2.93 -7.05 43.12
N ARG C 332 4.04 -7.60 43.63
CA ARG C 332 5.01 -6.77 44.35
C ARG C 332 5.65 -5.75 43.42
N ILE C 333 5.93 -6.15 42.18
CA ILE C 333 6.50 -5.20 41.22
C ILE C 333 5.49 -4.10 40.89
N LEU C 334 4.23 -4.46 40.67
CA LEU C 334 3.21 -3.46 40.36
C LEU C 334 2.89 -2.54 41.53
N ASP C 335 3.09 -3.00 42.76
CA ASP C 335 2.78 -2.16 43.92
C ASP C 335 3.70 -0.95 44.02
N THR C 336 4.81 -0.94 43.28
CA THR C 336 5.75 0.19 43.31
C THR C 336 5.46 1.23 42.24
N ASN C 337 4.42 1.03 41.43
CA ASN C 337 4.03 1.97 40.38
C ASN C 337 5.19 2.23 39.42
N SER C 338 5.94 1.17 39.10
CA SER C 338 7.03 1.27 38.14
C SER C 338 6.55 1.13 36.70
N VAL C 339 5.40 0.50 36.49
CA VAL C 339 4.80 0.38 35.17
C VAL C 339 3.48 1.14 35.16
N LEU C 340 3.23 1.87 34.08
CA LEU C 340 2.00 2.61 33.94
C LEU C 340 1.46 2.44 32.54
N LEU C 341 0.15 2.59 32.40
CA LEU C 341 -0.53 2.48 31.12
C LEU C 341 -1.01 3.85 30.69
N THR C 342 -0.69 4.23 29.45
CA THR C 342 -1.10 5.51 28.90
C THR C 342 -2.40 5.37 28.12
N GLU C 343 -3.11 6.49 27.98
CA GLU C 343 -4.37 6.49 27.24
C GLU C 343 -4.15 6.09 25.79
N ARG C 344 -2.97 6.38 25.24
CA ARG C 344 -2.64 6.00 23.88
C ARG C 344 -2.30 4.53 23.72
N GLY C 345 -2.40 3.74 24.78
CA GLY C 345 -2.16 2.31 24.69
C GLY C 345 -0.73 1.87 24.86
N ASP C 346 0.16 2.76 25.31
CA ASP C 346 1.56 2.42 25.51
C ASP C 346 1.85 2.21 27.00
N HIS C 347 2.79 1.30 27.27
CA HIS C 347 3.22 0.99 28.63
C HIS C 347 4.53 1.72 28.89
N ILE C 348 4.52 2.60 29.89
CA ILE C 348 5.71 3.36 30.27
C ILE C 348 6.31 2.72 31.51
N VAL C 349 7.63 2.48 31.46
CA VAL C 349 8.36 1.87 32.56
C VAL C 349 9.30 2.90 33.16
N TRP C 350 9.89 2.55 34.30
CA TRP C 350 10.74 3.46 35.07
C TRP C 350 12.07 2.76 35.33
N ILE C 351 13.03 2.96 34.44
CA ILE C 351 14.37 2.40 34.56
C ILE C 351 15.37 3.52 34.50
N ASN C 352 16.31 3.54 35.45
CA ASN C 352 17.42 4.48 35.47
C ASN C 352 16.94 5.93 35.40
N ASN C 353 16.01 6.26 36.30
CA ASN C 353 15.55 7.64 36.49
C ASN C 353 15.02 8.25 35.19
N SER C 354 14.14 7.50 34.52
CA SER C 354 13.57 7.96 33.26
C SER C 354 12.30 7.18 32.91
N TRP C 355 11.22 7.89 32.61
CA TRP C 355 9.96 7.26 32.20
C TRP C 355 10.08 6.88 30.72
N LYS C 356 10.79 5.77 30.48
CA LYS C 356 11.01 5.28 29.14
C LYS C 356 9.79 4.50 28.64
N PHE C 357 9.72 4.34 27.32
CA PHE C 357 8.67 3.54 26.69
C PHE C 357 9.10 3.20 25.28
N ASN C 358 8.68 2.03 24.80
CA ASN C 358 8.99 1.58 23.44
C ASN C 358 7.83 0.70 22.99
N SER C 359 7.05 1.20 22.02
CA SER C 359 5.89 0.46 21.54
C SER C 359 6.30 -0.83 20.83
N GLU C 360 7.47 -0.83 20.18
CA GLU C 360 7.88 -2.00 19.42
C GLU C 360 8.37 -3.12 20.33
N GLU C 361 9.43 -2.86 21.10
CA GLU C 361 9.93 -3.83 22.05
C GLU C 361 9.72 -3.32 23.48
N PRO C 362 8.83 -3.92 24.26
CA PRO C 362 8.60 -3.44 25.62
C PRO C 362 9.82 -3.63 26.52
N LEU C 363 9.94 -2.72 27.48
CA LEU C 363 11.06 -2.71 28.42
C LEU C 363 10.69 -3.30 29.77
N ILE C 364 9.53 -3.96 29.88
CA ILE C 364 9.08 -4.47 31.17
C ILE C 364 10.04 -5.51 31.73
N THR C 365 10.58 -6.37 30.86
CA THR C 365 11.53 -7.38 31.32
C THR C 365 12.81 -6.74 31.86
N LYS C 366 13.28 -5.66 31.23
CA LYS C 366 14.42 -4.92 31.75
C LYS C 366 14.12 -4.41 33.15
N LEU C 367 12.92 -3.87 33.35
CA LEU C 367 12.53 -3.36 34.66
C LEU C 367 12.47 -4.48 35.69
N ILE C 368 11.96 -5.65 35.29
CA ILE C 368 11.92 -6.79 36.21
C ILE C 368 13.33 -7.16 36.64
N LEU C 369 14.24 -7.29 35.67
CA LEU C 369 15.61 -7.66 36.01
C LEU C 369 16.29 -6.60 36.87
N SER C 370 16.00 -5.32 36.64
CA SER C 370 16.58 -4.25 37.44
C SER C 370 16.04 -4.28 38.87
N ILE C 371 14.71 -4.39 39.01
CA ILE C 371 14.07 -4.36 40.31
C ILE C 371 14.24 -5.64 41.09
N ARG C 372 14.81 -6.68 40.47
CA ARG C 372 15.13 -7.94 41.15
C ARG C 372 15.77 -7.76 42.52
N HIS C 373 16.54 -6.68 42.70
CA HIS C 373 17.32 -6.52 43.93
C HIS C 373 16.48 -6.14 45.14
N GLN C 374 15.32 -5.50 44.95
CA GLN C 374 14.52 -5.05 46.06
C GLN C 374 13.57 -6.12 46.60
N LEU C 375 13.57 -7.30 46.02
CA LEU C 375 12.70 -8.39 46.44
C LEU C 375 13.45 -9.37 47.34
N PRO C 376 12.73 -10.16 48.13
CA PRO C 376 13.40 -11.14 48.99
C PRO C 376 14.19 -12.15 48.17
N LYS C 377 15.25 -12.68 48.78
CA LYS C 377 16.19 -13.53 48.06
C LYS C 377 15.51 -14.77 47.50
N GLU C 378 14.45 -15.25 48.17
CA GLU C 378 13.72 -16.40 47.64
C GLU C 378 13.04 -16.06 46.32
N TYR C 379 12.52 -14.85 46.18
CA TYR C 379 11.92 -14.43 44.93
C TYR C 379 12.97 -13.96 43.93
N SER C 380 13.98 -13.23 44.42
CA SER C 380 14.97 -12.62 43.54
C SER C 380 15.82 -13.65 42.80
N SER C 381 15.90 -14.89 43.27
CA SER C 381 16.68 -15.91 42.60
C SER C 381 15.96 -16.54 41.41
N GLU C 382 14.69 -16.19 41.19
CA GLU C 382 13.91 -16.76 40.11
C GLU C 382 13.85 -15.87 38.88
N LEU C 383 14.10 -14.58 39.03
CA LEU C 383 14.06 -13.66 37.90
C LEU C 383 15.27 -13.78 36.99
N LEU C 384 16.16 -14.75 37.21
CA LEU C 384 17.31 -14.93 36.33
C LEU C 384 16.99 -15.75 35.11
N CYS C 385 15.90 -16.51 35.13
CA CYS C 385 15.52 -17.33 33.98
C CYS C 385 14.66 -16.51 33.03
N PRO C 386 14.99 -16.44 31.74
CA PRO C 386 14.30 -15.51 30.83
C PRO C 386 12.82 -15.79 30.63
N ARG C 387 12.35 -17.02 30.86
CA ARG C 387 10.94 -17.33 30.67
C ARG C 387 10.09 -17.03 31.90
N LYS C 388 10.66 -17.13 33.10
CA LYS C 388 9.95 -16.63 34.28
C LYS C 388 9.71 -15.13 34.17
N ARG C 389 10.69 -14.41 33.63
CA ARG C 389 10.52 -12.98 33.40
C ARG C 389 9.39 -12.71 32.41
N LYS C 390 9.30 -13.51 31.35
CA LYS C 390 8.21 -13.35 30.39
C LYS C 390 6.86 -13.64 31.03
N THR C 391 6.79 -14.66 31.88
CA THR C 391 5.54 -14.96 32.58
C THR C 391 5.13 -13.80 33.48
N VAL C 392 6.08 -13.24 34.22
CA VAL C 392 5.78 -12.10 35.08
C VAL C 392 5.37 -10.89 34.25
N GLU C 393 5.99 -10.72 33.08
CA GLU C 393 5.58 -9.64 32.18
C GLU C 393 4.15 -9.82 31.70
N ALA C 394 3.77 -11.06 31.36
CA ALA C 394 2.40 -11.31 30.95
C ALA C 394 1.43 -11.00 32.07
N ASN C 395 1.76 -11.41 33.29
CA ASN C 395 0.91 -11.09 34.43
C ASN C 395 0.79 -9.59 34.62
N ILE C 396 1.91 -8.87 34.52
CA ILE C 396 1.90 -7.41 34.71
C ILE C 396 1.02 -6.75 33.66
N ARG C 397 1.18 -7.16 32.40
CA ARG C 397 0.36 -6.59 31.33
C ARG C 397 -1.11 -6.95 31.48
N ASP C 398 -1.41 -8.08 32.14
CA ASP C 398 -2.81 -8.43 32.40
C ASP C 398 -3.41 -7.60 33.53
N MET C 399 -2.61 -7.29 34.56
CA MET C 399 -3.14 -6.59 35.73
C MET C 399 -3.17 -5.07 35.58
N LEU C 400 -2.73 -4.52 34.43
CA LEU C 400 -2.83 -3.09 34.17
C LEU C 400 -4.10 -2.86 33.36
N VAL C 401 -5.18 -2.48 34.05
CA VAL C 401 -6.48 -2.35 33.42
C VAL C 401 -6.82 -0.90 33.09
N ASP C 402 -6.54 0.02 34.01
CA ASP C 402 -6.92 1.42 33.85
C ASP C 402 -5.70 2.28 33.55
N SER C 403 -5.90 3.32 32.76
CA SER C 403 -4.84 4.23 32.37
C SER C 403 -4.77 5.42 33.33
N VAL C 404 -3.66 6.16 33.23
CA VAL C 404 -3.41 7.32 34.07
C VAL C 404 -3.09 8.52 33.18
N GLU C 405 -3.27 9.71 33.73
CA GLU C 405 -3.00 10.95 33.00
C GLU C 405 -1.53 11.31 33.20
N THR C 406 -0.80 11.40 32.09
CA THR C 406 0.62 11.71 32.12
C THR C 406 0.87 13.13 31.63
N ASP C 407 2.01 13.70 32.04
CA ASP C 407 2.43 15.04 31.67
C ASP C 407 1.38 16.08 32.09
N THR C 408 1.01 16.01 33.36
CA THR C 408 0.05 16.94 33.93
C THR C 408 0.71 18.17 34.56
N TYR C 409 2.04 18.20 34.66
CA TYR C 409 2.73 19.31 35.29
C TYR C 409 3.37 20.19 34.23
N PRO C 410 2.94 21.44 34.08
CA PRO C 410 3.52 22.31 33.04
C PRO C 410 4.77 23.03 33.51
N ASP C 411 4.93 23.18 34.82
CA ASP C 411 6.04 23.92 35.40
C ASP C 411 7.28 23.07 35.63
N LYS C 412 7.41 21.95 34.91
CA LYS C 412 8.56 21.08 35.03
C LYS C 412 9.21 20.88 33.66
N LEU C 413 10.53 20.87 33.65
CA LEU C 413 11.29 20.62 32.42
C LEU C 413 12.00 19.29 32.53
N PRO C 414 11.63 18.28 31.73
CA PRO C 414 12.23 16.96 31.89
C PRO C 414 13.62 16.84 31.26
N PHE C 415 14.51 16.12 31.92
CA PHE C 415 15.85 15.86 31.42
C PHE C 415 16.05 14.35 31.25
N LYS C 416 17.28 13.97 30.90
CA LYS C 416 17.60 12.55 30.71
C LYS C 416 17.82 11.82 32.02
N ASN C 417 18.09 12.53 33.12
CA ASN C 417 18.34 11.88 34.40
C ASN C 417 17.67 12.66 35.54
N GLY C 418 16.65 13.45 35.24
CA GLY C 418 15.97 14.21 36.27
C GLY C 418 15.03 15.21 35.64
N VAL C 419 14.50 16.09 36.50
CA VAL C 419 13.63 17.17 36.06
C VAL C 419 14.11 18.47 36.69
N LEU C 420 13.65 19.58 36.10
CA LEU C 420 13.96 20.92 36.60
C LEU C 420 12.66 21.61 36.97
N ASP C 421 12.62 22.14 38.20
CA ASP C 421 11.50 22.93 38.69
C ASP C 421 11.86 24.40 38.49
N LEU C 422 11.13 25.07 37.60
CA LEU C 422 11.43 26.46 37.25
C LEU C 422 10.93 27.43 38.32
N VAL C 423 9.87 27.07 39.06
CA VAL C 423 9.38 27.97 40.10
C VAL C 423 10.42 28.13 41.20
N ASP C 424 11.17 27.07 41.50
CA ASP C 424 12.28 27.14 42.45
C ASP C 424 13.63 26.94 41.80
N GLY C 425 13.69 26.55 40.53
CA GLY C 425 14.95 26.28 39.87
C GLY C 425 15.73 25.15 40.50
N MET C 426 15.04 24.06 40.84
CA MET C 426 15.65 22.95 41.57
C MET C 426 15.68 21.69 40.70
N PHE C 427 16.79 20.97 40.76
CA PHE C 427 16.96 19.75 39.97
C PHE C 427 16.59 18.54 40.83
N TYR C 428 15.64 17.75 40.34
CA TYR C 428 15.18 16.56 41.03
C TYR C 428 15.67 15.32 40.29
N SER C 429 16.22 14.37 41.05
CA SER C 429 16.68 13.10 40.51
C SER C 429 16.16 11.97 41.39
N GLY C 430 16.13 10.77 40.81
CA GLY C 430 15.64 9.64 41.57
C GLY C 430 14.14 9.70 41.82
N ASP C 431 13.73 9.10 42.94
CA ASP C 431 12.32 9.07 43.30
C ASP C 431 11.77 10.47 43.53
N ASP C 432 12.65 11.45 43.75
CA ASP C 432 12.20 12.83 43.86
C ASP C 432 11.53 13.32 42.58
N ALA C 433 11.81 12.68 41.44
CA ALA C 433 11.10 12.96 40.19
C ALA C 433 10.61 11.63 39.61
N LYS C 434 9.50 11.15 40.13
CA LYS C 434 8.70 10.08 39.55
C LYS C 434 7.22 10.42 39.55
N LYS C 435 6.78 11.21 40.54
CA LYS C 435 5.41 11.72 40.52
C LYS C 435 5.14 12.55 39.28
N TYR C 436 6.11 13.37 38.89
CA TYR C 436 6.00 14.17 37.68
C TYR C 436 6.20 13.27 36.46
N THR C 437 5.11 12.66 35.98
CA THR C 437 5.20 11.71 34.87
C THR C 437 5.48 12.46 33.59
N CYS C 438 6.76 12.54 33.22
CA CYS C 438 7.20 13.23 32.00
C CYS C 438 7.76 12.18 31.04
N THR C 439 6.96 11.83 30.03
CA THR C 439 7.37 10.83 29.05
C THR C 439 8.43 11.36 28.08
N VAL C 440 8.26 12.57 27.58
CA VAL C 440 9.18 13.17 26.64
C VAL C 440 10.33 13.79 27.42
N SER C 441 11.51 13.84 26.80
CA SER C 441 12.70 14.35 27.46
C SER C 441 13.37 15.38 26.54
N THR C 442 14.57 15.81 26.94
CA THR C 442 15.32 16.83 26.22
C THR C 442 16.45 16.24 25.38
N GLY C 443 17.02 15.12 25.79
CA GLY C 443 18.06 14.44 25.02
C GLY C 443 19.44 14.49 25.61
N PHE C 444 19.64 15.07 26.79
CA PHE C 444 20.97 15.11 27.39
C PHE C 444 20.83 15.17 28.91
N LYS C 445 21.91 14.78 29.59
CA LYS C 445 21.92 14.77 31.05
C LYS C 445 22.06 16.20 31.57
N PHE C 446 22.05 16.34 32.89
CA PHE C 446 22.12 17.64 33.54
C PHE C 446 23.25 17.63 34.57
N ASP C 447 24.10 18.65 34.50
CA ASP C 447 25.21 18.83 35.45
C ASP C 447 25.13 20.27 35.96
N ASP C 448 24.70 20.43 37.22
CA ASP C 448 24.44 21.74 37.79
C ASP C 448 25.71 22.54 38.07
N THR C 449 26.89 21.93 37.98
CA THR C 449 28.12 22.68 38.21
C THR C 449 28.35 23.74 37.15
N LYS C 450 27.89 23.49 35.92
CA LYS C 450 28.00 24.44 34.82
C LYS C 450 26.72 25.24 34.62
N PHE C 451 25.80 25.19 35.58
CA PHE C 451 24.52 25.88 35.51
C PHE C 451 24.54 27.15 36.36
N VAL C 452 25.67 27.85 36.39
CA VAL C 452 25.86 29.04 37.22
C VAL C 452 26.35 30.17 36.33
N GLU C 453 25.99 31.42 36.70
CA GLU C 453 26.38 32.60 35.93
C GLU C 453 27.90 32.75 35.87
N ASP C 454 28.62 32.29 36.90
CA ASP C 454 30.06 32.54 37.01
C ASP C 454 30.81 31.70 35.99
N SER C 455 30.98 32.26 34.80
CA SER C 455 31.63 31.61 33.67
C SER C 455 31.82 32.64 32.58
N PRO C 456 32.88 32.56 31.72
CA PRO C 456 33.05 33.49 30.60
C PRO C 456 32.05 33.21 29.47
N GLU C 457 31.81 31.94 29.14
CA GLU C 457 30.80 31.70 28.11
C GLU C 457 29.49 32.37 28.46
N MET C 458 29.20 32.53 29.76
CA MET C 458 28.08 33.35 30.19
C MET C 458 28.21 34.77 29.68
N GLU C 459 29.39 35.39 29.83
CA GLU C 459 29.58 36.75 29.38
C GLU C 459 29.49 36.83 27.86
N GLU C 460 30.10 35.87 27.16
CA GLU C 460 30.02 35.87 25.69
C GLU C 460 28.58 35.75 25.21
N LEU C 461 27.81 34.84 25.82
CA LEU C 461 26.43 34.63 25.38
C LEU C 461 25.56 35.84 25.72
N MET C 462 25.77 36.45 26.89
CA MET C 462 25.02 37.65 27.23
C MET C 462 25.36 38.80 26.29
N ASN C 463 26.63 38.92 25.91
CA ASN C 463 27.01 39.92 24.92
C ASN C 463 26.31 39.64 23.59
N ILE C 464 26.26 38.37 23.18
CA ILE C 464 25.57 38.01 21.94
C ILE C 464 24.10 38.37 22.01
N ILE C 465 23.48 38.13 23.17
CA ILE C 465 22.04 38.40 23.30
C ILE C 465 21.76 39.90 23.27
N ASN C 466 22.53 40.68 24.02
CA ASN C 466 22.36 42.12 23.97
C ASN C 466 22.74 42.69 22.61
N ASP C 467 23.59 42.00 21.87
CA ASP C 467 23.98 42.42 20.53
C ASP C 467 22.85 42.16 19.53
N ILE C 468 22.21 40.99 19.62
CA ILE C 468 21.10 40.67 18.73
C ILE C 468 19.90 41.55 19.04
N GLN C 469 19.70 41.88 20.32
CA GLN C 469 18.60 42.74 20.76
C GLN C 469 19.18 43.77 21.72
N PRO C 470 19.35 45.02 21.28
CA PRO C 470 20.01 46.02 22.14
C PRO C 470 19.24 46.22 23.45
N LEU C 471 19.99 46.29 24.55
CA LEU C 471 19.40 46.52 25.88
C LEU C 471 19.34 48.03 26.12
N THR C 472 18.44 48.66 25.37
CA THR C 472 18.30 50.12 25.41
C THR C 472 16.84 50.51 25.59
N ASP C 473 16.55 51.81 25.47
CA ASP C 473 15.19 52.31 25.61
C ASP C 473 14.44 52.38 24.29
N GLU C 474 15.15 52.49 23.16
CA GLU C 474 14.48 52.50 21.86
C GLU C 474 13.94 51.13 21.49
N ASN C 475 14.49 50.06 22.07
CA ASN C 475 14.05 48.70 21.79
C ASN C 475 13.68 47.99 23.09
N LYS C 476 12.93 48.67 23.95
CA LYS C 476 12.58 48.10 25.25
C LYS C 476 11.46 47.08 25.12
N LYS C 477 10.32 47.50 24.57
CA LYS C 477 9.17 46.59 24.45
C LYS C 477 9.49 45.42 23.55
N ASN C 478 10.23 45.66 22.46
CA ASN C 478 10.64 44.57 21.58
C ASN C 478 11.50 43.56 22.32
N ARG C 479 12.46 44.04 23.11
CA ARG C 479 13.32 43.14 23.86
C ARG C 479 12.52 42.34 24.89
N GLU C 480 11.60 43.00 25.60
CA GLU C 480 10.83 42.28 26.61
C GLU C 480 9.91 41.24 25.98
N LEU C 481 9.30 41.57 24.84
CA LEU C 481 8.44 40.59 24.16
C LEU C 481 9.27 39.44 23.61
N TYR C 482 10.46 39.73 23.09
CA TYR C 482 11.35 38.67 22.63
C TYR C 482 11.73 37.73 23.77
N GLU C 483 12.08 38.31 24.93
CA GLU C 483 12.41 37.50 26.09
C GLU C 483 11.21 36.66 26.53
N LYS C 484 10.03 37.26 26.57
CA LYS C 484 8.82 36.54 26.98
C LYS C 484 8.55 35.36 26.05
N THR C 485 8.59 35.61 24.74
CA THR C 485 8.29 34.56 23.77
C THR C 485 9.32 33.44 23.82
N LEU C 486 10.61 33.78 23.91
CA LEU C 486 11.62 32.75 23.97
C LEU C 486 11.54 31.95 25.27
N SER C 487 11.23 32.61 26.39
CA SER C 487 11.15 31.92 27.67
C SER C 487 9.88 31.08 27.80
N SER C 488 8.83 31.41 27.06
CA SER C 488 7.60 30.61 27.13
C SER C 488 7.81 29.19 26.62
N CYS C 489 8.91 28.93 25.92
CA CYS C 489 9.21 27.63 25.36
C CYS C 489 9.55 26.57 26.41
N LEU C 490 9.57 26.91 27.70
CA LEU C 490 9.83 25.94 28.75
C LEU C 490 8.56 25.47 29.47
N CYS C 491 7.47 26.22 29.39
CA CYS C 491 6.24 25.85 30.09
C CYS C 491 5.57 24.70 29.34
N GLY C 492 5.37 23.58 30.05
CA GLY C 492 4.77 22.41 29.44
C GLY C 492 3.26 22.44 29.42
N ALA C 493 2.68 23.50 28.87
CA ALA C 493 1.23 23.60 28.75
C ALA C 493 0.85 24.17 27.38
N THR C 494 -0.46 24.35 27.16
CA THR C 494 -0.93 24.93 25.91
C THR C 494 -0.65 26.42 25.87
N LYS C 495 -0.50 26.94 24.65
CA LYS C 495 -0.28 28.36 24.43
C LYS C 495 -1.24 28.86 23.36
N GLY C 496 -1.74 30.07 23.54
CA GLY C 496 -2.75 30.61 22.65
C GLY C 496 -2.34 31.87 21.93
N CYS C 497 -1.07 31.95 21.51
CA CYS C 497 -0.58 33.11 20.78
C CYS C 497 0.56 32.69 19.87
N LEU C 498 0.42 32.99 18.58
CA LEU C 498 1.45 32.70 17.59
C LEU C 498 2.36 33.91 17.46
N THR C 499 3.67 33.69 17.58
CA THR C 499 4.64 34.78 17.52
C THR C 499 5.29 34.79 16.14
N PHE C 500 5.57 35.99 15.64
CA PHE C 500 6.21 36.18 14.35
C PHE C 500 7.56 36.85 14.54
N PHE C 501 8.58 36.32 13.86
CA PHE C 501 9.92 36.86 13.88
C PHE C 501 10.15 37.59 12.55
N PHE C 502 10.16 38.92 12.61
CA PHE C 502 10.22 39.75 11.41
C PHE C 502 11.60 40.41 11.33
N GLY C 503 12.23 40.31 10.17
CA GLY C 503 13.53 40.90 9.96
C GLY C 503 14.02 40.67 8.55
N GLU C 504 15.26 41.07 8.31
CA GLU C 504 15.89 40.97 7.00
C GLU C 504 16.84 39.79 6.98
N THR C 505 17.59 39.65 5.88
CA THR C 505 18.57 38.59 5.76
C THR C 505 19.74 38.84 6.71
N ALA C 506 20.22 37.77 7.34
CA ALA C 506 21.36 37.82 8.26
C ALA C 506 21.13 38.84 9.38
N THR C 507 20.06 38.59 10.13
CA THR C 507 19.67 39.47 11.22
C THR C 507 19.61 38.75 12.56
N GLY C 508 19.71 37.42 12.58
CA GLY C 508 19.83 36.66 13.80
C GLY C 508 18.72 35.67 14.08
N LYS C 509 17.82 35.44 13.14
CA LYS C 509 16.75 34.47 13.34
C LYS C 509 17.29 33.07 13.56
N SER C 510 18.06 32.58 12.58
CA SER C 510 18.58 31.22 12.67
C SER C 510 19.55 31.07 13.83
N THR C 511 20.23 32.15 14.21
CA THR C 511 21.10 32.07 15.39
C THR C 511 20.28 31.74 16.63
N THR C 512 19.16 32.43 16.83
CA THR C 512 18.27 32.11 17.94
C THR C 512 17.70 30.71 17.80
N LYS C 513 17.42 30.27 16.57
CA LYS C 513 16.90 28.92 16.38
C LYS C 513 17.90 27.87 16.83
N ARG C 514 19.17 28.01 16.43
CA ARG C 514 20.19 27.05 16.86
C ARG C 514 20.45 27.15 18.35
N LEU C 515 20.38 28.36 18.91
CA LEU C 515 20.54 28.50 20.36
C LEU C 515 19.43 27.75 21.10
N LEU C 516 18.19 27.88 20.63
CA LEU C 516 17.09 27.14 21.23
C LEU C 516 17.28 25.64 21.09
N LYS C 517 17.65 25.18 19.88
CA LYS C 517 17.82 23.76 19.66
C LYS C 517 18.97 23.18 20.50
N SER C 518 19.99 23.99 20.77
CA SER C 518 21.08 23.53 21.62
C SER C 518 20.69 23.55 23.08
N ALA C 519 19.87 24.51 23.50
CA ALA C 519 19.52 24.64 24.91
C ALA C 519 18.56 23.54 25.36
N ILE C 520 17.55 23.26 24.56
CA ILE C 520 16.45 22.38 24.96
C ILE C 520 16.45 21.06 24.18
N GLY C 521 16.84 21.08 22.92
CA GLY C 521 17.02 19.85 22.18
C GLY C 521 15.77 19.15 21.71
N ASP C 522 15.47 17.99 22.30
CA ASP C 522 14.39 17.15 21.80
C ASP C 522 13.01 17.79 21.95
N LEU C 523 12.85 18.74 22.86
CA LEU C 523 11.56 19.41 22.99
C LEU C 523 11.44 20.53 21.95
N PHE C 524 11.78 20.22 20.70
CA PHE C 524 11.87 21.23 19.66
C PHE C 524 11.85 20.55 18.30
N VAL C 525 10.94 20.96 17.43
CA VAL C 525 10.78 20.37 16.11
C VAL C 525 10.74 21.49 15.09
N GLU C 526 11.56 21.38 14.05
CA GLU C 526 11.59 22.35 12.97
C GLU C 526 10.72 21.86 11.82
N THR C 527 9.76 22.69 11.42
CA THR C 527 8.82 22.31 10.38
C THR C 527 8.94 23.22 9.16
N GLY C 528 8.08 23.02 8.17
CA GLY C 528 8.11 23.79 6.95
C GLY C 528 6.85 24.62 6.76
N GLN C 529 6.78 25.28 5.60
CA GLN C 529 5.67 26.14 5.24
C GLN C 529 4.36 25.39 5.10
N THR C 530 4.39 24.07 4.99
CA THR C 530 3.19 23.29 4.73
C THR C 530 2.13 23.46 5.82
N ILE C 531 2.55 23.86 7.02
CA ILE C 531 1.62 23.96 8.14
C ILE C 531 0.80 25.24 8.04
N LEU C 532 1.05 26.04 7.00
CA LEU C 532 0.33 27.29 6.79
C LEU C 532 -0.44 27.34 5.49
N THR C 533 -0.39 26.28 4.67
CA THR C 533 -1.03 26.29 3.37
C THR C 533 -2.01 25.15 3.12
N ASP C 534 -1.94 24.06 3.89
CA ASP C 534 -2.73 22.87 3.61
C ASP C 534 -3.59 22.52 4.83
N VAL C 535 -4.68 21.79 4.55
CA VAL C 535 -5.52 21.28 5.62
C VAL C 535 -4.75 20.22 6.41
N LEU C 536 -4.94 20.23 7.72
CA LEU C 536 -4.15 19.42 8.63
C LEU C 536 -4.71 18.02 8.83
N ASP C 537 -5.70 17.61 8.04
CA ASP C 537 -6.33 16.30 8.26
C ASP C 537 -6.53 15.53 6.96
N LYS C 538 -5.59 15.64 6.02
CA LYS C 538 -5.61 14.85 4.80
C LYS C 538 -4.29 14.11 4.64
N GLY C 539 -4.36 12.84 4.25
CA GLY C 539 -3.19 12.04 4.03
C GLY C 539 -2.42 11.75 5.31
N PRO C 540 -1.48 10.81 5.24
CA PRO C 540 -0.59 10.56 6.39
C PRO C 540 0.37 11.72 6.59
N ASN C 541 0.11 12.53 7.61
CA ASN C 541 0.91 13.71 7.85
C ASN C 541 1.51 13.69 9.26
N PRO C 542 2.82 13.49 9.39
CA PRO C 542 3.44 13.57 10.73
C PRO C 542 3.59 14.99 11.23
N PHE C 543 3.51 16.00 10.34
CA PHE C 543 3.71 17.38 10.74
C PHE C 543 2.62 17.88 11.68
N ILE C 544 1.53 17.13 11.83
CA ILE C 544 0.54 17.41 12.86
C ILE C 544 0.83 16.51 14.05
N ALA C 545 1.33 15.30 13.76
CA ALA C 545 1.60 14.32 14.81
C ALA C 545 2.93 14.53 15.51
N ASN C 546 3.92 15.11 14.83
CA ASN C 546 5.22 15.33 15.45
C ASN C 546 5.19 16.42 16.51
N MET C 547 4.11 17.19 16.61
CA MET C 547 3.95 18.20 17.63
C MET C 547 3.36 17.66 18.92
N HIS C 548 3.38 16.33 19.11
CA HIS C 548 2.90 15.74 20.34
C HIS C 548 3.82 16.06 21.50
N LEU C 549 3.33 16.85 22.46
CA LEU C 549 4.03 17.24 23.68
C LEU C 549 5.28 18.09 23.41
N LYS C 550 5.55 18.43 22.15
CA LYS C 550 6.67 19.30 21.84
C LYS C 550 6.39 20.71 22.35
N ARG C 551 7.42 21.36 22.91
CA ARG C 551 7.27 22.66 23.54
C ARG C 551 7.75 23.81 22.65
N SER C 552 7.98 23.55 21.36
CA SER C 552 8.42 24.60 20.46
C SER C 552 8.23 24.16 19.03
N VAL C 553 7.87 25.11 18.17
CA VAL C 553 7.77 24.91 16.73
C VAL C 553 8.33 26.15 16.06
N PHE C 554 9.44 26.01 15.36
CA PHE C 554 10.09 27.13 14.68
C PHE C 554 9.90 26.93 13.19
N CYS C 555 8.88 27.59 12.63
CA CYS C 555 8.50 27.43 11.24
C CYS C 555 9.34 28.35 10.37
N SER C 556 10.08 27.76 9.43
CA SER C 556 10.95 28.50 8.52
C SER C 556 10.50 28.25 7.08
N GLU C 557 11.32 28.73 6.13
CA GLU C 557 11.07 28.56 4.70
C GLU C 557 9.73 29.18 4.30
N LEU C 558 9.43 30.36 4.84
CA LEU C 558 8.24 31.08 4.42
C LEU C 558 8.55 31.93 3.20
N PRO C 559 7.83 31.77 2.10
CA PRO C 559 8.19 32.48 0.86
C PRO C 559 7.78 33.94 0.87
N ASP C 560 8.19 34.68 -0.15
CA ASP C 560 7.77 36.07 -0.31
C ASP C 560 6.32 36.08 -0.79
N PHE C 561 5.46 36.83 -0.11
CA PHE C 561 4.04 36.86 -0.39
C PHE C 561 3.66 37.91 -1.42
N ALA C 562 4.63 38.58 -2.03
CA ALA C 562 4.38 39.58 -3.07
C ALA C 562 4.58 38.99 -4.47
N CYS C 563 4.24 37.72 -4.65
CA CYS C 563 4.41 37.02 -5.92
C CYS C 563 3.10 36.33 -6.28
N SER C 564 3.15 35.55 -7.35
CA SER C 564 2.00 34.79 -7.84
C SER C 564 2.31 33.31 -7.71
N GLY C 565 1.35 32.55 -7.18
CA GLY C 565 1.52 31.13 -6.95
C GLY C 565 2.01 30.77 -5.57
N SER C 566 2.50 31.74 -4.80
CA SER C 566 2.91 31.49 -3.43
C SER C 566 1.69 31.54 -2.52
N LYS C 567 1.38 30.42 -1.87
CA LYS C 567 0.18 30.33 -1.04
C LYS C 567 0.30 31.26 0.16
N LYS C 568 -0.79 31.97 0.46
CA LYS C 568 -0.82 32.89 1.59
C LYS C 568 -1.06 32.11 2.88
N ILE C 569 -1.21 32.84 3.97
CA ILE C 569 -1.42 32.24 5.28
C ILE C 569 -2.92 32.12 5.54
N ARG C 570 -3.35 30.93 5.95
CA ARG C 570 -4.75 30.68 6.21
C ARG C 570 -5.11 31.07 7.63
N SER C 571 -6.27 31.73 7.76
CA SER C 571 -6.78 32.06 9.09
C SER C 571 -7.23 30.81 9.85
N ASP C 572 -7.82 29.84 9.16
CA ASP C 572 -8.27 28.62 9.82
C ASP C 572 -7.09 27.85 10.41
N ASN C 573 -5.97 27.80 9.69
CA ASN C 573 -4.79 27.12 10.23
C ASN C 573 -4.36 27.74 11.56
N ILE C 574 -4.23 29.07 11.58
CA ILE C 574 -3.79 29.76 12.79
C ILE C 574 -4.79 29.55 13.92
N LYS C 575 -6.09 29.63 13.61
CA LYS C 575 -7.10 29.38 14.63
C LYS C 575 -7.11 27.93 15.11
N LYS C 576 -6.57 27.00 14.32
CA LYS C 576 -6.49 25.60 14.76
C LYS C 576 -5.24 25.31 15.59
N LEU C 577 -4.09 25.91 15.25
CA LEU C 577 -2.87 25.61 16.00
C LEU C 577 -2.94 26.11 17.44
N THR C 578 -3.84 27.03 17.76
CA THR C 578 -3.95 27.60 19.09
C THR C 578 -4.90 26.84 20.00
N GLU C 579 -5.08 25.55 19.75
CA GLU C 579 -5.97 24.71 20.53
C GLU C 579 -5.18 23.74 21.39
N PRO C 580 -5.73 23.33 22.55
CA PRO C 580 -4.99 22.41 23.42
C PRO C 580 -4.72 21.06 22.79
N CYS C 581 -5.55 20.59 21.86
CA CYS C 581 -5.34 19.34 21.17
C CYS C 581 -5.53 19.56 19.67
N VAL C 582 -4.79 18.79 18.88
CA VAL C 582 -4.85 18.89 17.43
C VAL C 582 -5.26 17.54 16.86
N ILE C 583 -6.12 17.58 15.85
CA ILE C 583 -6.65 16.38 15.22
C ILE C 583 -5.78 16.07 14.00
N GLY C 584 -5.12 14.92 14.02
CA GLY C 584 -4.28 14.50 12.91
C GLY C 584 -3.70 13.11 13.12
N ARG C 585 -3.78 12.27 12.09
CA ARG C 585 -3.34 10.89 12.20
C ARG C 585 -2.05 10.68 11.43
N PRO C 586 -1.04 10.03 12.03
CA PRO C 586 0.20 9.75 11.31
C PRO C 586 0.04 8.62 10.30
N CYS C 587 1.13 8.21 9.66
CA CYS C 587 1.08 7.08 8.75
C CYS C 587 0.87 5.79 9.53
N PHE C 588 -0.03 4.94 9.03
CA PHE C 588 -0.34 3.65 9.64
C PHE C 588 -0.68 3.82 11.12
N SER C 589 -1.62 4.72 11.39
CA SER C 589 -2.05 4.98 12.76
C SER C 589 -3.45 5.56 12.73
N ASN C 590 -4.18 5.35 13.83
CA ASN C 590 -5.55 5.81 13.97
C ASN C 590 -5.72 6.92 15.01
N LYS C 591 -4.74 7.13 15.87
CA LYS C 591 -4.84 8.15 16.92
C LYS C 591 -4.71 9.52 16.29
N ILE C 592 -5.85 10.19 16.09
CA ILE C 592 -5.86 11.52 15.51
C ILE C 592 -5.55 12.62 16.52
N ASN C 593 -5.72 12.34 17.81
CA ASN C 593 -5.54 13.33 18.86
C ASN C 593 -4.07 13.46 19.21
N ASN C 594 -3.57 14.70 19.28
CA ASN C 594 -2.21 14.98 19.73
C ASN C 594 -2.24 16.20 20.63
N ARG C 595 -1.71 16.07 21.84
CA ARG C 595 -1.67 17.17 22.77
C ARG C 595 -0.61 18.18 22.33
N ASN C 596 -0.99 19.46 22.30
CA ASN C 596 -0.14 20.52 21.77
C ASN C 596 0.35 21.40 22.91
N HIS C 597 1.67 21.50 23.05
CA HIS C 597 2.31 22.36 24.04
C HIS C 597 3.34 23.29 23.41
N ALA C 598 3.23 23.55 22.12
CA ALA C 598 4.29 24.20 21.37
C ALA C 598 4.05 25.70 21.25
N THR C 599 5.10 26.48 21.54
CA THR C 599 5.10 27.91 21.26
C THR C 599 5.49 28.10 19.80
N ILE C 600 4.54 28.52 18.98
CA ILE C 600 4.72 28.56 17.54
C ILE C 600 5.30 29.92 17.16
N ILE C 601 6.58 29.92 16.81
CA ILE C 601 7.30 31.11 16.36
C ILE C 601 7.59 30.91 14.88
N ILE C 602 6.93 31.70 14.05
CA ILE C 602 7.11 31.64 12.61
C ILE C 602 8.07 32.76 12.22
N ASP C 603 9.22 32.39 11.64
CA ASP C 603 10.19 33.39 11.22
C ASP C 603 9.93 33.77 9.77
N THR C 604 9.86 35.07 9.51
CA THR C 604 9.57 35.58 8.17
C THR C 604 10.66 36.55 7.76
N ASN C 605 10.74 36.83 6.46
CA ASN C 605 11.66 37.79 5.90
C ASN C 605 10.97 39.02 5.33
N TYR C 606 9.68 38.93 5.02
CA TYR C 606 8.93 40.01 4.41
C TYR C 606 7.60 40.18 5.15
N LYS C 607 6.80 41.12 4.68
CA LYS C 607 5.48 41.39 5.23
C LYS C 607 4.55 40.20 5.01
N PRO C 608 3.88 39.70 6.05
CA PRO C 608 2.92 38.61 5.88
C PRO C 608 1.56 39.10 5.44
N VAL C 609 0.84 38.22 4.75
CA VAL C 609 -0.54 38.44 4.34
C VAL C 609 -1.32 37.17 4.61
N PHE C 610 -2.54 37.32 5.14
CA PHE C 610 -3.35 36.20 5.57
C PHE C 610 -4.53 35.99 4.63
N ASP C 611 -5.20 34.85 4.79
CA ASP C 611 -6.34 34.53 3.96
C ASP C 611 -7.47 35.54 4.15
N ARG C 612 -7.72 35.93 5.39
CA ARG C 612 -8.70 36.97 5.70
C ARG C 612 -8.24 37.73 6.93
N ILE C 613 -8.69 38.97 7.04
CA ILE C 613 -8.33 39.85 8.15
C ILE C 613 -9.63 40.21 8.87
N ASP C 614 -9.69 39.89 10.16
CA ASP C 614 -10.89 40.11 10.96
C ASP C 614 -10.47 40.22 12.43
N ASN C 615 -11.45 40.47 13.30
CA ASN C 615 -11.17 40.63 14.72
C ASN C 615 -10.85 39.31 15.39
N ALA C 616 -11.30 38.19 14.80
CA ALA C 616 -11.04 36.89 15.41
C ALA C 616 -9.58 36.50 15.35
N LEU C 617 -8.77 37.22 14.58
CA LEU C 617 -7.38 36.86 14.36
C LEU C 617 -6.39 37.73 15.11
N MET C 618 -6.65 39.03 15.29
CA MET C 618 -5.58 39.86 15.86
C MET C 618 -5.39 39.61 17.35
N ARG C 619 -6.16 38.72 17.97
CA ARG C 619 -6.01 38.41 19.38
C ARG C 619 -5.09 37.22 19.63
N ARG C 620 -4.50 36.67 18.57
CA ARG C 620 -3.61 35.52 18.69
C ARG C 620 -2.27 35.69 18.00
N ILE C 621 -2.01 36.82 17.35
CA ILE C 621 -0.82 36.99 16.52
C ILE C 621 0.03 38.11 17.12
N ALA C 622 1.31 37.81 17.36
CA ALA C 622 2.28 38.79 17.83
C ALA C 622 3.50 38.78 16.91
N VAL C 623 4.16 39.92 16.81
CA VAL C 623 5.30 40.07 15.91
C VAL C 623 6.38 40.90 16.61
N VAL C 624 7.64 40.52 16.37
CA VAL C 624 8.79 41.26 16.87
C VAL C 624 9.70 41.56 15.67
N ARG C 625 10.53 42.57 15.84
CA ARG C 625 11.41 43.05 14.77
C ARG C 625 12.87 42.84 15.14
N PHE C 626 13.69 42.55 14.13
CA PHE C 626 15.14 42.46 14.28
C PHE C 626 15.78 43.45 13.32
N ARG C 627 16.61 44.35 13.85
CA ARG C 627 17.16 45.44 13.06
C ARG C 627 18.67 45.54 13.20
N THR C 628 19.35 44.41 13.33
CA THR C 628 20.81 44.39 13.45
C THR C 628 21.35 43.27 12.55
N HIS C 629 22.17 43.65 11.58
CA HIS C 629 22.68 42.73 10.57
C HIS C 629 24.18 42.56 10.73
N PHE C 630 24.67 41.37 10.42
CA PHE C 630 26.09 41.03 10.58
C PHE C 630 26.72 40.79 9.21
N SER C 631 27.82 41.49 8.95
CA SER C 631 28.58 41.32 7.73
C SER C 631 30.07 41.21 8.03
N GLN C 632 30.79 40.55 7.13
CA GLN C 632 32.22 40.35 7.31
C GLN C 632 32.96 41.67 7.21
N PRO C 633 34.16 41.76 7.78
CA PRO C 633 34.93 43.01 7.69
C PRO C 633 35.23 43.42 6.26
N SER C 634 35.26 42.47 5.32
CA SER C 634 35.36 42.83 3.92
C SER C 634 34.15 43.63 3.48
N GLY C 635 32.96 43.24 3.94
CA GLY C 635 31.75 43.97 3.64
C GLY C 635 31.32 44.90 4.74
N ARG C 636 32.26 45.25 5.63
CA ARG C 636 31.95 46.15 6.74
C ARG C 636 31.39 47.47 6.25
N GLU C 637 32.21 48.23 5.49
CA GLU C 637 31.72 49.47 4.92
C GLU C 637 30.62 49.23 3.90
N ALA C 638 30.66 48.09 3.20
CA ALA C 638 29.60 47.73 2.28
C ALA C 638 28.27 47.52 3.00
N ALA C 639 28.30 47.20 4.29
CA ALA C 639 27.09 47.02 5.08
C ALA C 639 26.90 48.08 6.16
N GLU C 640 27.86 48.99 6.35
CA GLU C 640 27.73 50.09 7.29
C GLU C 640 26.93 51.26 6.72
N ASN C 641 26.30 51.06 5.57
CA ASN C 641 25.59 52.14 4.88
C ASN C 641 24.22 51.65 4.39
N ASN C 642 23.49 50.95 5.27
CA ASN C 642 22.21 50.37 4.91
C ASN C 642 21.11 50.92 5.80
N ASP C 643 19.90 50.99 5.24
CA ASP C 643 18.74 51.54 5.94
C ASP C 643 18.00 50.50 6.77
N ALA C 644 17.96 49.25 6.32
CA ALA C 644 17.20 48.22 7.00
C ALA C 644 17.79 47.84 8.35
N TYR C 645 19.01 48.29 8.67
CA TYR C 645 19.68 47.90 9.90
C TYR C 645 20.14 49.14 10.64
N ASP C 646 20.67 48.93 11.85
CA ASP C 646 21.18 50.02 12.67
C ASP C 646 22.55 49.77 13.26
N LYS C 647 22.98 48.53 13.44
CA LYS C 647 24.33 48.22 13.91
C LYS C 647 24.84 46.99 13.16
N VAL C 648 26.10 47.04 12.76
CA VAL C 648 26.71 45.97 11.96
C VAL C 648 28.04 45.60 12.57
N LYS C 649 28.11 44.44 13.23
CA LYS C 649 29.37 43.89 13.68
C LYS C 649 29.87 42.88 12.63
N LEU C 650 30.89 42.09 12.96
CA LEU C 650 31.53 41.19 12.02
C LEU C 650 30.97 39.78 12.17
N LEU C 651 30.90 39.05 11.05
CA LEU C 651 30.51 37.65 11.07
C LEU C 651 31.51 36.82 11.87
N ASP C 652 31.04 36.14 12.90
CA ASP C 652 31.91 35.29 13.72
C ASP C 652 31.72 33.83 13.32
N GLU C 653 32.77 33.24 12.76
CA GLU C 653 32.72 31.82 12.41
C GLU C 653 32.79 30.94 13.64
N GLY C 654 33.60 31.33 14.63
CA GLY C 654 33.68 30.59 15.87
C GLY C 654 32.42 30.61 16.70
N LEU C 655 31.52 31.56 16.45
CA LEU C 655 30.24 31.58 17.15
C LEU C 655 29.44 30.32 16.86
N ASP C 656 29.27 30.00 15.58
CA ASP C 656 28.59 28.76 15.18
C ASP C 656 29.38 27.53 15.53
N GLY C 657 30.70 27.65 15.71
CA GLY C 657 31.55 26.53 16.06
C GLY C 657 31.11 25.81 17.33
N LYS C 658 31.15 26.51 18.46
CA LYS C 658 30.70 25.91 19.71
C LYS C 658 29.20 26.07 19.87
N ILE C 659 28.44 25.69 18.83
CA ILE C 659 26.99 25.62 18.88
C ILE C 659 26.50 24.22 18.59
N GLN C 660 27.04 23.58 17.55
CA GLN C 660 26.80 22.17 17.36
C GLN C 660 27.56 21.33 18.38
N ASN C 661 28.72 21.83 18.84
CA ASN C 661 29.40 21.22 19.97
C ASN C 661 28.69 21.49 21.29
N ASN C 662 27.73 22.44 21.29
CA ASN C 662 26.81 22.63 22.40
C ASN C 662 27.52 23.11 23.66
N ARG C 663 28.59 23.90 23.49
CA ARG C 663 29.18 24.56 24.65
C ARG C 663 28.28 25.67 25.17
N TYR C 664 27.59 26.36 24.27
CA TYR C 664 26.64 27.41 24.65
C TYR C 664 25.23 26.84 24.79
N ARG C 665 25.12 25.80 25.63
CA ARG C 665 23.85 25.11 25.83
C ARG C 665 23.28 25.39 27.21
N PHE C 666 24.05 25.17 28.28
CA PHE C 666 23.52 25.35 29.62
C PHE C 666 23.36 26.82 29.98
N ALA C 667 24.20 27.68 29.40
CA ALA C 667 24.09 29.11 29.66
C ALA C 667 22.75 29.66 29.16
N PHE C 668 22.39 29.33 27.92
CA PHE C 668 21.13 29.77 27.37
C PHE C 668 19.96 29.19 28.17
N LEU C 669 20.11 27.96 28.66
CA LEU C 669 19.11 27.39 29.54
C LEU C 669 18.95 28.23 30.81
N TYR C 670 20.07 28.70 31.35
CA TYR C 670 19.99 29.54 32.55
C TYR C 670 19.30 30.86 32.25
N LEU C 671 19.59 31.47 31.10
CA LEU C 671 18.87 32.70 30.73
C LEU C 671 17.38 32.43 30.58
N LEU C 672 17.03 31.31 29.95
CA LEU C 672 15.61 30.99 29.77
C LEU C 672 14.92 30.78 31.11
N VAL C 673 15.59 30.11 32.05
CA VAL C 673 15.02 29.92 33.38
C VAL C 673 14.86 31.26 34.09
N LYS C 674 15.85 32.14 33.97
CA LYS C 674 15.77 33.47 34.57
C LYS C 674 14.58 34.26 34.02
N TRP C 675 14.41 34.24 32.70
CA TRP C 675 13.31 34.97 32.08
C TRP C 675 11.96 34.35 32.44
N TYR C 676 11.89 33.02 32.58
CA TYR C 676 10.67 32.38 33.02
C TYR C 676 10.30 32.81 34.43
N LYS C 677 11.29 32.83 35.34
CA LYS C 677 11.05 33.34 36.68
C LYS C 677 10.67 34.81 36.68
N LYS C 678 11.16 35.58 35.71
CA LYS C 678 10.84 37.00 35.62
C LYS C 678 9.44 37.28 35.09
N TYR C 679 8.94 36.46 34.17
CA TYR C 679 7.70 36.78 33.45
C TYR C 679 6.55 35.81 33.66
N HIS C 680 6.81 34.54 33.95
CA HIS C 680 5.76 33.52 33.88
C HIS C 680 5.54 32.79 35.21
N ILE C 681 5.83 33.41 36.34
CA ILE C 681 5.60 32.76 37.63
C ILE C 681 4.12 32.78 37.99
N PRO C 682 3.45 33.95 38.09
CA PRO C 682 2.05 33.94 38.52
C PRO C 682 1.11 33.28 37.51
N ILE C 683 1.13 33.74 36.27
CA ILE C 683 0.26 33.22 35.23
C ILE C 683 1.05 33.14 33.92
N MET C 684 0.88 32.03 33.19
CA MET C 684 1.47 31.88 31.88
C MET C 684 0.47 32.35 30.83
N LYS C 685 0.78 33.45 30.15
CA LYS C 685 -0.13 34.01 29.16
C LYS C 685 0.59 34.97 28.23
N LEU C 686 0.43 34.78 26.92
CA LEU C 686 1.07 35.63 25.92
C LEU C 686 0.01 36.56 25.33
N TYR C 687 0.31 37.86 25.34
CA TYR C 687 -0.64 38.87 24.88
C TYR C 687 -0.30 39.30 23.46
N PRO C 688 -1.29 39.35 22.58
CA PRO C 688 -1.01 39.73 21.19
C PRO C 688 -0.63 41.20 21.08
N THR C 689 0.08 41.52 19.99
CA THR C 689 0.49 42.88 19.69
C THR C 689 0.07 43.22 18.26
N PRO C 690 -1.22 43.50 18.03
CA PRO C 690 -1.67 43.85 16.68
C PRO C 690 -1.38 45.29 16.29
N GLU C 691 -0.54 46.00 17.03
CA GLU C 691 -0.27 47.41 16.77
C GLU C 691 0.91 47.64 15.82
N GLU C 692 1.51 46.57 15.29
CA GLU C 692 2.67 46.69 14.43
C GLU C 692 2.44 46.21 13.02
N ILE C 693 1.65 45.15 12.82
CA ILE C 693 1.45 44.59 11.49
C ILE C 693 0.72 45.62 10.63
N GLY D 323 -15.16 -32.54 34.23
CA GLY D 323 -14.04 -32.86 33.35
C GLY D 323 -13.07 -31.71 33.20
N ASN D 324 -13.05 -31.09 32.02
CA ASN D 324 -12.17 -29.96 31.75
C ASN D 324 -12.71 -28.75 32.51
N LYS D 325 -12.06 -28.44 33.64
CA LYS D 325 -12.53 -27.35 34.48
C LYS D 325 -12.32 -25.99 33.82
N LEU D 326 -11.31 -25.87 32.95
CA LEU D 326 -11.12 -24.63 32.19
C LEU D 326 -12.29 -24.39 31.25
N PHE D 327 -12.87 -25.45 30.69
CA PHE D 327 -14.09 -25.32 29.90
C PHE D 327 -15.23 -24.78 30.75
N ASN D 328 -15.34 -25.25 32.00
CA ASN D 328 -16.35 -24.73 32.91
C ASN D 328 -16.13 -23.26 33.21
N ILE D 329 -14.87 -22.86 33.43
CA ILE D 329 -14.56 -21.46 33.68
C ILE D 329 -14.93 -20.61 32.49
N ALA D 330 -14.63 -21.10 31.28
CA ALA D 330 -15.01 -20.36 30.08
C ALA D 330 -16.52 -20.21 29.96
N GLN D 331 -17.27 -21.26 30.26
CA GLN D 331 -18.73 -21.16 30.23
C GLN D 331 -19.25 -20.16 31.25
N ARG D 332 -18.72 -20.20 32.48
CA ARG D 332 -19.17 -19.28 33.51
C ARG D 332 -18.86 -17.84 33.14
N ILE D 333 -17.68 -17.58 32.58
CA ILE D 333 -17.33 -16.23 32.14
C ILE D 333 -18.22 -15.79 30.98
N LEU D 334 -18.53 -16.70 30.06
CA LEU D 334 -19.41 -16.35 28.94
C LEU D 334 -20.83 -16.06 29.39
N ASP D 335 -21.29 -16.72 30.44
CA ASP D 335 -22.68 -16.55 30.88
C ASP D 335 -22.98 -15.16 31.42
N THR D 336 -21.95 -14.35 31.67
CA THR D 336 -22.15 -12.98 32.15
C THR D 336 -22.25 -11.96 31.01
N ASN D 337 -22.19 -12.41 29.76
CA ASN D 337 -22.30 -11.54 28.59
C ASN D 337 -21.25 -10.42 28.64
N SER D 338 -20.02 -10.78 29.00
CA SER D 338 -18.94 -9.80 29.06
C SER D 338 -18.23 -9.65 27.72
N VAL D 339 -18.18 -10.70 26.91
CA VAL D 339 -17.53 -10.69 25.61
C VAL D 339 -18.61 -10.80 24.54
N LEU D 340 -18.62 -9.83 23.62
CA LEU D 340 -19.59 -9.86 22.53
C LEU D 340 -18.87 -9.78 21.19
N LEU D 341 -19.55 -10.29 20.16
CA LEU D 341 -19.04 -10.28 18.80
C LEU D 341 -19.91 -9.37 17.95
N THR D 342 -19.30 -8.40 17.29
CA THR D 342 -20.03 -7.45 16.48
C THR D 342 -20.32 -8.03 15.10
N GLU D 343 -20.99 -7.25 14.27
CA GLU D 343 -21.35 -7.72 12.94
C GLU D 343 -20.16 -7.78 12.00
N ARG D 344 -19.06 -7.11 12.34
CA ARG D 344 -17.91 -7.00 11.47
C ARG D 344 -16.81 -8.00 11.79
N GLY D 345 -17.01 -8.88 12.75
CA GLY D 345 -16.00 -9.84 13.14
C GLY D 345 -15.02 -9.37 14.20
N ASP D 346 -15.30 -8.25 14.86
CA ASP D 346 -14.49 -7.75 15.96
C ASP D 346 -15.08 -8.17 17.30
N HIS D 347 -14.23 -8.18 18.32
CA HIS D 347 -14.61 -8.59 19.67
C HIS D 347 -14.62 -7.38 20.58
N ILE D 348 -15.67 -7.28 21.40
CA ILE D 348 -15.79 -6.21 22.39
C ILE D 348 -15.87 -6.83 23.78
N VAL D 349 -15.26 -6.16 24.76
CA VAL D 349 -15.17 -6.64 26.12
C VAL D 349 -15.71 -5.56 27.05
N TRP D 350 -16.09 -5.98 28.25
CA TRP D 350 -16.67 -5.10 29.26
C TRP D 350 -15.69 -5.00 30.43
N ILE D 351 -14.83 -3.98 30.40
CA ILE D 351 -13.85 -3.73 31.44
C ILE D 351 -13.89 -2.26 31.81
N ASN D 352 -13.79 -1.96 33.10
CA ASN D 352 -13.78 -0.60 33.63
C ASN D 352 -15.02 0.17 33.20
N ASN D 353 -16.17 -0.47 33.35
CA ASN D 353 -17.48 0.18 33.17
C ASN D 353 -17.60 0.81 31.79
N SER D 354 -17.08 0.15 30.76
CA SER D 354 -17.13 0.68 29.41
C SER D 354 -16.93 -0.44 28.42
N TRP D 355 -17.69 -0.40 27.32
CA TRP D 355 -17.55 -1.37 26.25
C TRP D 355 -16.31 -1.05 25.41
N LYS D 356 -15.20 -1.71 25.71
CA LYS D 356 -13.93 -1.45 25.03
C LYS D 356 -13.72 -2.51 23.96
N PHE D 357 -13.47 -2.08 22.73
CA PHE D 357 -13.20 -2.97 21.62
C PHE D 357 -11.81 -2.66 21.07
N ASN D 358 -11.01 -3.71 20.86
CA ASN D 358 -9.66 -3.54 20.33
C ASN D 358 -9.29 -4.79 19.54
N SER D 359 -9.49 -4.74 18.22
CA SER D 359 -8.94 -5.78 17.36
C SER D 359 -7.43 -5.63 17.21
N GLU D 360 -6.89 -4.45 17.52
CA GLU D 360 -5.45 -4.25 17.50
C GLU D 360 -4.76 -5.08 18.58
N GLU D 361 -5.37 -5.15 19.77
CA GLU D 361 -4.81 -5.93 20.87
C GLU D 361 -5.93 -6.41 21.78
N PRO D 362 -6.19 -7.72 21.83
CA PRO D 362 -7.32 -8.23 22.62
C PRO D 362 -7.11 -8.03 24.11
N LEU D 363 -8.23 -7.92 24.83
CA LEU D 363 -8.23 -7.66 26.26
C LEU D 363 -8.95 -8.74 27.04
N ILE D 364 -9.14 -9.93 26.44
CA ILE D 364 -9.92 -10.97 27.10
C ILE D 364 -9.21 -11.48 28.34
N THR D 365 -7.88 -11.60 28.31
CA THR D 365 -7.15 -12.06 29.49
C THR D 365 -7.29 -11.10 30.65
N LYS D 366 -7.30 -9.79 30.39
CA LYS D 366 -7.57 -8.82 31.45
C LYS D 366 -8.93 -9.06 32.07
N LEU D 367 -9.94 -9.31 31.23
CA LEU D 367 -11.27 -9.57 31.76
C LEU D 367 -11.30 -10.84 32.59
N ILE D 368 -10.60 -11.88 32.15
CA ILE D 368 -10.55 -13.13 32.91
C ILE D 368 -9.93 -12.89 34.29
N LEU D 369 -8.80 -12.17 34.32
CA LEU D 369 -8.15 -11.89 35.58
C LEU D 369 -9.03 -11.04 36.49
N SER D 370 -9.76 -10.09 35.92
CA SER D 370 -10.65 -9.25 36.72
C SER D 370 -11.83 -10.07 37.28
N ILE D 371 -12.44 -10.89 36.45
CA ILE D 371 -13.62 -11.65 36.84
C ILE D 371 -13.26 -12.85 37.72
N ARG D 372 -11.97 -13.16 37.85
CA ARG D 372 -11.50 -14.17 38.78
C ARG D 372 -12.16 -14.06 40.16
N HIS D 373 -12.43 -12.83 40.61
CA HIS D 373 -12.99 -12.63 41.94
C HIS D 373 -14.43 -13.16 42.06
N GLN D 374 -15.19 -13.15 40.97
CA GLN D 374 -16.57 -13.59 40.98
C GLN D 374 -16.73 -15.10 40.76
N LEU D 375 -15.70 -15.87 41.07
CA LEU D 375 -15.68 -17.31 40.87
C LEU D 375 -15.31 -17.99 42.18
N PRO D 376 -15.70 -19.26 42.36
CA PRO D 376 -15.31 -19.99 43.57
C PRO D 376 -13.81 -20.08 43.73
N LYS D 377 -13.39 -20.47 44.93
CA LYS D 377 -11.97 -20.44 45.28
C LYS D 377 -11.16 -21.40 44.42
N GLU D 378 -11.67 -22.61 44.16
CA GLU D 378 -10.92 -23.57 43.37
C GLU D 378 -10.78 -23.17 41.92
N TYR D 379 -11.60 -22.23 41.43
CA TYR D 379 -11.48 -21.72 40.07
C TYR D 379 -10.68 -20.42 40.00
N SER D 380 -10.80 -19.57 41.03
CA SER D 380 -10.05 -18.32 41.05
C SER D 380 -8.56 -18.52 41.25
N SER D 381 -8.14 -19.69 41.73
CA SER D 381 -6.72 -19.95 41.95
C SER D 381 -6.00 -20.42 40.69
N GLU D 382 -6.73 -20.98 39.73
CA GLU D 382 -6.14 -21.49 38.50
C GLU D 382 -6.11 -20.46 37.38
N LEU D 383 -6.59 -19.24 37.64
CA LEU D 383 -6.59 -18.18 36.64
C LEU D 383 -5.35 -17.30 36.75
N LEU D 384 -4.41 -17.63 37.63
CA LEU D 384 -3.20 -16.84 37.80
C LEU D 384 -2.12 -17.21 36.79
N CYS D 385 -2.00 -18.49 36.46
CA CYS D 385 -1.01 -18.93 35.49
C CYS D 385 -1.36 -18.41 34.11
N PRO D 386 -0.44 -17.78 33.39
CA PRO D 386 -0.81 -17.05 32.16
C PRO D 386 -1.19 -17.93 30.99
N ARG D 387 -0.94 -19.25 31.03
CA ARG D 387 -1.39 -20.12 29.96
C ARG D 387 -2.77 -20.69 30.19
N LYS D 388 -3.19 -20.83 31.45
CA LYS D 388 -4.58 -21.16 31.73
C LYS D 388 -5.51 -20.06 31.21
N ARG D 389 -5.11 -18.80 31.38
CA ARG D 389 -5.89 -17.70 30.83
C ARG D 389 -5.94 -17.76 29.31
N LYS D 390 -4.83 -18.13 28.66
CA LYS D 390 -4.85 -18.29 27.20
C LYS D 390 -5.79 -19.41 26.77
N THR D 391 -5.80 -20.53 27.50
CA THR D 391 -6.72 -21.61 27.18
C THR D 391 -8.17 -21.17 27.34
N VAL D 392 -8.46 -20.45 28.42
CA VAL D 392 -9.82 -19.96 28.64
C VAL D 392 -10.23 -19.00 27.53
N GLU D 393 -9.31 -18.11 27.13
CA GLU D 393 -9.61 -17.20 26.04
C GLU D 393 -9.87 -17.94 24.73
N ALA D 394 -9.10 -19.00 24.47
CA ALA D 394 -9.32 -19.80 23.28
C ALA D 394 -10.72 -20.43 23.30
N ASN D 395 -11.11 -20.98 24.45
CA ASN D 395 -12.44 -21.56 24.56
C ASN D 395 -13.53 -20.50 24.37
N ILE D 396 -13.33 -19.31 24.94
CA ILE D 396 -14.31 -18.24 24.79
C ILE D 396 -14.43 -17.84 23.33
N ARG D 397 -13.30 -17.69 22.64
CA ARG D 397 -13.33 -17.36 21.22
C ARG D 397 -13.98 -18.46 20.39
N ASP D 398 -13.86 -19.71 20.82
CA ASP D 398 -14.54 -20.82 20.14
C ASP D 398 -16.00 -20.94 20.55
N MET D 399 -16.46 -20.18 21.53
CA MET D 399 -17.85 -20.18 21.94
C MET D 399 -18.70 -19.07 21.32
N LEU D 400 -18.07 -18.05 20.74
CA LEU D 400 -18.78 -16.86 20.25
C LEU D 400 -19.11 -17.07 18.78
N VAL D 401 -20.29 -17.63 18.51
CA VAL D 401 -20.68 -17.96 17.15
C VAL D 401 -21.55 -16.86 16.53
N ASP D 402 -22.46 -16.27 17.31
CA ASP D 402 -23.46 -15.35 16.78
C ASP D 402 -23.05 -13.90 17.02
N SER D 403 -23.35 -13.03 16.06
CA SER D 403 -23.09 -11.62 16.20
C SER D 403 -24.29 -10.93 16.87
N VAL D 404 -24.06 -9.69 17.32
CA VAL D 404 -25.09 -8.89 17.98
C VAL D 404 -25.12 -7.51 17.34
N GLU D 405 -26.14 -6.74 17.72
CA GLU D 405 -26.34 -5.40 17.21
C GLU D 405 -25.87 -4.37 18.25
N THR D 406 -25.21 -3.33 17.77
CA THR D 406 -24.66 -2.29 18.62
C THR D 406 -25.29 -0.94 18.32
N ASP D 407 -25.39 -0.10 19.34
CA ASP D 407 -25.91 1.25 19.23
C ASP D 407 -27.36 1.24 18.71
N THR D 408 -28.20 0.50 19.42
CA THR D 408 -29.62 0.41 19.10
C THR D 408 -30.48 1.35 19.92
N TYR D 409 -29.87 2.17 20.77
CA TYR D 409 -30.59 3.09 21.64
C TYR D 409 -30.24 4.53 21.26
N PRO D 410 -31.18 5.32 20.78
CA PRO D 410 -30.86 6.70 20.37
C PRO D 410 -30.82 7.69 21.51
N ASP D 411 -31.56 7.42 22.58
CA ASP D 411 -31.72 8.35 23.69
C ASP D 411 -30.88 7.95 24.91
N LYS D 412 -29.69 7.39 24.66
CA LYS D 412 -28.74 7.07 25.72
C LYS D 412 -27.39 7.67 25.36
N LEU D 413 -26.89 8.57 26.20
CA LEU D 413 -25.63 9.24 25.92
C LEU D 413 -24.51 8.55 26.69
N PRO D 414 -23.57 7.90 26.03
CA PRO D 414 -22.56 7.13 26.76
C PRO D 414 -21.34 7.95 27.19
N PHE D 415 -20.96 7.85 28.46
CA PHE D 415 -19.76 8.44 28.99
C PHE D 415 -18.73 7.36 29.27
N LYS D 416 -17.59 7.76 29.84
CA LYS D 416 -16.54 6.81 30.17
C LYS D 416 -16.84 5.96 31.39
N ASN D 417 -17.94 6.27 32.12
CA ASN D 417 -18.28 5.49 33.30
C ASN D 417 -19.73 5.01 33.30
N GLY D 418 -20.33 4.83 32.13
CA GLY D 418 -21.68 4.36 32.03
C GLY D 418 -22.45 5.13 30.98
N VAL D 419 -23.75 5.28 31.20
CA VAL D 419 -24.61 5.98 30.27
C VAL D 419 -25.47 6.98 31.03
N LEU D 420 -26.04 7.92 30.27
CA LEU D 420 -27.00 8.89 30.76
C LEU D 420 -28.30 8.71 29.99
N ASP D 421 -29.40 8.52 30.72
CA ASP D 421 -30.71 8.36 30.11
C ASP D 421 -31.38 9.73 30.13
N LEU D 422 -31.71 10.23 28.94
CA LEU D 422 -32.20 11.61 28.80
C LEU D 422 -33.67 11.74 29.17
N VAL D 423 -34.49 10.72 28.90
CA VAL D 423 -35.91 10.84 29.18
C VAL D 423 -36.15 10.98 30.68
N ASP D 424 -35.32 10.34 31.50
CA ASP D 424 -35.30 10.57 32.93
C ASP D 424 -34.13 11.42 33.38
N GLY D 425 -33.08 11.52 32.56
CA GLY D 425 -31.91 12.27 32.93
C GLY D 425 -31.08 11.63 34.02
N MET D 426 -31.11 10.30 34.13
CA MET D 426 -30.45 9.60 35.22
C MET D 426 -29.20 8.88 34.71
N PHE D 427 -28.19 8.80 35.57
CA PHE D 427 -26.91 8.21 35.20
C PHE D 427 -26.84 6.77 35.70
N TYR D 428 -26.48 5.86 34.79
CA TYR D 428 -26.32 4.44 35.09
C TYR D 428 -24.87 4.04 34.92
N SER D 429 -24.37 3.24 35.86
CA SER D 429 -22.99 2.78 35.83
C SER D 429 -22.96 1.30 36.19
N GLY D 430 -21.82 0.66 35.93
CA GLY D 430 -21.68 -0.74 36.24
C GLY D 430 -22.55 -1.62 35.35
N ASP D 431 -22.86 -2.80 35.87
CA ASP D 431 -23.73 -3.73 35.14
C ASP D 431 -25.11 -3.14 34.91
N ASP D 432 -25.51 -2.13 35.69
CA ASP D 432 -26.77 -1.46 35.45
C ASP D 432 -26.80 -0.76 34.09
N ALA D 433 -25.63 -0.42 33.53
CA ALA D 433 -25.52 0.04 32.16
C ALA D 433 -24.54 -0.88 31.44
N LYS D 434 -25.05 -2.03 31.02
CA LYS D 434 -24.31 -2.95 30.16
C LYS D 434 -25.23 -3.44 29.05
N LYS D 435 -26.53 -3.42 29.34
CA LYS D 435 -27.53 -3.82 28.34
C LYS D 435 -27.45 -2.93 27.11
N TYR D 436 -27.20 -1.63 27.31
CA TYR D 436 -26.97 -0.72 26.20
C TYR D 436 -25.54 -0.93 25.69
N THR D 437 -25.41 -1.66 24.58
CA THR D 437 -24.09 -1.94 24.00
C THR D 437 -23.67 -0.72 23.20
N CYS D 438 -23.10 0.26 23.88
CA CYS D 438 -22.64 1.49 23.26
C CYS D 438 -21.15 1.38 22.93
N THR D 439 -20.82 1.42 21.65
CA THR D 439 -19.44 1.29 21.20
C THR D 439 -18.70 2.61 21.17
N VAL D 440 -19.41 3.73 21.20
CA VAL D 440 -18.78 5.03 21.21
C VAL D 440 -18.93 5.64 22.60
N SER D 441 -18.21 6.74 22.84
CA SER D 441 -18.24 7.39 24.15
C SER D 441 -17.88 8.86 23.98
N THR D 442 -18.30 9.66 24.95
CA THR D 442 -17.97 11.08 24.94
C THR D 442 -16.47 11.29 25.10
N GLY D 443 -15.84 10.52 25.97
CA GLY D 443 -14.41 10.59 26.19
C GLY D 443 -13.97 11.20 27.52
N PHE D 444 -14.87 11.47 28.45
CA PHE D 444 -14.50 12.04 29.74
C PHE D 444 -15.42 11.49 30.81
N LYS D 445 -14.96 11.60 32.05
CA LYS D 445 -15.71 11.13 33.21
C LYS D 445 -16.93 12.02 33.45
N PHE D 446 -18.04 11.38 33.83
CA PHE D 446 -19.25 12.08 34.20
C PHE D 446 -19.22 12.41 35.69
N ASP D 447 -19.74 13.58 36.04
CA ASP D 447 -19.75 14.08 37.41
C ASP D 447 -21.16 14.50 37.77
N ASP D 448 -21.83 13.72 38.62
CA ASP D 448 -23.16 14.05 39.07
C ASP D 448 -23.18 15.22 40.05
N THR D 449 -22.04 15.52 40.69
CA THR D 449 -21.99 16.64 41.63
C THR D 449 -22.19 17.97 40.92
N LYS D 450 -21.60 18.14 39.74
CA LYS D 450 -21.69 19.38 38.98
C LYS D 450 -22.82 19.35 37.95
N PHE D 451 -23.68 18.34 37.99
CA PHE D 451 -24.81 18.21 37.08
C PHE D 451 -26.08 18.85 37.64
N VAL D 452 -25.93 19.85 38.51
CA VAL D 452 -27.06 20.46 39.20
C VAL D 452 -27.20 21.90 38.73
N GLU D 453 -28.43 22.41 38.82
CA GLU D 453 -28.71 23.79 38.41
C GLU D 453 -28.19 24.81 39.43
N ASP D 454 -28.17 24.45 40.72
CA ASP D 454 -27.74 25.36 41.76
C ASP D 454 -26.22 25.46 41.74
N SER D 455 -25.69 26.42 40.97
CA SER D 455 -24.26 26.64 40.85
C SER D 455 -24.01 27.98 40.17
N PRO D 456 -22.96 28.70 40.55
CA PRO D 456 -22.67 29.97 39.85
C PRO D 456 -22.38 29.78 38.37
N GLU D 457 -21.72 28.68 38.01
CA GLU D 457 -21.40 28.43 36.61
C GLU D 457 -22.67 28.35 35.76
N MET D 458 -23.73 27.76 36.32
CA MET D 458 -24.99 27.71 35.60
C MET D 458 -25.53 29.12 35.34
N GLU D 459 -25.43 30.01 36.33
CA GLU D 459 -25.89 31.37 36.14
C GLU D 459 -25.08 32.10 35.09
N GLU D 460 -23.75 31.96 35.12
CA GLU D 460 -22.92 32.60 34.10
C GLU D 460 -23.24 32.07 32.71
N LEU D 461 -23.40 30.75 32.58
CA LEU D 461 -23.72 30.17 31.29
C LEU D 461 -25.08 30.63 30.79
N MET D 462 -26.06 30.71 31.69
CA MET D 462 -27.39 31.19 31.30
C MET D 462 -27.34 32.63 30.84
N ASN D 463 -26.56 33.47 31.53
CA ASN D 463 -26.40 34.86 31.10
C ASN D 463 -25.74 34.91 29.72
N ILE D 464 -24.72 34.09 29.49
CA ILE D 464 -24.04 34.05 28.19
C ILE D 464 -25.02 33.68 27.10
N ILE D 465 -25.81 32.63 27.33
CA ILE D 465 -26.75 32.15 26.32
C ILE D 465 -27.83 33.21 26.06
N ASN D 466 -28.35 33.83 27.11
CA ASN D 466 -29.37 34.86 26.93
C ASN D 466 -28.82 36.07 26.17
N ASP D 467 -27.57 36.45 26.43
CA ASP D 467 -26.96 37.52 25.66
C ASP D 467 -26.77 37.11 24.20
N ILE D 468 -26.47 35.84 23.95
CA ILE D 468 -26.36 35.36 22.57
C ILE D 468 -27.72 35.39 21.88
N GLN D 469 -28.73 34.80 22.52
CA GLN D 469 -30.09 34.77 21.99
C GLN D 469 -31.04 35.37 23.01
N PRO D 470 -31.51 36.59 22.82
CA PRO D 470 -32.35 37.25 23.83
C PRO D 470 -33.71 36.59 23.97
N LEU D 471 -34.30 36.77 25.14
CA LEU D 471 -35.62 36.24 25.46
C LEU D 471 -36.73 37.24 25.17
N THR D 472 -36.82 37.68 23.91
CA THR D 472 -37.84 38.62 23.47
C THR D 472 -38.78 37.94 22.48
N ASP D 473 -39.89 38.63 22.18
CA ASP D 473 -40.84 38.09 21.22
C ASP D 473 -40.25 37.99 19.81
N GLU D 474 -39.47 39.00 19.40
CA GLU D 474 -38.79 38.92 18.11
C GLU D 474 -37.78 37.80 18.07
N ASN D 475 -37.28 37.37 19.23
CA ASN D 475 -36.30 36.30 19.34
C ASN D 475 -36.88 35.12 20.10
N LYS D 476 -38.12 34.76 19.79
CA LYS D 476 -38.80 33.62 20.41
C LYS D 476 -38.77 32.38 19.54
N LYS D 477 -39.21 32.49 18.29
CA LYS D 477 -39.13 31.35 17.37
C LYS D 477 -37.69 30.97 17.09
N ASN D 478 -36.83 31.97 16.90
CA ASN D 478 -35.41 31.69 16.68
C ASN D 478 -34.80 31.01 17.89
N ARG D 479 -35.12 31.49 19.08
CA ARG D 479 -34.61 30.86 20.30
C ARG D 479 -35.13 29.44 20.44
N GLU D 480 -36.41 29.21 20.15
CA GLU D 480 -36.97 27.87 20.27
C GLU D 480 -36.30 26.90 19.30
N LEU D 481 -36.13 27.32 18.04
CA LEU D 481 -35.52 26.43 17.05
C LEU D 481 -34.04 26.22 17.36
N TYR D 482 -33.36 27.24 17.88
CA TYR D 482 -31.97 27.11 18.31
C TYR D 482 -31.86 26.10 19.45
N GLU D 483 -32.77 26.16 20.43
CA GLU D 483 -32.78 25.19 21.50
C GLU D 483 -33.05 23.78 20.97
N LYS D 484 -33.98 23.65 20.02
CA LYS D 484 -34.28 22.35 19.43
C LYS D 484 -33.05 21.77 18.74
N THR D 485 -32.36 22.60 17.95
CA THR D 485 -31.17 22.14 17.23
C THR D 485 -30.08 21.73 18.20
N LEU D 486 -29.88 22.52 19.26
CA LEU D 486 -28.84 22.18 20.22
C LEU D 486 -29.18 20.91 21.00
N SER D 487 -30.46 20.72 21.34
CA SER D 487 -30.86 19.55 22.10
C SER D 487 -30.83 18.29 21.25
N SER D 488 -31.10 18.41 19.95
CA SER D 488 -31.05 17.24 19.07
C SER D 488 -29.64 16.70 18.91
N CYS D 489 -28.64 17.45 19.35
CA CYS D 489 -27.24 17.05 19.20
C CYS D 489 -26.90 15.86 20.10
N LEU D 490 -27.81 15.51 21.02
CA LEU D 490 -27.58 14.44 21.97
C LEU D 490 -28.18 13.12 21.55
N CYS D 491 -29.25 13.13 20.76
CA CYS D 491 -29.95 11.90 20.42
C CYS D 491 -29.15 11.11 19.39
N GLY D 492 -29.02 9.80 19.62
CA GLY D 492 -28.32 8.94 18.69
C GLY D 492 -29.23 8.34 17.64
N ALA D 493 -30.06 9.17 17.03
CA ALA D 493 -30.97 8.77 15.96
C ALA D 493 -30.62 9.54 14.69
N THR D 494 -31.46 9.39 13.68
CA THR D 494 -31.26 10.06 12.39
C THR D 494 -32.21 11.25 12.28
N LYS D 495 -31.66 12.42 12.00
CA LYS D 495 -32.44 13.64 11.83
C LYS D 495 -32.46 14.04 10.37
N GLY D 496 -33.55 14.68 9.96
CA GLY D 496 -33.78 14.93 8.55
C GLY D 496 -33.85 16.38 8.11
N CYS D 497 -32.99 17.24 8.67
CA CYS D 497 -32.93 18.64 8.24
C CYS D 497 -31.52 19.16 8.38
N LEU D 498 -31.18 20.14 7.55
CA LEU D 498 -29.87 20.79 7.55
C LEU D 498 -30.05 22.22 8.04
N THR D 499 -29.40 22.55 9.15
CA THR D 499 -29.57 23.84 9.80
C THR D 499 -28.41 24.77 9.47
N PHE D 500 -28.75 26.03 9.23
CA PHE D 500 -27.77 27.09 8.93
C PHE D 500 -27.71 28.05 10.09
N PHE D 501 -26.53 28.23 10.66
CA PHE D 501 -26.30 29.22 11.71
C PHE D 501 -25.95 30.54 11.02
N PHE D 502 -26.97 31.14 10.41
CA PHE D 502 -26.79 32.35 9.62
C PHE D 502 -26.63 33.56 10.55
N GLY D 503 -25.54 34.29 10.37
CA GLY D 503 -25.25 35.44 11.21
C GLY D 503 -23.90 36.05 10.89
N GLU D 504 -23.75 37.35 11.16
CA GLU D 504 -22.52 38.05 10.80
C GLU D 504 -21.40 37.67 11.76
N THR D 505 -20.23 38.26 11.53
CA THR D 505 -19.05 37.96 12.33
C THR D 505 -19.20 38.52 13.74
N ALA D 506 -18.49 37.88 14.68
CA ALA D 506 -18.48 38.25 16.09
C ALA D 506 -19.90 38.33 16.64
N THR D 507 -20.58 37.18 16.61
CA THR D 507 -21.98 37.11 17.00
C THR D 507 -22.29 35.96 17.96
N GLY D 508 -21.43 34.95 18.06
CA GLY D 508 -21.64 33.86 18.99
C GLY D 508 -21.80 32.48 18.39
N LYS D 509 -21.70 32.35 17.06
CA LYS D 509 -21.85 31.04 16.44
C LYS D 509 -20.70 30.10 16.83
N SER D 510 -19.47 30.57 16.68
CA SER D 510 -18.32 29.75 17.08
C SER D 510 -18.29 29.53 18.58
N THR D 511 -18.80 30.48 19.35
CA THR D 511 -18.92 30.28 20.79
C THR D 511 -19.85 29.11 21.10
N THR D 512 -20.99 29.04 20.41
CA THR D 512 -21.90 27.92 20.58
C THR D 512 -21.25 26.61 20.14
N LYS D 513 -20.50 26.65 19.03
CA LYS D 513 -19.81 25.45 18.57
C LYS D 513 -18.80 24.95 19.61
N ARG D 514 -18.03 25.87 20.19
CA ARG D 514 -17.05 25.47 21.20
C ARG D 514 -17.72 24.97 22.47
N LEU D 515 -18.84 25.59 22.86
CA LEU D 515 -19.59 25.09 24.01
C LEU D 515 -20.09 23.68 23.74
N LEU D 516 -20.60 23.42 22.53
CA LEU D 516 -21.06 22.09 22.18
C LEU D 516 -19.93 21.07 22.22
N LYS D 517 -18.77 21.46 21.68
CA LYS D 517 -17.62 20.55 21.69
C LYS D 517 -17.19 20.24 23.11
N SER D 518 -17.15 21.24 23.99
CA SER D 518 -16.82 21.00 25.38
C SER D 518 -17.89 20.18 26.09
N ALA D 519 -19.13 20.24 25.62
CA ALA D 519 -20.21 19.52 26.26
C ALA D 519 -20.21 18.04 25.91
N ILE D 520 -20.21 17.72 24.61
CA ILE D 520 -20.34 16.32 24.19
C ILE D 520 -19.00 15.66 23.89
N GLY D 521 -17.97 16.41 23.52
CA GLY D 521 -16.64 15.84 23.39
C GLY D 521 -16.47 15.11 22.08
N ASP D 522 -16.05 13.84 22.16
CA ASP D 522 -15.71 13.09 20.96
C ASP D 522 -16.90 12.81 20.06
N LEU D 523 -18.13 12.91 20.58
CA LEU D 523 -19.30 12.77 19.74
C LEU D 523 -19.58 14.08 19.03
N PHE D 524 -18.56 14.64 18.40
CA PHE D 524 -18.65 15.94 17.73
C PHE D 524 -17.42 16.11 16.84
N VAL D 525 -17.63 16.37 15.55
CA VAL D 525 -16.54 16.54 14.60
C VAL D 525 -16.76 17.82 13.82
N GLU D 526 -15.66 18.53 13.60
CA GLU D 526 -15.70 19.78 12.79
C GLU D 526 -15.09 19.47 11.43
N THR D 527 -15.90 19.46 10.37
CA THR D 527 -15.47 19.13 9.03
C THR D 527 -15.35 20.40 8.20
N GLY D 528 -14.87 20.26 6.97
CA GLY D 528 -14.71 21.37 6.05
C GLY D 528 -15.89 21.51 5.12
N GLN D 529 -15.79 22.53 4.25
CA GLN D 529 -16.81 22.78 3.25
C GLN D 529 -16.78 21.77 2.10
N THR D 530 -15.76 20.91 2.05
CA THR D 530 -15.61 19.99 0.93
C THR D 530 -16.78 19.02 0.84
N ILE D 531 -17.48 18.79 1.96
CA ILE D 531 -18.67 17.96 1.94
C ILE D 531 -19.73 18.58 1.04
N LEU D 532 -19.90 19.90 1.14
CA LEU D 532 -20.98 20.61 0.46
C LEU D 532 -20.58 21.14 -0.91
N THR D 533 -19.36 20.84 -1.36
CA THR D 533 -18.85 21.42 -2.60
C THR D 533 -18.27 20.42 -3.59
N ASP D 534 -18.24 19.14 -3.21
CA ASP D 534 -17.62 18.14 -4.11
C ASP D 534 -18.46 16.87 -4.14
N VAL D 535 -18.20 15.98 -5.09
CA VAL D 535 -18.84 14.68 -5.16
C VAL D 535 -18.18 13.76 -4.15
N LEU D 536 -18.98 13.07 -3.35
CA LEU D 536 -18.45 12.29 -2.25
C LEU D 536 -18.32 10.80 -2.57
N ASP D 537 -18.98 10.31 -3.62
CA ASP D 537 -18.92 8.90 -3.99
C ASP D 537 -17.94 8.64 -5.13
N LYS D 538 -17.09 9.61 -5.44
CA LYS D 538 -16.03 9.44 -6.42
C LYS D 538 -14.71 9.19 -5.69
N GLY D 539 -14.08 8.06 -5.99
CA GLY D 539 -12.87 7.67 -5.32
C GLY D 539 -13.08 7.54 -3.83
N PRO D 540 -12.11 8.00 -3.03
CA PRO D 540 -12.27 7.96 -1.57
C PRO D 540 -12.89 9.25 -1.03
N ASN D 541 -13.24 9.24 0.26
CA ASN D 541 -13.73 10.43 0.93
C ASN D 541 -13.38 10.34 2.41
N PRO D 542 -12.36 11.07 2.87
CA PRO D 542 -11.91 10.93 4.26
C PRO D 542 -12.89 11.44 5.30
N PHE D 543 -13.84 12.28 4.92
CA PHE D 543 -14.74 12.89 5.90
C PHE D 543 -15.87 11.97 6.33
N ILE D 544 -16.10 10.87 5.61
CA ILE D 544 -17.13 9.91 6.03
C ILE D 544 -16.57 8.86 6.97
N ALA D 545 -15.26 8.85 7.20
CA ALA D 545 -14.67 7.91 8.15
C ALA D 545 -15.11 8.22 9.57
N ASN D 546 -14.76 9.42 10.06
CA ASN D 546 -15.10 9.81 11.41
C ASN D 546 -16.59 10.08 11.58
N MET D 547 -17.27 10.47 10.51
CA MET D 547 -18.68 10.87 10.55
C MET D 547 -19.56 9.73 11.05
N HIS D 548 -19.06 8.49 10.92
CA HIS D 548 -19.79 7.33 11.39
C HIS D 548 -20.08 7.43 12.89
N LEU D 549 -21.34 7.23 13.26
CA LEU D 549 -21.80 7.21 14.65
C LEU D 549 -21.55 8.51 15.40
N LYS D 550 -21.29 9.61 14.70
CA LYS D 550 -21.21 10.90 15.35
C LYS D 550 -22.60 11.44 15.60
N ARG D 551 -22.74 12.26 16.65
CA ARG D 551 -24.02 12.83 17.01
C ARG D 551 -24.14 14.31 16.65
N SER D 552 -23.09 14.91 16.10
CA SER D 552 -23.12 16.32 15.73
C SER D 552 -22.00 16.58 14.73
N VAL D 553 -22.36 17.12 13.57
CA VAL D 553 -21.39 17.49 12.54
C VAL D 553 -21.51 19.00 12.33
N PHE D 554 -20.50 19.73 12.76
CA PHE D 554 -20.48 21.18 12.64
C PHE D 554 -19.69 21.55 11.39
N CYS D 555 -20.41 21.82 10.30
CA CYS D 555 -19.80 22.20 9.03
C CYS D 555 -19.58 23.70 9.05
N SER D 556 -18.35 24.10 9.30
CA SER D 556 -17.95 25.51 9.33
C SER D 556 -16.93 25.75 8.22
N GLU D 557 -16.32 26.94 8.25
CA GLU D 557 -15.37 27.38 7.24
C GLU D 557 -16.04 27.64 5.89
N LEU D 558 -17.33 28.01 5.92
CA LEU D 558 -18.06 28.26 4.69
C LEU D 558 -17.56 29.55 4.04
N PRO D 559 -17.11 29.50 2.80
CA PRO D 559 -16.59 30.70 2.14
C PRO D 559 -17.73 31.57 1.62
N ASP D 560 -17.39 32.79 1.23
CA ASP D 560 -18.36 33.73 0.66
C ASP D 560 -18.78 33.22 -0.71
N PHE D 561 -20.01 32.72 -0.80
CA PHE D 561 -20.51 32.16 -2.06
C PHE D 561 -20.89 33.23 -3.07
N ALA D 562 -20.79 34.50 -2.71
CA ALA D 562 -20.92 35.60 -3.66
C ALA D 562 -19.61 35.89 -4.39
N CYS D 563 -18.54 35.17 -4.07
CA CYS D 563 -17.25 35.32 -4.71
C CYS D 563 -16.99 34.12 -5.60
N SER D 564 -16.60 34.39 -6.85
CA SER D 564 -16.29 33.34 -7.81
C SER D 564 -15.03 32.59 -7.38
N GLY D 565 -14.97 31.31 -7.77
CA GLY D 565 -13.88 30.43 -7.40
C GLY D 565 -14.21 29.47 -6.28
N SER D 566 -15.24 29.76 -5.49
CA SER D 566 -15.71 28.87 -4.45
C SER D 566 -16.96 28.15 -4.97
N LYS D 567 -16.94 26.82 -4.95
CA LYS D 567 -18.05 26.03 -5.48
C LYS D 567 -19.32 26.33 -4.70
N LYS D 568 -20.42 26.47 -5.42
CA LYS D 568 -21.72 26.71 -4.80
C LYS D 568 -22.31 25.42 -4.28
N ILE D 569 -23.32 25.56 -3.42
CA ILE D 569 -23.95 24.42 -2.76
C ILE D 569 -24.59 23.51 -3.81
N ARG D 570 -24.24 22.23 -3.75
CA ARG D 570 -24.84 21.22 -4.63
C ARG D 570 -26.08 20.66 -3.96
N SER D 571 -27.20 20.62 -4.69
CA SER D 571 -28.45 20.14 -4.12
C SER D 571 -28.38 18.67 -3.77
N ASP D 572 -27.72 17.86 -4.61
CA ASP D 572 -27.63 16.44 -4.32
C ASP D 572 -26.86 16.17 -3.03
N ASN D 573 -25.89 17.02 -2.69
CA ASN D 573 -25.15 16.84 -1.45
C ASN D 573 -26.06 16.93 -0.25
N ILE D 574 -26.83 18.01 -0.13
CA ILE D 574 -27.77 18.13 0.99
C ILE D 574 -28.85 17.07 0.88
N LYS D 575 -29.14 16.60 -0.34
CA LYS D 575 -30.01 15.43 -0.48
C LYS D 575 -29.38 14.17 0.07
N LYS D 576 -28.06 14.15 0.32
CA LYS D 576 -27.44 12.94 0.85
C LYS D 576 -27.47 12.88 2.37
N LEU D 577 -27.30 14.01 3.05
CA LEU D 577 -27.18 13.98 4.51
C LEU D 577 -28.52 13.91 5.23
N THR D 578 -29.58 13.47 4.56
CA THR D 578 -30.91 13.43 5.15
C THR D 578 -31.40 12.00 5.39
N GLU D 579 -30.79 11.00 4.76
CA GLU D 579 -31.17 9.61 4.89
C GLU D 579 -30.23 8.86 5.83
N PRO D 580 -30.70 7.79 6.48
CA PRO D 580 -29.90 7.15 7.54
C PRO D 580 -28.61 6.52 7.07
N CYS D 581 -28.41 6.33 5.77
CA CYS D 581 -27.19 5.71 5.27
C CYS D 581 -26.54 6.62 4.24
N VAL D 582 -25.23 6.80 4.37
CA VAL D 582 -24.44 7.64 3.47
C VAL D 582 -23.39 6.77 2.80
N ILE D 583 -23.14 7.01 1.52
CA ILE D 583 -22.25 6.20 0.71
C ILE D 583 -20.94 6.94 0.54
N GLY D 584 -19.83 6.25 0.83
CA GLY D 584 -18.51 6.81 0.62
C GLY D 584 -17.41 5.97 1.20
N ARG D 585 -16.33 5.77 0.46
CA ARG D 585 -15.18 5.03 0.97
C ARG D 585 -14.34 5.94 1.86
N PRO D 586 -14.14 5.58 3.13
CA PRO D 586 -13.37 6.48 4.02
C PRO D 586 -11.96 6.74 3.51
N CYS D 587 -11.14 5.69 3.45
CA CYS D 587 -9.82 5.72 2.84
C CYS D 587 -9.22 4.32 2.87
N PHE D 588 -8.53 3.92 1.81
CA PHE D 588 -7.80 2.65 1.74
C PHE D 588 -8.68 1.44 2.06
N SER D 589 -10.00 1.59 2.03
CA SER D 589 -10.91 0.56 2.51
C SER D 589 -12.06 0.39 1.54
N ASN D 590 -12.81 -0.70 1.72
CA ASN D 590 -13.91 -1.06 0.85
C ASN D 590 -15.28 -0.75 1.44
N LYS D 591 -15.36 -0.38 2.71
CA LYS D 591 -16.64 -0.06 3.34
C LYS D 591 -17.26 1.15 2.67
N ILE D 592 -18.54 1.04 2.31
CA ILE D 592 -19.24 2.10 1.59
C ILE D 592 -20.47 2.59 2.33
N ASN D 593 -21.00 1.84 3.28
CA ASN D 593 -22.18 2.24 4.03
C ASN D 593 -21.76 2.92 5.33
N ASN D 594 -22.43 4.01 5.67
CA ASN D 594 -22.14 4.74 6.90
C ASN D 594 -23.45 5.16 7.54
N ARG D 595 -23.70 4.71 8.77
CA ARG D 595 -24.91 5.08 9.49
C ARG D 595 -24.88 6.57 9.82
N ASN D 596 -26.01 7.25 9.64
CA ASN D 596 -26.13 8.67 9.89
C ASN D 596 -26.82 8.89 11.23
N HIS D 597 -26.03 9.17 12.27
CA HIS D 597 -26.55 9.50 13.58
C HIS D 597 -26.44 10.99 13.90
N ALA D 598 -25.82 11.78 13.02
CA ALA D 598 -25.46 13.14 13.36
C ALA D 598 -26.48 14.14 12.83
N THR D 599 -26.62 15.25 13.57
CA THR D 599 -27.29 16.44 13.09
C THR D 599 -26.23 17.37 12.52
N ILE D 600 -26.47 17.86 11.31
CA ILE D 600 -25.48 18.67 10.60
C ILE D 600 -25.86 20.13 10.73
N ILE D 601 -24.99 20.91 11.36
CA ILE D 601 -25.22 22.33 11.58
C ILE D 601 -24.18 23.09 10.76
N ILE D 602 -24.64 23.91 9.83
CA ILE D 602 -23.75 24.67 8.94
C ILE D 602 -23.62 26.08 9.46
N ASP D 603 -22.39 26.55 9.57
CA ASP D 603 -22.08 27.90 10.04
C ASP D 603 -21.71 28.77 8.85
N THR D 604 -22.36 29.92 8.71
CA THR D 604 -22.18 30.79 7.55
C THR D 604 -22.30 32.24 7.99
N ASN D 605 -21.77 33.13 7.15
CA ASN D 605 -21.90 34.57 7.35
C ASN D 605 -22.77 35.25 6.30
N TYR D 606 -22.96 34.63 5.13
CA TYR D 606 -23.70 35.22 4.03
C TYR D 606 -24.79 34.27 3.55
N LYS D 607 -25.54 34.71 2.56
CA LYS D 607 -26.65 33.93 2.04
C LYS D 607 -26.15 32.91 1.02
N PRO D 608 -26.47 31.63 1.19
CA PRO D 608 -26.01 30.62 0.24
C PRO D 608 -26.84 30.60 -1.03
N VAL D 609 -26.18 30.29 -2.15
CA VAL D 609 -26.82 30.17 -3.45
C VAL D 609 -26.51 28.79 -4.02
N PHE D 610 -27.56 27.98 -4.20
CA PHE D 610 -27.42 26.57 -4.50
C PHE D 610 -27.14 26.34 -5.99
N ASP D 611 -26.72 25.11 -6.30
CA ASP D 611 -26.51 24.72 -7.69
C ASP D 611 -27.83 24.73 -8.47
N ARG D 612 -28.89 24.19 -7.87
CA ARG D 612 -30.22 24.22 -8.48
C ARG D 612 -31.23 24.44 -7.38
N ILE D 613 -32.36 25.05 -7.73
CA ILE D 613 -33.41 25.41 -6.79
C ILE D 613 -34.68 24.67 -7.17
N ASP D 614 -35.27 23.98 -6.20
CA ASP D 614 -36.51 23.23 -6.41
C ASP D 614 -37.14 22.98 -5.05
N ASN D 615 -38.29 22.30 -5.06
CA ASN D 615 -38.98 21.96 -3.83
C ASN D 615 -38.27 20.86 -3.04
N ALA D 616 -37.38 20.11 -3.69
CA ALA D 616 -36.64 19.07 -2.99
C ALA D 616 -35.65 19.61 -1.98
N LEU D 617 -35.23 20.86 -2.12
CA LEU D 617 -34.40 21.55 -1.13
C LEU D 617 -35.24 22.33 -0.13
N MET D 618 -36.49 22.63 -0.48
CA MET D 618 -37.41 23.36 0.37
C MET D 618 -37.74 22.63 1.67
N ARG D 619 -37.74 21.30 1.65
CA ARG D 619 -38.32 20.50 2.72
C ARG D 619 -37.31 20.09 3.78
N ARG D 620 -36.05 20.50 3.66
CA ARG D 620 -35.04 20.03 4.60
C ARG D 620 -34.13 21.12 5.14
N ILE D 621 -34.46 22.41 4.97
CA ILE D 621 -33.59 23.50 5.38
C ILE D 621 -34.27 24.31 6.46
N ALA D 622 -33.60 24.45 7.60
CA ALA D 622 -34.00 25.36 8.67
C ALA D 622 -32.86 26.34 8.92
N VAL D 623 -33.22 27.59 9.17
CA VAL D 623 -32.25 28.67 9.31
C VAL D 623 -32.55 29.46 10.57
N VAL D 624 -31.51 29.71 11.37
CA VAL D 624 -31.62 30.58 12.53
C VAL D 624 -30.85 31.86 12.25
N ARG D 625 -31.21 32.92 12.97
CA ARG D 625 -30.59 34.22 12.80
C ARG D 625 -29.84 34.62 14.07
N PHE D 626 -28.64 35.15 13.88
CA PHE D 626 -27.79 35.62 14.97
C PHE D 626 -27.56 37.10 14.76
N ARG D 627 -28.19 37.94 15.59
CA ARG D 627 -28.16 39.39 15.42
C ARG D 627 -27.80 40.07 16.74
N THR D 628 -26.75 39.59 17.39
CA THR D 628 -26.22 40.24 18.58
C THR D 628 -24.70 40.30 18.44
N HIS D 629 -24.18 41.49 18.16
CA HIS D 629 -22.76 41.67 17.86
C HIS D 629 -22.01 41.96 19.17
N PHE D 630 -21.04 41.11 19.48
CA PHE D 630 -20.19 41.31 20.66
C PHE D 630 -18.92 42.04 20.22
N SER D 631 -18.98 43.37 20.28
CA SER D 631 -17.93 44.22 19.76
C SER D 631 -16.86 44.47 20.83
N GLN D 632 -15.71 44.97 20.39
CA GLN D 632 -14.61 45.36 21.26
C GLN D 632 -14.86 46.72 21.86
N PRO D 633 -14.24 47.04 23.00
CA PRO D 633 -14.40 48.39 23.55
C PRO D 633 -13.94 49.48 22.61
N SER D 634 -12.90 49.24 21.82
CA SER D 634 -12.41 50.25 20.89
C SER D 634 -13.40 50.47 19.75
N GLY D 635 -13.72 49.41 19.00
CA GLY D 635 -14.69 49.51 17.94
C GLY D 635 -16.12 49.35 18.42
N ARG D 636 -16.41 49.91 19.59
CA ARG D 636 -17.75 49.80 20.16
C ARG D 636 -18.77 50.49 19.26
N GLU D 637 -18.64 51.82 19.10
CA GLU D 637 -19.57 52.54 18.24
C GLU D 637 -19.35 52.22 16.77
N ALA D 638 -18.18 51.71 16.41
CA ALA D 638 -17.93 51.31 15.03
C ALA D 638 -18.85 50.17 14.60
N ALA D 639 -19.29 49.33 15.54
CA ALA D 639 -20.24 48.27 15.25
C ALA D 639 -21.62 48.52 15.85
N GLU D 640 -21.76 49.54 16.70
CA GLU D 640 -23.06 49.85 17.27
C GLU D 640 -24.06 50.28 16.22
N ASN D 641 -23.60 50.75 15.07
CA ASN D 641 -24.44 51.38 14.06
C ASN D 641 -24.45 50.58 12.76
N ASN D 642 -24.58 49.25 12.87
CA ASN D 642 -24.72 48.39 11.71
C ASN D 642 -26.12 47.78 11.68
N ASP D 643 -26.73 47.79 10.49
CA ASP D 643 -28.11 47.32 10.36
C ASP D 643 -28.24 45.81 10.55
N ALA D 644 -27.19 45.05 10.27
CA ALA D 644 -27.23 43.61 10.43
C ALA D 644 -27.32 43.17 11.89
N TYR D 645 -27.11 44.07 12.84
CA TYR D 645 -27.15 43.76 14.26
C TYR D 645 -28.35 44.44 14.90
N ASP D 646 -28.74 43.91 16.06
CA ASP D 646 -29.82 44.50 16.85
C ASP D 646 -29.45 44.76 18.30
N LYS D 647 -28.41 44.10 18.83
CA LYS D 647 -27.92 44.37 20.17
C LYS D 647 -26.41 44.31 20.14
N VAL D 648 -25.77 45.18 20.92
CA VAL D 648 -24.32 45.29 20.99
C VAL D 648 -23.89 45.10 22.44
N LYS D 649 -22.87 44.26 22.64
CA LYS D 649 -22.35 43.97 23.97
C LYS D 649 -20.84 44.10 23.94
N LEU D 650 -20.22 43.93 25.10
CA LEU D 650 -18.78 44.09 25.27
C LEU D 650 -18.10 42.73 25.20
N LEU D 651 -17.06 42.62 24.38
CA LEU D 651 -16.34 41.37 24.23
C LEU D 651 -15.58 41.01 25.51
N ASP D 652 -15.66 39.74 25.89
CA ASP D 652 -14.96 39.24 27.06
C ASP D 652 -13.78 38.37 26.60
N GLU D 653 -12.58 38.75 27.02
CA GLU D 653 -11.37 38.04 26.61
C GLU D 653 -11.20 36.72 27.35
N GLY D 654 -11.65 36.64 28.60
CA GLY D 654 -11.49 35.43 29.39
C GLY D 654 -12.47 34.33 29.07
N LEU D 655 -13.48 34.62 28.25
CA LEU D 655 -14.49 33.62 27.91
C LEU D 655 -13.86 32.43 27.18
N ASP D 656 -13.03 32.72 26.18
CA ASP D 656 -12.35 31.64 25.46
C ASP D 656 -11.32 30.93 26.34
N GLY D 657 -10.93 31.55 27.45
CA GLY D 657 -10.03 30.91 28.39
C GLY D 657 -10.72 29.86 29.22
N LYS D 658 -11.87 30.20 29.80
CA LYS D 658 -12.63 29.27 30.62
C LYS D 658 -13.66 28.51 29.80
N ILE D 659 -13.22 27.97 28.67
CA ILE D 659 -14.03 27.06 27.86
C ILE D 659 -13.20 25.81 27.59
N GLN D 660 -11.97 26.01 27.13
CA GLN D 660 -11.07 24.88 26.92
C GLN D 660 -10.74 24.16 28.21
N ASN D 661 -10.91 24.85 29.35
CA ASN D 661 -10.82 24.20 30.65
C ASN D 661 -12.12 23.52 31.05
N ASN D 662 -13.14 23.58 30.19
CA ASN D 662 -14.43 22.92 30.43
C ASN D 662 -15.10 23.44 31.70
N ARG D 663 -15.05 24.76 31.88
CA ARG D 663 -15.73 25.37 33.01
C ARG D 663 -17.24 25.23 32.86
N TYR D 664 -17.78 25.61 31.70
CA TYR D 664 -19.20 25.45 31.42
C TYR D 664 -19.47 24.14 30.68
N ARG D 665 -18.98 23.04 31.23
CA ARG D 665 -19.12 21.74 30.58
C ARG D 665 -20.40 21.02 31.01
N PHE D 666 -20.55 20.77 32.31
CA PHE D 666 -21.70 20.04 32.81
C PHE D 666 -22.94 20.90 32.96
N ALA D 667 -22.78 22.22 33.16
CA ALA D 667 -23.93 23.11 33.17
C ALA D 667 -24.59 23.14 31.80
N PHE D 668 -23.78 23.22 30.74
CA PHE D 668 -24.33 23.17 29.38
C PHE D 668 -24.96 21.81 29.11
N LEU D 669 -24.37 20.75 29.64
CA LEU D 669 -24.97 19.42 29.48
C LEU D 669 -26.34 19.35 30.15
N TYR D 670 -26.46 19.92 31.35
CA TYR D 670 -27.75 19.93 32.03
C TYR D 670 -28.76 20.78 31.27
N LEU D 671 -28.32 21.91 30.72
CA LEU D 671 -29.23 22.74 29.94
C LEU D 671 -29.72 21.99 28.69
N LEU D 672 -28.82 21.29 28.01
CA LEU D 672 -29.21 20.51 26.84
C LEU D 672 -30.15 19.38 27.22
N VAL D 673 -29.90 18.74 28.38
CA VAL D 673 -30.79 17.68 28.85
C VAL D 673 -32.19 18.25 29.13
N LYS D 674 -32.24 19.44 29.74
CA LYS D 674 -33.52 20.09 29.99
C LYS D 674 -34.26 20.37 28.69
N TRP D 675 -33.55 20.90 27.69
CA TRP D 675 -34.19 21.20 26.42
C TRP D 675 -34.67 19.93 25.73
N TYR D 676 -33.89 18.86 25.80
CA TYR D 676 -34.30 17.59 25.21
C TYR D 676 -35.55 17.05 25.91
N LYS D 677 -35.58 17.11 27.25
CA LYS D 677 -36.78 16.73 27.99
C LYS D 677 -37.97 17.61 27.66
N LYS D 678 -37.74 18.84 27.24
CA LYS D 678 -38.82 19.78 26.94
C LYS D 678 -39.36 19.64 25.53
N TYR D 679 -38.53 19.23 24.56
CA TYR D 679 -38.95 19.22 23.17
C TYR D 679 -38.99 17.85 22.51
N HIS D 680 -38.45 16.80 23.12
CA HIS D 680 -38.30 15.54 22.42
C HIS D 680 -38.74 14.30 23.19
N ILE D 681 -39.47 14.44 24.30
CA ILE D 681 -39.85 13.27 25.10
C ILE D 681 -40.75 12.31 24.34
N PRO D 682 -41.89 12.74 23.75
CA PRO D 682 -42.72 11.78 23.01
C PRO D 682 -41.98 11.18 21.83
N ILE D 683 -41.55 12.03 20.91
CA ILE D 683 -40.73 11.64 19.77
C ILE D 683 -39.72 12.75 19.52
N MET D 684 -38.68 12.45 18.74
CA MET D 684 -37.71 13.43 18.32
C MET D 684 -37.85 13.66 16.82
N LYS D 685 -38.06 14.91 16.44
CA LYS D 685 -38.13 15.27 15.02
C LYS D 685 -37.86 16.76 14.87
N LEU D 686 -37.28 17.13 13.74
CA LEU D 686 -36.94 18.51 13.43
C LEU D 686 -37.80 18.98 12.27
N TYR D 687 -38.34 20.19 12.40
CA TYR D 687 -39.26 20.76 11.41
C TYR D 687 -38.59 21.94 10.71
N PRO D 688 -38.38 21.88 9.41
CA PRO D 688 -37.71 22.99 8.70
C PRO D 688 -38.60 24.21 8.58
N THR D 689 -37.97 25.39 8.63
CA THR D 689 -38.64 26.67 8.42
C THR D 689 -37.83 27.42 7.36
N PRO D 690 -38.12 27.18 6.08
CA PRO D 690 -37.20 27.64 5.02
C PRO D 690 -37.44 29.07 4.55
N GLY E 323 -6.97 -47.13 16.21
CA GLY E 323 -5.92 -46.28 15.68
C GLY E 323 -5.90 -44.91 16.32
N ASN E 324 -5.48 -43.90 15.55
CA ASN E 324 -5.42 -42.55 16.05
C ASN E 324 -6.83 -42.01 16.26
N LYS E 325 -7.27 -41.93 17.52
CA LYS E 325 -8.65 -41.57 17.82
C LYS E 325 -8.93 -40.09 17.58
N LEU E 326 -7.90 -39.27 17.36
CA LEU E 326 -8.11 -37.90 16.93
C LEU E 326 -8.31 -37.79 15.42
N PHE E 327 -8.10 -38.87 14.68
CA PHE E 327 -8.43 -38.94 13.27
C PHE E 327 -9.83 -39.48 13.02
N ASN E 328 -10.30 -40.39 13.88
CA ASN E 328 -11.68 -40.87 13.76
C ASN E 328 -12.67 -39.73 14.00
N ILE E 329 -12.35 -38.84 14.94
CA ILE E 329 -13.21 -37.68 15.18
C ILE E 329 -13.28 -36.80 13.93
N ALA E 330 -12.14 -36.55 13.30
CA ALA E 330 -12.12 -35.75 12.08
C ALA E 330 -12.90 -36.42 10.97
N GLN E 331 -12.75 -37.73 10.80
CA GLN E 331 -13.50 -38.44 9.77
C GLN E 331 -15.00 -38.38 10.02
N ARG E 332 -15.42 -38.57 11.27
CA ARG E 332 -16.85 -38.51 11.58
C ARG E 332 -17.40 -37.11 11.37
N ILE E 333 -16.63 -36.08 11.72
CA ILE E 333 -17.07 -34.71 11.48
C ILE E 333 -17.18 -34.43 9.99
N LEU E 334 -16.21 -34.89 9.19
CA LEU E 334 -16.24 -34.66 7.76
C LEU E 334 -17.35 -35.44 7.06
N ASP E 335 -17.73 -36.60 7.60
CA ASP E 335 -18.78 -37.40 6.96
C ASP E 335 -20.13 -36.68 6.99
N THR E 336 -20.30 -35.72 7.90
CA THR E 336 -21.53 -34.95 7.95
C THR E 336 -21.60 -33.87 6.88
N ASN E 337 -20.52 -33.68 6.12
CA ASN E 337 -20.44 -32.65 5.07
C ASN E 337 -20.76 -31.26 5.64
N SER E 338 -20.21 -30.98 6.82
CA SER E 338 -20.41 -29.69 7.46
C SER E 338 -19.37 -28.66 7.03
N VAL E 339 -18.14 -29.10 6.77
CA VAL E 339 -17.08 -28.22 6.31
C VAL E 339 -16.88 -28.42 4.81
N LEU E 340 -16.86 -27.33 4.06
CA LEU E 340 -16.71 -27.37 2.61
C LEU E 340 -15.64 -26.37 2.20
N LEU E 341 -15.07 -26.62 1.02
CA LEU E 341 -14.01 -25.78 0.46
C LEU E 341 -14.55 -25.13 -0.81
N THR E 342 -14.51 -23.81 -0.87
CA THR E 342 -15.02 -23.08 -2.02
C THR E 342 -13.88 -22.79 -3.01
N GLU E 343 -14.28 -22.36 -4.21
CA GLU E 343 -13.29 -22.08 -5.25
C GLU E 343 -12.45 -20.85 -4.92
N ARG E 344 -13.02 -19.90 -4.18
CA ARG E 344 -12.29 -18.69 -3.81
C ARG E 344 -11.34 -18.89 -2.65
N GLY E 345 -11.18 -20.13 -2.17
CA GLY E 345 -10.27 -20.43 -1.09
C GLY E 345 -10.87 -20.40 0.30
N ASP E 346 -12.13 -20.00 0.44
CA ASP E 346 -12.77 -19.95 1.74
C ASP E 346 -13.13 -21.35 2.22
N HIS E 347 -13.35 -21.46 3.53
CA HIS E 347 -13.77 -22.71 4.17
C HIS E 347 -15.12 -22.44 4.83
N ILE E 348 -16.20 -22.62 4.06
CA ILE E 348 -17.53 -22.36 4.59
C ILE E 348 -17.92 -23.44 5.59
N VAL E 349 -18.42 -23.03 6.74
CA VAL E 349 -18.82 -23.94 7.81
C VAL E 349 -20.32 -23.78 8.06
N TRP E 350 -20.88 -24.77 8.74
CA TRP E 350 -22.34 -24.88 8.94
C TRP E 350 -22.62 -24.85 10.44
N ILE E 351 -22.81 -23.65 11.00
CA ILE E 351 -23.10 -23.46 12.41
C ILE E 351 -24.44 -22.74 12.52
N ASN E 352 -25.33 -23.29 13.35
CA ASN E 352 -26.61 -22.65 13.67
C ASN E 352 -27.43 -22.37 12.41
N ASN E 353 -27.46 -23.35 11.51
CA ASN E 353 -28.25 -23.30 10.28
C ASN E 353 -27.88 -22.08 9.43
N SER E 354 -26.60 -22.04 9.04
CA SER E 354 -26.10 -20.97 8.19
C SER E 354 -24.71 -21.35 7.72
N TRP E 355 -24.39 -21.02 6.47
CA TRP E 355 -23.06 -21.25 5.91
C TRP E 355 -22.24 -19.98 6.11
N LYS E 356 -21.51 -19.94 7.23
CA LYS E 356 -20.69 -18.80 7.57
C LYS E 356 -19.25 -19.05 7.15
N PHE E 357 -18.57 -17.97 6.77
CA PHE E 357 -17.16 -18.03 6.40
C PHE E 357 -16.51 -16.71 6.77
N ASN E 358 -15.22 -16.79 7.14
CA ASN E 358 -14.45 -15.61 7.50
C ASN E 358 -13.03 -15.80 6.97
N SER E 359 -12.63 -14.94 6.03
CA SER E 359 -11.32 -15.10 5.40
C SER E 359 -10.19 -14.86 6.38
N GLU E 360 -10.38 -13.95 7.33
CA GLU E 360 -9.32 -13.61 8.26
C GLU E 360 -9.03 -14.75 9.23
N GLU E 361 -10.02 -15.15 10.03
CA GLU E 361 -9.88 -16.31 10.91
C GLU E 361 -10.83 -17.42 10.48
N PRO E 362 -10.33 -18.61 10.13
CA PRO E 362 -11.23 -19.73 9.86
C PRO E 362 -12.06 -20.08 11.08
N LEU E 363 -13.26 -20.59 10.83
CA LEU E 363 -14.20 -20.97 11.87
C LEU E 363 -14.31 -22.48 12.06
N ILE E 364 -13.30 -23.24 11.63
CA ILE E 364 -13.37 -24.69 11.73
C ILE E 364 -13.42 -25.15 13.18
N THR E 365 -12.63 -24.52 14.05
CA THR E 365 -12.68 -24.85 15.47
C THR E 365 -14.02 -24.51 16.12
N LYS E 366 -14.77 -23.57 15.55
CA LYS E 366 -16.13 -23.33 16.03
C LYS E 366 -17.04 -24.49 15.70
N LEU E 367 -16.96 -25.01 14.48
CA LEU E 367 -17.77 -26.17 14.10
C LEU E 367 -17.37 -27.40 14.89
N ILE E 368 -16.07 -27.57 15.14
CA ILE E 368 -15.60 -28.74 15.88
C ILE E 368 -16.20 -28.75 17.28
N LEU E 369 -16.29 -27.58 17.91
CA LEU E 369 -16.88 -27.50 19.25
C LEU E 369 -18.40 -27.57 19.20
N SER E 370 -19.03 -27.05 18.14
CA SER E 370 -20.48 -27.06 18.07
C SER E 370 -21.02 -28.46 17.79
N ILE E 371 -20.29 -29.25 16.99
CA ILE E 371 -20.73 -30.61 16.64
C ILE E 371 -20.48 -31.61 17.76
N ARG E 372 -20.01 -31.13 18.92
CA ARG E 372 -19.62 -32.01 20.02
C ARG E 372 -20.74 -32.95 20.46
N HIS E 373 -21.99 -32.55 20.32
CA HIS E 373 -23.11 -33.34 20.82
C HIS E 373 -23.52 -34.47 19.89
N GLN E 374 -23.15 -34.42 18.61
CA GLN E 374 -23.51 -35.50 17.70
C GLN E 374 -22.65 -36.73 17.93
N LEU E 375 -21.36 -36.53 18.21
CA LEU E 375 -20.45 -37.64 18.42
C LEU E 375 -20.77 -38.35 19.74
N PRO E 376 -20.37 -39.62 19.87
CA PRO E 376 -20.64 -40.35 21.11
C PRO E 376 -19.94 -39.76 22.33
N LYS E 377 -20.24 -40.30 23.51
CA LYS E 377 -19.69 -39.74 24.74
C LYS E 377 -18.18 -39.89 24.82
N GLU E 378 -17.64 -40.94 24.19
CA GLU E 378 -16.20 -41.18 24.26
C GLU E 378 -15.40 -40.10 23.57
N TYR E 379 -16.00 -39.35 22.64
CA TYR E 379 -15.32 -38.27 21.92
C TYR E 379 -15.59 -36.91 22.52
N SER E 380 -16.73 -36.73 23.20
CA SER E 380 -17.11 -35.42 23.72
C SER E 380 -16.12 -34.92 24.77
N SER E 381 -15.57 -35.82 25.58
CA SER E 381 -14.66 -35.41 26.64
C SER E 381 -13.32 -34.89 26.12
N GLU E 382 -13.02 -35.12 24.85
CA GLU E 382 -11.73 -34.73 24.29
C GLU E 382 -11.80 -33.45 23.46
N LEU E 383 -12.97 -33.13 22.92
CA LEU E 383 -13.10 -31.93 22.09
C LEU E 383 -13.14 -30.65 22.90
N LEU E 384 -13.03 -30.70 24.23
CA LEU E 384 -13.02 -29.49 25.04
C LEU E 384 -11.64 -28.85 25.12
N CYS E 385 -10.58 -29.64 25.00
CA CYS E 385 -9.23 -29.09 25.06
C CYS E 385 -8.89 -28.41 23.74
N PRO E 386 -8.50 -27.13 23.74
CA PRO E 386 -8.17 -26.46 22.47
C PRO E 386 -7.01 -27.10 21.74
N ARG E 387 -6.04 -27.68 22.46
CA ARG E 387 -4.91 -28.35 21.79
C ARG E 387 -5.36 -29.58 21.01
N LYS E 388 -6.48 -30.18 21.36
CA LYS E 388 -7.06 -31.26 20.56
C LYS E 388 -7.93 -30.74 19.44
N ARG E 389 -8.62 -29.62 19.66
CA ARG E 389 -9.40 -29.01 18.60
C ARG E 389 -8.50 -28.55 17.45
N LYS E 390 -7.32 -28.03 17.76
CA LYS E 390 -6.37 -27.66 16.71
C LYS E 390 -5.92 -28.87 15.90
N THR E 391 -5.67 -29.99 16.57
CA THR E 391 -5.29 -31.22 15.87
C THR E 391 -6.41 -31.72 14.97
N VAL E 392 -7.65 -31.68 15.48
CA VAL E 392 -8.80 -32.07 14.66
C VAL E 392 -8.96 -31.17 13.45
N GLU E 393 -8.79 -29.85 13.62
CA GLU E 393 -8.85 -28.92 12.50
C GLU E 393 -7.73 -29.19 11.49
N ALA E 394 -6.52 -29.47 11.96
CA ALA E 394 -5.43 -29.79 11.06
C ALA E 394 -5.70 -31.06 10.26
N ASN E 395 -6.28 -32.08 10.90
CA ASN E 395 -6.67 -33.28 10.17
C ASN E 395 -7.77 -32.98 9.16
N ILE E 396 -8.73 -32.15 9.52
CA ILE E 396 -9.84 -31.83 8.62
C ILE E 396 -9.34 -31.09 7.39
N ARG E 397 -8.47 -30.09 7.59
CA ARG E 397 -7.98 -29.29 6.48
C ARG E 397 -7.15 -30.09 5.48
N ASP E 398 -6.66 -31.27 5.86
CA ASP E 398 -5.90 -32.11 4.96
C ASP E 398 -6.75 -33.15 4.25
N MET E 399 -8.06 -33.18 4.49
CA MET E 399 -8.96 -34.11 3.83
C MET E 399 -9.95 -33.42 2.88
N LEU E 400 -9.99 -32.09 2.87
CA LEU E 400 -10.79 -31.33 1.91
C LEU E 400 -9.91 -31.03 0.70
N VAL E 401 -9.98 -31.90 -0.30
CA VAL E 401 -9.11 -31.78 -1.46
C VAL E 401 -9.76 -30.95 -2.57
N ASP E 402 -11.01 -31.22 -2.89
CA ASP E 402 -11.68 -30.57 -4.01
C ASP E 402 -12.57 -29.43 -3.54
N SER E 403 -12.87 -28.53 -4.46
CA SER E 403 -13.74 -27.39 -4.21
C SER E 403 -15.12 -27.64 -4.80
N VAL E 404 -16.13 -27.00 -4.19
CA VAL E 404 -17.51 -27.17 -4.62
C VAL E 404 -18.07 -25.83 -5.10
N GLU E 405 -19.31 -25.84 -5.57
CA GLU E 405 -19.97 -24.65 -6.07
C GLU E 405 -21.03 -24.18 -5.08
N THR E 406 -21.20 -22.87 -5.00
CA THR E 406 -22.11 -22.25 -4.04
C THR E 406 -23.09 -21.33 -4.76
N ASP E 407 -24.29 -21.22 -4.18
CA ASP E 407 -25.34 -20.31 -4.66
C ASP E 407 -25.72 -20.63 -6.10
N THR E 408 -26.26 -21.83 -6.28
CA THR E 408 -26.72 -22.29 -7.58
C THR E 408 -28.23 -22.44 -7.68
N TYR E 409 -28.96 -22.11 -6.62
CA TYR E 409 -30.41 -22.20 -6.62
C TYR E 409 -31.01 -20.81 -6.65
N PRO E 410 -31.68 -20.41 -7.73
CA PRO E 410 -32.22 -19.04 -7.81
C PRO E 410 -33.41 -18.81 -6.89
N ASP E 411 -34.31 -19.79 -6.79
CA ASP E 411 -35.55 -19.63 -6.05
C ASP E 411 -35.40 -20.12 -4.61
N LYS E 412 -34.42 -19.57 -3.90
CA LYS E 412 -34.20 -19.88 -2.49
C LYS E 412 -33.73 -18.61 -1.80
N LEU E 413 -34.38 -18.25 -0.69
CA LEU E 413 -33.99 -17.08 0.07
C LEU E 413 -33.32 -17.51 1.36
N PRO E 414 -32.03 -17.25 1.55
CA PRO E 414 -31.36 -17.74 2.76
C PRO E 414 -31.50 -16.77 3.93
N PHE E 415 -32.01 -17.24 5.06
CA PHE E 415 -32.09 -16.46 6.29
C PHE E 415 -31.02 -16.96 7.25
N LYS E 416 -31.01 -16.38 8.45
CA LYS E 416 -30.00 -16.73 9.44
C LYS E 416 -30.29 -18.06 10.12
N ASN E 417 -31.47 -18.65 9.91
CA ASN E 417 -31.77 -19.94 10.53
C ASN E 417 -32.51 -20.87 9.58
N GLY E 418 -32.29 -20.75 8.29
CA GLY E 418 -32.91 -21.66 7.34
C GLY E 418 -32.89 -21.09 5.94
N VAL E 419 -33.61 -21.78 5.06
CA VAL E 419 -33.75 -21.37 3.66
C VAL E 419 -35.22 -21.40 3.31
N LEU E 420 -35.77 -20.26 2.90
CA LEU E 420 -37.16 -20.16 2.49
C LEU E 420 -37.28 -20.53 1.03
N ASP E 421 -38.13 -21.52 0.73
CA ASP E 421 -38.37 -21.92 -0.64
C ASP E 421 -39.45 -21.04 -1.24
N LEU E 422 -39.19 -20.50 -2.43
CA LEU E 422 -40.08 -19.51 -3.03
C LEU E 422 -41.18 -20.12 -3.88
N VAL E 423 -41.00 -21.35 -4.37
CA VAL E 423 -42.00 -21.93 -5.26
C VAL E 423 -43.28 -22.27 -4.51
N ASP E 424 -43.16 -22.86 -3.32
CA ASP E 424 -44.31 -23.31 -2.55
C ASP E 424 -44.35 -22.65 -1.17
N GLY E 425 -43.50 -21.65 -0.96
CA GLY E 425 -43.53 -20.87 0.26
C GLY E 425 -43.26 -21.65 1.52
N MET E 426 -42.45 -22.69 1.41
CA MET E 426 -42.10 -23.51 2.57
C MET E 426 -40.95 -22.85 3.34
N PHE E 427 -40.43 -23.55 4.35
CA PHE E 427 -39.29 -23.05 5.11
C PHE E 427 -38.58 -24.26 5.72
N TYR E 428 -37.39 -24.57 5.19
CA TYR E 428 -36.62 -25.69 5.68
C TYR E 428 -35.53 -25.21 6.63
N SER E 429 -35.28 -26.01 7.67
CA SER E 429 -34.24 -25.72 8.65
C SER E 429 -33.48 -27.00 8.94
N GLY E 430 -32.24 -26.85 9.40
CA GLY E 430 -31.43 -28.00 9.66
C GLY E 430 -30.88 -28.62 8.39
N ASP E 431 -30.74 -29.95 8.41
CA ASP E 431 -30.17 -30.66 7.27
C ASP E 431 -30.96 -30.41 5.99
N ASP E 432 -32.27 -30.20 6.11
CA ASP E 432 -33.08 -29.93 4.93
C ASP E 432 -32.62 -28.67 4.22
N ALA E 433 -32.17 -27.67 4.98
CA ALA E 433 -31.64 -26.45 4.41
C ALA E 433 -30.14 -26.54 4.12
N LYS E 434 -29.50 -27.65 4.48
CA LYS E 434 -28.06 -27.78 4.27
C LYS E 434 -27.73 -28.05 2.80
N LYS E 435 -28.60 -28.79 2.11
CA LYS E 435 -28.31 -29.18 0.73
C LYS E 435 -28.20 -27.96 -0.18
N TYR E 436 -28.98 -26.92 0.09
CA TYR E 436 -28.86 -25.66 -0.65
C TYR E 436 -27.71 -24.86 -0.04
N THR E 437 -26.56 -24.88 -0.72
CA THR E 437 -25.35 -24.22 -0.21
C THR E 437 -25.42 -22.74 -0.60
N CYS E 438 -26.01 -21.94 0.28
CA CYS E 438 -26.15 -20.50 0.08
C CYS E 438 -25.26 -19.78 1.08
N THR E 439 -24.19 -19.15 0.59
CA THR E 439 -23.26 -18.44 1.45
C THR E 439 -23.79 -17.13 1.97
N VAL E 440 -24.59 -16.42 1.18
CA VAL E 440 -25.15 -15.14 1.61
C VAL E 440 -26.35 -15.38 2.50
N SER E 441 -26.80 -14.34 3.19
CA SER E 441 -27.93 -14.45 4.09
C SER E 441 -28.60 -13.10 4.22
N THR E 442 -29.84 -13.11 4.74
CA THR E 442 -30.59 -11.88 4.89
C THR E 442 -30.10 -11.05 6.07
N GLY E 443 -29.60 -11.70 7.12
CA GLY E 443 -29.08 -10.98 8.27
C GLY E 443 -29.88 -11.18 9.54
N PHE E 444 -31.18 -11.41 9.41
CA PHE E 444 -32.07 -11.58 10.55
C PHE E 444 -32.68 -12.98 10.54
N LYS E 445 -33.55 -13.24 11.50
CA LYS E 445 -34.20 -14.53 11.64
C LYS E 445 -35.61 -14.49 11.06
N PHE E 446 -36.14 -15.68 10.81
CA PHE E 446 -37.46 -15.83 10.21
C PHE E 446 -38.49 -16.21 11.27
N ASP E 447 -39.62 -15.50 11.25
CA ASP E 447 -40.71 -15.72 12.21
C ASP E 447 -41.89 -16.33 11.45
N ASP E 448 -42.12 -17.62 11.65
CA ASP E 448 -43.25 -18.28 11.00
C ASP E 448 -44.58 -17.72 11.48
N THR E 449 -44.64 -17.22 12.71
CA THR E 449 -45.88 -16.64 13.22
C THR E 449 -46.19 -15.29 12.61
N LYS E 450 -45.16 -14.49 12.33
CA LYS E 450 -45.37 -13.16 11.75
C LYS E 450 -45.46 -13.18 10.23
N PHE E 451 -45.16 -14.31 9.60
CA PHE E 451 -45.20 -14.42 8.14
C PHE E 451 -46.58 -14.92 7.71
N VAL E 452 -47.58 -14.10 8.00
CA VAL E 452 -48.98 -14.45 7.74
C VAL E 452 -49.67 -13.27 7.05
N GLU E 453 -50.76 -13.59 6.35
CA GLU E 453 -51.53 -12.57 5.65
C GLU E 453 -52.61 -11.93 6.51
N ASP E 454 -52.84 -12.45 7.72
CA ASP E 454 -53.89 -11.95 8.61
C ASP E 454 -53.24 -11.22 9.78
N SER E 455 -53.03 -9.92 9.62
CA SER E 455 -52.39 -9.10 10.65
C SER E 455 -52.67 -7.65 10.33
N PRO E 456 -52.80 -6.78 11.35
CA PRO E 456 -52.97 -5.34 11.09
C PRO E 456 -51.79 -4.74 10.33
N GLU E 457 -50.59 -5.28 10.50
CA GLU E 457 -49.45 -4.79 9.74
C GLU E 457 -49.66 -5.00 8.25
N MET E 458 -50.23 -6.16 7.86
CA MET E 458 -50.49 -6.42 6.46
C MET E 458 -51.50 -5.43 5.88
N GLU E 459 -52.57 -5.13 6.62
CA GLU E 459 -53.54 -4.15 6.15
C GLU E 459 -52.93 -2.76 6.04
N GLU E 460 -52.13 -2.35 7.03
CA GLU E 460 -51.45 -1.06 6.94
C GLU E 460 -50.56 -1.00 5.71
N LEU E 461 -49.78 -2.06 5.47
CA LEU E 461 -48.88 -2.10 4.33
C LEU E 461 -49.65 -2.04 3.02
N MET E 462 -50.76 -2.76 2.94
CA MET E 462 -51.56 -2.78 1.72
C MET E 462 -52.18 -1.41 1.48
N ASN E 463 -52.49 -0.69 2.55
CA ASN E 463 -52.93 0.69 2.40
C ASN E 463 -51.83 1.61 1.90
N ILE E 464 -50.62 1.47 2.45
CA ILE E 464 -49.50 2.32 2.03
C ILE E 464 -49.17 2.08 0.55
N ILE E 465 -49.10 0.80 0.15
CA ILE E 465 -48.73 0.48 -1.23
C ILE E 465 -49.79 0.98 -2.19
N ASN E 466 -51.07 0.76 -1.85
CA ASN E 466 -52.15 1.27 -2.69
C ASN E 466 -52.17 2.79 -2.76
N ASP E 467 -51.76 3.48 -1.69
CA ASP E 467 -51.61 4.92 -1.75
C ASP E 467 -50.48 5.32 -2.69
N ILE E 468 -49.36 4.60 -2.64
CA ILE E 468 -48.24 4.90 -3.54
C ILE E 468 -48.59 4.55 -4.98
N GLN E 469 -49.16 3.37 -5.20
CA GLN E 469 -49.51 2.91 -6.54
C GLN E 469 -50.94 2.40 -6.53
N PRO E 470 -51.90 3.26 -6.89
CA PRO E 470 -53.31 2.87 -6.86
C PRO E 470 -53.63 1.80 -7.91
N LEU E 471 -54.74 1.12 -7.68
CA LEU E 471 -55.20 0.04 -8.55
C LEU E 471 -56.18 0.51 -9.63
N THR E 472 -56.17 1.81 -9.94
CA THR E 472 -57.04 2.31 -11.00
C THR E 472 -56.62 1.76 -12.35
N ASP E 473 -57.59 1.64 -13.26
CA ASP E 473 -57.30 1.13 -14.59
C ASP E 473 -56.35 2.02 -15.35
N GLU E 474 -56.24 3.30 -14.98
CA GLU E 474 -55.24 4.16 -15.59
C GLU E 474 -53.83 3.75 -15.19
N ASN E 475 -53.70 3.01 -14.10
CA ASN E 475 -52.42 2.56 -13.57
C ASN E 475 -52.34 1.04 -13.52
N LYS E 476 -52.76 0.39 -14.61
CA LYS E 476 -52.82 -1.07 -14.64
C LYS E 476 -51.44 -1.67 -14.95
N LYS E 477 -50.90 -1.36 -16.12
CA LYS E 477 -49.61 -1.91 -16.51
C LYS E 477 -48.50 -1.41 -15.60
N ASN E 478 -48.53 -0.14 -15.21
CA ASN E 478 -47.50 0.45 -14.37
C ASN E 478 -47.45 -0.17 -12.98
N ARG E 479 -48.56 -0.77 -12.52
CA ARG E 479 -48.59 -1.45 -11.23
C ARG E 479 -48.10 -2.89 -11.33
N GLU E 480 -48.49 -3.59 -12.39
CA GLU E 480 -47.97 -4.93 -12.62
C GLU E 480 -46.46 -4.92 -12.83
N LEU E 481 -45.94 -3.95 -13.59
CA LEU E 481 -44.51 -3.83 -13.77
C LEU E 481 -43.80 -3.54 -12.45
N TYR E 482 -44.39 -2.66 -11.63
CA TYR E 482 -43.84 -2.35 -10.32
C TYR E 482 -43.79 -3.60 -9.44
N GLU E 483 -44.87 -4.38 -9.41
CA GLU E 483 -44.90 -5.61 -8.64
C GLU E 483 -43.86 -6.60 -9.14
N LYS E 484 -43.73 -6.74 -10.46
CA LYS E 484 -42.75 -7.66 -11.03
C LYS E 484 -41.34 -7.25 -10.63
N THR E 485 -41.02 -5.96 -10.74
CA THR E 485 -39.69 -5.49 -10.43
C THR E 485 -39.38 -5.70 -8.94
N LEU E 486 -40.33 -5.40 -8.07
CA LEU E 486 -40.10 -5.59 -6.64
C LEU E 486 -39.97 -7.06 -6.29
N SER E 487 -40.80 -7.92 -6.88
CA SER E 487 -40.77 -9.33 -6.54
C SER E 487 -39.52 -10.02 -7.08
N SER E 488 -38.96 -9.51 -8.18
CA SER E 488 -37.74 -10.09 -8.71
C SER E 488 -36.52 -9.82 -7.84
N CYS E 489 -36.68 -9.13 -6.71
CA CYS E 489 -35.59 -8.87 -5.79
C CYS E 489 -35.28 -10.05 -4.87
N LEU E 490 -36.07 -11.12 -4.93
CA LEU E 490 -35.81 -12.31 -4.14
C LEU E 490 -35.18 -13.44 -4.93
N CYS E 491 -35.06 -13.30 -6.25
CA CYS E 491 -34.54 -14.36 -7.10
C CYS E 491 -33.03 -14.25 -7.20
N GLY E 492 -32.33 -15.34 -6.92
CA GLY E 492 -30.89 -15.37 -6.98
C GLY E 492 -30.36 -15.73 -8.35
N ALA E 493 -30.88 -15.09 -9.38
CA ALA E 493 -30.48 -15.33 -10.75
C ALA E 493 -30.19 -13.99 -11.43
N THR E 494 -29.40 -14.04 -12.48
CA THR E 494 -29.00 -12.82 -13.18
C THR E 494 -30.17 -12.26 -13.98
N LYS E 495 -30.46 -10.99 -13.78
CA LYS E 495 -31.47 -10.28 -14.55
C LYS E 495 -30.81 -9.47 -15.64
N GLY E 496 -31.49 -9.39 -16.79
CA GLY E 496 -30.94 -8.70 -17.93
C GLY E 496 -31.66 -7.40 -18.28
N CYS E 497 -32.10 -6.66 -17.26
CA CYS E 497 -32.80 -5.42 -17.50
C CYS E 497 -32.66 -4.53 -16.27
N LEU E 498 -32.44 -3.24 -16.52
CA LEU E 498 -32.47 -2.24 -15.46
C LEU E 498 -33.91 -1.77 -15.23
N THR E 499 -34.07 -0.93 -14.22
CA THR E 499 -35.36 -0.33 -13.91
C THR E 499 -35.13 1.10 -13.45
N PHE E 500 -36.07 1.98 -13.77
CA PHE E 500 -35.97 3.39 -13.43
C PHE E 500 -37.18 3.79 -12.61
N PHE E 501 -36.98 3.95 -11.30
CA PHE E 501 -38.00 4.54 -10.43
C PHE E 501 -37.99 6.05 -10.66
N PHE E 502 -38.86 6.48 -11.57
CA PHE E 502 -38.92 7.88 -11.99
C PHE E 502 -40.19 8.53 -11.48
N GLY E 503 -40.02 9.67 -10.81
CA GLY E 503 -41.14 10.43 -10.31
C GLY E 503 -40.67 11.72 -9.69
N GLU E 504 -41.63 12.61 -9.44
CA GLU E 504 -41.29 13.88 -8.83
C GLU E 504 -40.96 13.70 -7.34
N THR E 505 -40.55 14.77 -6.71
CA THR E 505 -40.15 14.72 -5.32
C THR E 505 -41.34 14.40 -4.41
N ALA E 506 -41.06 13.70 -3.32
CA ALA E 506 -42.06 13.29 -2.33
C ALA E 506 -43.17 12.46 -2.98
N THR E 507 -42.77 11.31 -3.52
CA THR E 507 -43.72 10.41 -4.17
C THR E 507 -43.71 8.99 -3.61
N GLY E 508 -42.60 8.50 -3.07
CA GLY E 508 -42.58 7.19 -2.48
C GLY E 508 -41.41 6.32 -2.88
N LYS E 509 -40.51 6.86 -3.70
CA LYS E 509 -39.34 6.09 -4.14
C LYS E 509 -38.46 5.71 -2.97
N SER E 510 -38.08 6.70 -2.15
CA SER E 510 -37.30 6.41 -0.95
C SER E 510 -38.10 5.63 0.08
N THR E 511 -39.43 5.71 0.04
CA THR E 511 -40.26 4.87 0.89
C THR E 511 -40.23 3.41 0.43
N THR E 512 -40.32 3.18 -0.88
CA THR E 512 -40.22 1.83 -1.41
C THR E 512 -38.84 1.24 -1.15
N LYS E 513 -37.79 2.04 -1.29
CA LYS E 513 -36.44 1.56 -1.02
C LYS E 513 -36.30 1.12 0.43
N ARG E 514 -36.81 1.94 1.36
CA ARG E 514 -36.70 1.60 2.78
C ARG E 514 -37.58 0.41 3.14
N LEU E 515 -38.73 0.27 2.49
CA LEU E 515 -39.56 -0.91 2.71
C LEU E 515 -38.86 -2.17 2.22
N LEU E 516 -38.20 -2.09 1.06
CA LEU E 516 -37.52 -3.26 0.51
C LEU E 516 -36.31 -3.63 1.35
N LYS E 517 -35.54 -2.63 1.80
CA LYS E 517 -34.38 -2.92 2.64
C LYS E 517 -34.78 -3.59 3.94
N SER E 518 -35.94 -3.22 4.49
CA SER E 518 -36.44 -3.86 5.72
C SER E 518 -36.88 -5.29 5.48
N ALA E 519 -37.00 -5.73 4.24
CA ALA E 519 -37.47 -7.08 3.92
C ALA E 519 -36.33 -8.05 3.65
N ILE E 520 -35.34 -7.66 2.86
CA ILE E 520 -34.21 -8.54 2.56
C ILE E 520 -33.03 -8.28 3.46
N GLY E 521 -32.70 -7.01 3.71
CA GLY E 521 -31.64 -6.69 4.66
C GLY E 521 -30.25 -6.74 4.09
N ASP E 522 -29.49 -7.79 4.41
CA ASP E 522 -28.10 -7.88 3.99
C ASP E 522 -27.98 -8.06 2.49
N LEU E 523 -29.00 -8.65 1.84
CA LEU E 523 -29.01 -8.80 0.39
C LEU E 523 -29.50 -7.51 -0.27
N PHE E 524 -28.87 -6.41 0.12
CA PHE E 524 -29.26 -5.09 -0.35
C PHE E 524 -28.15 -4.07 -0.08
N VAL E 525 -27.65 -3.43 -1.13
CA VAL E 525 -26.72 -2.32 -0.99
C VAL E 525 -27.26 -1.15 -1.79
N GLU E 526 -27.19 0.05 -1.22
CA GLU E 526 -27.57 1.27 -1.92
C GLU E 526 -26.31 1.93 -2.48
N THR E 527 -25.84 1.37 -3.59
CA THR E 527 -24.54 1.74 -4.14
C THR E 527 -24.56 3.17 -4.65
N GLY E 528 -23.36 3.71 -4.87
CA GLY E 528 -23.23 5.09 -5.29
C GLY E 528 -23.63 5.29 -6.74
N GLN E 529 -23.96 6.54 -7.06
CA GLN E 529 -24.31 6.93 -8.41
C GLN E 529 -23.13 6.85 -9.37
N THR E 530 -21.90 6.79 -8.85
CA THR E 530 -20.72 6.87 -9.71
C THR E 530 -20.70 5.77 -10.77
N ILE E 531 -21.33 4.63 -10.51
CA ILE E 531 -21.37 3.60 -11.52
C ILE E 531 -22.60 3.76 -12.43
N LEU E 532 -22.59 4.85 -13.21
CA LEU E 532 -23.41 4.98 -14.40
C LEU E 532 -22.62 5.76 -15.44
N THR E 533 -21.55 6.43 -14.97
CA THR E 533 -20.83 7.41 -15.76
C THR E 533 -19.32 7.24 -15.65
N ASP E 534 -18.87 6.16 -15.03
CA ASP E 534 -17.45 5.95 -14.80
C ASP E 534 -17.05 4.60 -15.38
N VAL E 535 -15.88 4.57 -16.01
CA VAL E 535 -15.32 3.33 -16.55
C VAL E 535 -14.89 2.47 -15.36
N LEU E 536 -15.62 1.39 -15.15
CA LEU E 536 -15.38 0.52 -14.01
C LEU E 536 -14.30 -0.52 -14.31
N ASP E 537 -13.18 -0.09 -14.88
CA ASP E 537 -12.12 -1.01 -15.25
C ASP E 537 -10.79 -0.71 -14.57
N LYS E 538 -10.31 0.53 -14.60
CA LYS E 538 -8.98 0.80 -14.11
C LYS E 538 -8.97 0.93 -12.59
N GLY E 539 -7.90 0.42 -11.98
CA GLY E 539 -7.70 0.54 -10.56
C GLY E 539 -8.76 -0.14 -9.74
N PRO E 540 -8.87 0.23 -8.47
CA PRO E 540 -9.89 -0.34 -7.60
C PRO E 540 -11.25 0.31 -7.81
N ASN E 541 -12.28 -0.46 -7.47
CA ASN E 541 -13.66 0.03 -7.55
C ASN E 541 -14.54 -0.81 -6.65
N PRO E 542 -14.50 -0.60 -5.33
CA PRO E 542 -15.33 -1.39 -4.42
C PRO E 542 -16.81 -1.14 -4.54
N PHE E 543 -17.23 -0.10 -5.28
CA PHE E 543 -18.64 0.08 -5.58
C PHE E 543 -19.19 -1.02 -6.47
N ILE E 544 -18.33 -1.80 -7.11
CA ILE E 544 -18.74 -2.94 -7.91
C ILE E 544 -18.50 -4.26 -7.17
N ALA E 545 -17.38 -4.37 -6.46
CA ALA E 545 -17.07 -5.59 -5.72
C ALA E 545 -18.06 -5.87 -4.59
N ASN E 546 -18.84 -4.87 -4.17
CA ASN E 546 -19.82 -5.08 -3.12
C ASN E 546 -21.05 -5.82 -3.61
N MET E 547 -21.42 -5.64 -4.89
CA MET E 547 -22.59 -6.33 -5.42
C MET E 547 -22.24 -7.74 -5.87
N HIS E 548 -21.56 -8.48 -5.00
CA HIS E 548 -21.26 -9.89 -5.24
C HIS E 548 -22.34 -10.72 -4.55
N LEU E 549 -23.17 -11.38 -5.34
CA LEU E 549 -24.28 -12.22 -4.89
C LEU E 549 -25.40 -11.42 -4.22
N LYS E 550 -25.39 -10.10 -4.33
CA LYS E 550 -26.45 -9.30 -3.75
C LYS E 550 -27.71 -9.37 -4.60
N ARG E 551 -28.85 -9.62 -3.96
CA ARG E 551 -30.09 -9.78 -4.70
C ARG E 551 -30.58 -8.46 -5.29
N SER E 552 -30.46 -7.37 -4.56
CA SER E 552 -30.96 -6.09 -5.02
C SER E 552 -29.90 -5.01 -4.82
N VAL E 553 -29.78 -4.13 -5.80
CA VAL E 553 -28.87 -2.99 -5.75
C VAL E 553 -29.66 -1.75 -6.12
N PHE E 554 -29.61 -0.74 -5.26
CA PHE E 554 -30.38 0.48 -5.45
C PHE E 554 -29.43 1.64 -5.67
N CYS E 555 -29.69 2.44 -6.70
CA CYS E 555 -28.89 3.62 -7.00
C CYS E 555 -29.78 4.85 -7.06
N SER E 556 -29.38 5.90 -6.37
CA SER E 556 -30.12 7.15 -6.29
C SER E 556 -29.23 8.28 -6.83
N GLU E 557 -29.66 9.51 -6.58
CA GLU E 557 -28.87 10.71 -6.88
C GLU E 557 -28.62 10.88 -8.37
N LEU E 558 -29.70 11.03 -9.13
CA LEU E 558 -29.59 11.39 -10.53
C LEU E 558 -29.73 12.91 -10.65
N PRO E 559 -28.65 13.63 -10.93
CA PRO E 559 -28.73 15.10 -10.95
C PRO E 559 -29.27 15.62 -12.27
N ASP E 560 -29.49 16.93 -12.30
CA ASP E 560 -29.89 17.59 -13.52
C ASP E 560 -28.76 17.53 -14.55
N PHE E 561 -29.14 17.32 -15.81
CA PHE E 561 -28.19 17.18 -16.90
C PHE E 561 -28.05 18.48 -17.69
N ALA E 562 -28.17 19.61 -16.99
CA ALA E 562 -27.97 20.92 -17.60
C ALA E 562 -27.01 21.74 -16.75
N CYS E 563 -26.95 21.44 -15.46
CA CYS E 563 -26.04 22.14 -14.56
C CYS E 563 -24.60 21.69 -14.80
N SER E 564 -23.66 22.49 -14.29
CA SER E 564 -22.24 22.14 -14.39
C SER E 564 -21.98 20.81 -13.70
N GLY E 565 -21.38 19.87 -14.43
CA GLY E 565 -21.22 18.52 -13.92
C GLY E 565 -22.21 17.59 -14.58
N SER E 566 -22.80 18.03 -15.69
CA SER E 566 -23.80 17.25 -16.40
C SER E 566 -23.17 16.11 -17.18
N LYS E 567 -22.77 15.05 -16.48
CA LYS E 567 -22.24 13.87 -17.13
C LYS E 567 -23.37 13.14 -17.86
N LYS E 568 -23.00 12.07 -18.56
CA LYS E 568 -23.96 11.27 -19.30
C LYS E 568 -23.90 9.83 -18.81
N ILE E 569 -25.07 9.21 -18.71
CA ILE E 569 -25.15 7.81 -18.33
C ILE E 569 -24.55 6.98 -19.46
N ARG E 570 -23.35 6.43 -19.23
CA ARG E 570 -22.63 5.73 -20.27
C ARG E 570 -23.41 4.52 -20.75
N SER E 571 -23.79 4.53 -22.04
CA SER E 571 -24.60 3.46 -22.58
C SER E 571 -23.88 2.12 -22.50
N ASP E 572 -22.59 2.10 -22.82
CA ASP E 572 -21.82 0.87 -22.73
C ASP E 572 -21.70 0.40 -21.28
N ASN E 573 -21.74 1.32 -20.33
CA ASN E 573 -21.72 0.94 -18.92
C ASN E 573 -23.00 0.25 -18.49
N ILE E 574 -24.14 0.63 -19.06
CA ILE E 574 -25.39 -0.05 -18.76
C ILE E 574 -25.35 -1.50 -19.26
N LYS E 575 -24.73 -1.74 -20.42
CA LYS E 575 -24.62 -3.10 -20.93
C LYS E 575 -23.73 -3.99 -20.07
N LYS E 576 -22.85 -3.40 -19.27
CA LYS E 576 -21.95 -4.19 -18.43
C LYS E 576 -22.66 -4.78 -17.22
N LEU E 577 -23.64 -4.05 -16.65
CA LEU E 577 -24.37 -4.57 -15.51
C LEU E 577 -25.57 -5.40 -15.97
N THR E 578 -25.34 -6.30 -16.92
CA THR E 578 -26.35 -7.27 -17.34
C THR E 578 -25.81 -8.68 -17.46
N GLU E 579 -24.51 -8.89 -17.61
CA GLU E 579 -23.92 -10.20 -17.72
C GLU E 579 -23.82 -10.86 -16.35
N PRO E 580 -23.76 -12.20 -16.30
CA PRO E 580 -23.64 -12.89 -15.01
C PRO E 580 -22.39 -12.55 -14.24
N CYS E 581 -21.35 -12.03 -14.89
CA CYS E 581 -20.09 -11.69 -14.23
C CYS E 581 -19.71 -10.26 -14.59
N VAL E 582 -19.64 -9.40 -13.59
CA VAL E 582 -19.19 -8.02 -13.76
C VAL E 582 -17.72 -7.96 -13.41
N ILE E 583 -16.99 -7.09 -14.12
CA ILE E 583 -15.54 -6.99 -14.00
C ILE E 583 -15.21 -5.82 -13.09
N GLY E 584 -14.42 -6.07 -12.06
CA GLY E 584 -14.04 -5.07 -11.09
C GLY E 584 -13.47 -5.71 -9.85
N ARG E 585 -12.56 -5.03 -9.17
CA ARG E 585 -11.85 -5.60 -8.03
C ARG E 585 -11.91 -4.63 -6.86
N PRO E 586 -11.85 -5.15 -5.63
CA PRO E 586 -11.77 -4.27 -4.45
C PRO E 586 -10.36 -3.74 -4.27
N CYS E 587 -10.13 -3.00 -3.19
CA CYS E 587 -8.79 -2.54 -2.86
C CYS E 587 -7.96 -3.68 -2.30
N PHE E 588 -6.69 -3.72 -2.69
CA PHE E 588 -5.73 -4.71 -2.21
C PHE E 588 -6.14 -6.14 -2.57
N SER E 589 -6.84 -6.31 -3.69
CA SER E 589 -7.37 -7.63 -4.04
C SER E 589 -7.11 -7.92 -5.51
N ASN E 590 -7.07 -9.22 -5.83
CA ASN E 590 -6.83 -9.67 -7.19
C ASN E 590 -8.08 -10.22 -7.87
N LYS E 591 -9.12 -10.57 -7.10
CA LYS E 591 -10.34 -11.09 -7.70
C LYS E 591 -11.00 -10.03 -8.56
N ILE E 592 -11.19 -10.33 -9.84
CA ILE E 592 -11.69 -9.36 -10.79
C ILE E 592 -13.14 -9.60 -11.22
N ASN E 593 -13.67 -10.79 -11.03
CA ASN E 593 -15.02 -11.13 -11.47
C ASN E 593 -15.95 -11.27 -10.28
N ASN E 594 -17.12 -10.64 -10.38
CA ASN E 594 -18.14 -10.70 -9.35
C ASN E 594 -19.44 -11.20 -9.96
N ARG E 595 -20.07 -12.17 -9.31
CA ARG E 595 -21.33 -12.71 -9.81
C ARG E 595 -22.43 -11.66 -9.68
N ASN E 596 -23.19 -11.47 -10.75
CA ASN E 596 -24.20 -10.42 -10.83
C ASN E 596 -25.58 -11.04 -10.64
N HIS E 597 -26.06 -11.04 -9.41
CA HIS E 597 -27.43 -11.43 -9.09
C HIS E 597 -28.31 -10.22 -8.80
N ALA E 598 -27.82 -9.01 -9.07
CA ALA E 598 -28.49 -7.80 -8.65
C ALA E 598 -29.73 -7.54 -9.51
N THR E 599 -30.58 -6.65 -8.98
CA THR E 599 -31.83 -6.22 -9.61
C THR E 599 -31.84 -4.70 -9.70
N ILE E 600 -30.76 -4.15 -10.25
CA ILE E 600 -30.43 -2.72 -10.20
C ILE E 600 -31.64 -1.85 -10.50
N ILE E 601 -31.93 -0.92 -9.58
CA ILE E 601 -33.05 0.00 -9.71
C ILE E 601 -32.48 1.40 -9.52
N ILE E 602 -32.48 2.19 -10.59
CA ILE E 602 -32.01 3.56 -10.53
C ILE E 602 -33.16 4.46 -10.10
N ASP E 603 -33.00 5.15 -8.98
CA ASP E 603 -34.02 6.04 -8.43
C ASP E 603 -33.69 7.43 -8.96
N THR E 604 -34.54 7.94 -9.85
CA THR E 604 -34.29 9.22 -10.50
C THR E 604 -35.49 10.15 -10.31
N ASN E 605 -35.21 11.45 -10.41
CA ASN E 605 -36.23 12.48 -10.33
C ASN E 605 -36.42 13.18 -11.67
N TYR E 606 -35.34 13.46 -12.39
CA TYR E 606 -35.41 14.02 -13.72
C TYR E 606 -35.18 12.92 -14.74
N LYS E 607 -35.76 13.11 -15.93
CA LYS E 607 -35.59 12.12 -16.99
C LYS E 607 -34.12 12.01 -17.37
N PRO E 608 -33.57 10.80 -17.43
CA PRO E 608 -32.13 10.66 -17.68
C PRO E 608 -31.77 10.98 -19.12
N VAL E 609 -30.57 11.51 -19.30
CA VAL E 609 -30.00 11.77 -20.61
C VAL E 609 -28.85 10.79 -20.84
N PHE E 610 -28.95 10.00 -21.90
CA PHE E 610 -28.03 8.90 -22.12
C PHE E 610 -26.87 9.34 -23.01
N ASP E 611 -25.82 8.52 -23.02
CA ASP E 611 -24.66 8.80 -23.85
C ASP E 611 -25.03 8.81 -25.33
N ARG E 612 -25.53 7.68 -25.83
CA ARG E 612 -26.03 7.60 -27.19
C ARG E 612 -27.04 6.47 -27.27
N ILE E 613 -28.17 6.74 -27.92
CA ILE E 613 -29.26 5.76 -27.99
C ILE E 613 -29.04 4.82 -29.17
N ASP E 614 -29.27 3.54 -28.94
CA ASP E 614 -29.15 2.53 -29.98
C ASP E 614 -30.09 1.37 -29.62
N ASN E 615 -30.27 0.43 -30.55
CA ASN E 615 -31.16 -0.69 -30.33
C ASN E 615 -30.66 -1.65 -29.24
N ALA E 616 -29.35 -1.66 -28.98
CA ALA E 616 -28.83 -2.52 -27.92
C ALA E 616 -29.11 -1.94 -26.54
N LEU E 617 -29.31 -0.63 -26.44
CA LEU E 617 -29.53 0.01 -25.15
C LEU E 617 -31.01 -0.05 -24.76
N MET E 618 -31.91 0.11 -25.73
CA MET E 618 -33.33 0.14 -25.47
C MET E 618 -33.89 -1.22 -25.05
N ARG E 619 -33.12 -2.28 -25.19
CA ARG E 619 -33.57 -3.64 -24.87
C ARG E 619 -33.47 -3.95 -23.38
N ARG E 620 -32.78 -3.13 -22.60
CA ARG E 620 -32.47 -3.44 -21.21
C ARG E 620 -32.82 -2.28 -20.29
N ILE E 621 -34.02 -1.71 -20.47
CA ILE E 621 -34.48 -0.59 -19.64
C ILE E 621 -35.98 -0.70 -19.44
N ALA E 622 -36.41 -0.47 -18.21
CA ALA E 622 -37.82 -0.36 -17.88
C ALA E 622 -38.01 0.85 -16.96
N VAL E 623 -39.20 1.45 -17.03
CA VAL E 623 -39.51 2.66 -16.28
C VAL E 623 -40.82 2.45 -15.52
N VAL E 624 -40.80 2.74 -14.22
CA VAL E 624 -41.98 2.66 -13.37
C VAL E 624 -42.31 4.08 -12.91
N ARG E 625 -43.40 4.63 -13.45
CA ARG E 625 -43.77 6.01 -13.15
C ARG E 625 -44.42 6.11 -11.77
N PHE E 626 -44.12 7.21 -11.08
CA PHE E 626 -44.65 7.50 -9.75
C PHE E 626 -45.41 8.82 -9.80
N ARG E 627 -46.74 8.76 -9.67
CA ARG E 627 -47.58 9.98 -9.68
C ARG E 627 -48.51 9.93 -8.47
N THR E 628 -48.00 10.39 -7.32
CA THR E 628 -48.79 10.56 -6.11
C THR E 628 -47.94 11.36 -5.12
N HIS E 629 -48.52 12.42 -4.57
CA HIS E 629 -47.77 13.35 -3.71
C HIS E 629 -48.29 13.24 -2.28
N PHE E 630 -47.38 13.01 -1.34
CA PHE E 630 -47.69 13.05 0.08
C PHE E 630 -47.15 14.36 0.65
N SER E 631 -48.02 15.34 0.79
CA SER E 631 -47.63 16.67 1.24
C SER E 631 -48.38 17.06 2.51
N GLN E 632 -47.78 18.00 3.26
CA GLN E 632 -48.36 18.61 4.44
C GLN E 632 -49.40 19.65 4.01
N PRO E 633 -50.39 19.95 4.88
CA PRO E 633 -51.46 20.86 4.46
C PRO E 633 -51.03 22.32 4.36
N SER E 634 -49.94 22.58 3.64
CA SER E 634 -49.51 23.93 3.33
C SER E 634 -49.57 24.20 1.83
N GLY E 635 -48.91 23.38 1.02
CA GLY E 635 -48.97 23.44 -0.42
C GLY E 635 -49.88 22.42 -1.07
N ARG E 636 -50.86 21.89 -0.33
CA ARG E 636 -51.70 20.81 -0.85
C ARG E 636 -52.47 21.26 -2.08
N GLU E 637 -53.06 22.46 -2.03
CA GLU E 637 -53.81 22.95 -3.19
C GLU E 637 -52.88 23.25 -4.37
N ALA E 638 -51.73 23.84 -4.10
CA ALA E 638 -50.76 24.11 -5.16
C ALA E 638 -50.26 22.81 -5.78
N ALA E 639 -50.01 21.80 -4.95
CA ALA E 639 -49.59 20.50 -5.47
C ALA E 639 -50.70 19.86 -6.29
N GLU E 640 -51.95 20.03 -5.87
CA GLU E 640 -53.09 19.50 -6.63
C GLU E 640 -53.19 20.18 -7.98
N ASN E 641 -52.96 21.49 -8.04
CA ASN E 641 -52.98 22.21 -9.31
C ASN E 641 -51.86 21.75 -10.25
N ASN E 642 -50.76 21.23 -9.70
CA ASN E 642 -49.67 20.74 -10.53
C ASN E 642 -50.10 19.50 -11.31
N ASP E 643 -49.61 19.40 -12.54
CA ASP E 643 -49.89 18.26 -13.39
C ASP E 643 -48.94 17.09 -13.15
N ALA E 644 -47.85 17.30 -12.43
CA ALA E 644 -46.87 16.24 -12.20
C ALA E 644 -47.37 15.17 -11.25
N TYR E 645 -48.50 15.38 -10.56
CA TYR E 645 -49.06 14.39 -9.65
C TYR E 645 -50.50 14.11 -10.04
N ASP E 646 -51.01 12.99 -9.52
CA ASP E 646 -52.41 12.63 -9.70
C ASP E 646 -53.17 12.46 -8.38
N LYS E 647 -52.47 12.36 -7.26
CA LYS E 647 -53.11 12.28 -5.94
C LYS E 647 -52.32 13.15 -4.97
N VAL E 648 -53.03 13.63 -3.94
CA VAL E 648 -52.47 14.62 -3.02
C VAL E 648 -52.60 14.14 -1.57
N LYS E 649 -52.50 12.83 -1.35
CA LYS E 649 -52.71 12.23 -0.04
C LYS E 649 -51.87 12.90 1.05
N LEU E 650 -52.33 12.78 2.30
CA LEU E 650 -51.77 13.51 3.42
C LEU E 650 -50.49 12.85 3.90
N LEU E 651 -49.46 13.66 4.18
CA LEU E 651 -48.18 13.15 4.63
C LEU E 651 -48.28 12.57 6.03
N ASP E 652 -47.78 11.36 6.20
CA ASP E 652 -47.79 10.70 7.51
C ASP E 652 -46.41 10.77 8.15
N GLU E 653 -46.40 10.81 9.48
CA GLU E 653 -45.17 10.93 10.24
C GLU E 653 -44.76 9.65 10.96
N GLY E 654 -45.69 8.75 11.23
CA GLY E 654 -45.33 7.49 11.88
C GLY E 654 -44.72 6.47 10.94
N LEU E 655 -44.66 6.77 9.65
CA LEU E 655 -44.11 5.84 8.67
C LEU E 655 -42.64 5.55 8.93
N ASP E 656 -41.80 6.60 8.86
CA ASP E 656 -40.37 6.43 9.05
C ASP E 656 -40.03 5.89 10.43
N GLY E 657 -40.92 6.02 11.40
CA GLY E 657 -40.73 5.40 12.70
C GLY E 657 -40.77 3.90 12.61
N LYS E 658 -41.93 3.34 12.24
CA LYS E 658 -42.07 1.90 12.10
C LYS E 658 -41.78 1.42 10.67
N ILE E 659 -40.65 1.86 10.14
CA ILE E 659 -40.11 1.31 8.90
C ILE E 659 -38.64 0.98 9.16
N GLN E 660 -37.92 1.97 9.68
CA GLN E 660 -36.58 1.75 10.21
C GLN E 660 -36.59 0.85 11.44
N ASN E 661 -37.70 0.80 12.17
CA ASN E 661 -37.86 -0.09 13.32
C ASN E 661 -38.32 -1.48 12.90
N ASN E 662 -38.49 -1.72 11.60
CA ASN E 662 -38.79 -3.05 11.06
C ASN E 662 -40.13 -3.57 11.56
N ARG E 663 -41.20 -2.81 11.29
CA ARG E 663 -42.55 -3.29 11.59
C ARG E 663 -43.09 -4.14 10.45
N TYR E 664 -43.14 -3.57 9.24
CA TYR E 664 -43.62 -4.29 8.07
C TYR E 664 -42.51 -5.08 7.39
N ARG E 665 -41.79 -5.89 8.16
CA ARG E 665 -40.72 -6.70 7.60
C ARG E 665 -41.28 -7.98 6.99
N PHE E 666 -41.94 -8.81 7.79
CA PHE E 666 -42.51 -10.05 7.27
C PHE E 666 -43.78 -9.80 6.48
N ALA E 667 -44.51 -8.72 6.80
CA ALA E 667 -45.68 -8.37 6.02
C ALA E 667 -45.32 -8.04 4.58
N PHE E 668 -44.22 -7.31 4.36
CA PHE E 668 -43.76 -7.03 3.01
C PHE E 668 -43.17 -8.28 2.36
N LEU E 669 -42.54 -9.15 3.17
CA LEU E 669 -42.00 -10.39 2.64
C LEU E 669 -43.09 -11.28 2.07
N TYR E 670 -44.23 -11.37 2.77
CA TYR E 670 -45.35 -12.16 2.26
C TYR E 670 -45.86 -11.60 0.94
N LEU E 671 -45.97 -10.28 0.84
CA LEU E 671 -46.42 -9.67 -0.41
C LEU E 671 -45.43 -9.95 -1.54
N LEU E 672 -44.13 -9.85 -1.25
CA LEU E 672 -43.12 -10.13 -2.26
C LEU E 672 -43.18 -11.58 -2.74
N VAL E 673 -43.35 -12.51 -1.80
CA VAL E 673 -43.46 -13.92 -2.19
C VAL E 673 -44.73 -14.16 -3.02
N LYS E 674 -45.84 -13.52 -2.64
CA LYS E 674 -47.08 -13.66 -3.41
C LYS E 674 -46.89 -13.14 -4.83
N TRP E 675 -46.27 -11.96 -4.98
CA TRP E 675 -46.02 -11.42 -6.31
C TRP E 675 -45.06 -12.30 -7.11
N TYR E 676 -44.04 -12.86 -6.45
CA TYR E 676 -43.11 -13.75 -7.12
C TYR E 676 -43.83 -14.98 -7.66
N LYS E 677 -44.74 -15.55 -6.85
CA LYS E 677 -45.55 -16.67 -7.33
C LYS E 677 -46.43 -16.24 -8.49
N LYS E 678 -47.03 -15.04 -8.41
CA LYS E 678 -47.93 -14.60 -9.46
C LYS E 678 -47.21 -14.36 -10.78
N TYR E 679 -45.95 -13.92 -10.73
CA TYR E 679 -45.28 -13.43 -11.94
C TYR E 679 -44.17 -14.32 -12.46
N HIS E 680 -43.31 -14.87 -11.60
CA HIS E 680 -42.22 -15.75 -12.09
C HIS E 680 -42.23 -17.06 -11.32
N ILE E 681 -43.12 -17.97 -11.69
CA ILE E 681 -43.00 -19.36 -11.25
C ILE E 681 -42.09 -20.15 -12.19
N PRO E 682 -42.37 -20.24 -13.52
CA PRO E 682 -41.56 -21.11 -14.38
C PRO E 682 -40.15 -20.59 -14.57
N ILE E 683 -40.04 -19.35 -15.07
CA ILE E 683 -38.76 -18.73 -15.35
C ILE E 683 -38.83 -17.27 -14.91
N MET E 684 -37.77 -16.80 -14.25
CA MET E 684 -37.70 -15.40 -13.88
C MET E 684 -37.09 -14.60 -15.02
N LYS E 685 -37.83 -13.59 -15.49
CA LYS E 685 -37.39 -12.80 -16.63
C LYS E 685 -38.01 -11.42 -16.55
N LEU E 686 -37.21 -10.40 -16.84
CA LEU E 686 -37.66 -9.01 -16.84
C LEU E 686 -37.66 -8.49 -18.27
N TYR E 687 -38.78 -7.88 -18.68
CA TYR E 687 -38.92 -7.39 -20.04
C TYR E 687 -38.81 -5.87 -20.08
N PRO E 688 -38.22 -5.33 -21.14
CA PRO E 688 -38.07 -3.87 -21.26
C PRO E 688 -39.38 -3.19 -21.64
N THR E 689 -39.45 -1.90 -21.32
CA THR E 689 -40.56 -1.04 -21.72
C THR E 689 -39.96 0.21 -22.36
N PRO E 690 -39.41 0.08 -23.58
CA PRO E 690 -38.73 1.22 -24.20
C PRO E 690 -39.65 2.37 -24.61
N GLU E 691 -40.96 2.15 -24.74
CA GLU E 691 -41.82 3.25 -25.19
C GLU E 691 -42.26 4.12 -24.02
N GLU E 692 -41.31 4.54 -23.19
CA GLU E 692 -41.62 5.46 -22.10
C GLU E 692 -40.68 6.66 -22.02
N ILE E 693 -39.41 6.53 -22.39
CA ILE E 693 -38.46 7.63 -22.36
C ILE E 693 -38.59 8.43 -23.66
N PRO E 694 -38.66 9.76 -23.61
CA PRO E 694 -38.86 10.53 -24.85
C PRO E 694 -37.80 10.28 -25.91
N ASP E 695 -36.53 10.13 -25.52
CA ASP E 695 -35.49 9.83 -26.49
C ASP E 695 -35.73 8.48 -27.16
N PHE E 696 -36.07 7.47 -26.37
CA PHE E 696 -36.36 6.16 -26.93
C PHE E 696 -37.61 6.19 -27.80
N ALA E 697 -38.63 6.95 -27.39
CA ALA E 697 -39.84 7.09 -28.21
C ALA E 697 -39.50 7.72 -29.56
N PHE E 698 -38.62 8.72 -29.54
CA PHE E 698 -38.14 9.31 -30.79
C PHE E 698 -37.42 8.28 -31.64
N TYR E 699 -36.58 7.46 -31.02
CA TYR E 699 -35.80 6.49 -31.78
C TYR E 699 -36.68 5.34 -32.27
N LEU E 700 -37.76 5.03 -31.55
CA LEU E 700 -38.68 3.98 -31.99
C LEU E 700 -39.43 4.41 -33.24
N GLY F 323 25.30 -20.08 41.84
CA GLY F 323 23.88 -20.17 41.59
C GLY F 323 23.54 -20.53 40.16
N ASN F 324 23.05 -19.55 39.41
CA ASN F 324 22.73 -19.77 38.00
C ASN F 324 23.99 -19.92 37.17
N LYS F 325 23.87 -20.68 36.08
CA LYS F 325 24.99 -20.95 35.19
C LYS F 325 24.95 -20.16 33.90
N LEU F 326 23.76 -19.91 33.34
CA LEU F 326 23.62 -19.16 32.11
C LEU F 326 23.51 -17.65 32.34
N PHE F 327 23.47 -17.22 33.60
CA PHE F 327 23.45 -15.79 33.92
C PHE F 327 24.85 -15.23 34.14
N ASN F 328 25.72 -16.02 34.77
CA ASN F 328 27.09 -15.58 34.97
C ASN F 328 27.81 -15.41 33.63
N ILE F 329 27.49 -16.25 32.65
CA ILE F 329 28.09 -16.11 31.34
C ILE F 329 27.70 -14.79 30.70
N ALA F 330 26.42 -14.42 30.78
CA ALA F 330 25.98 -13.14 30.25
C ALA F 330 26.61 -11.97 30.99
N GLN F 331 26.73 -12.08 32.31
CA GLN F 331 27.37 -11.02 33.08
C GLN F 331 28.84 -10.86 32.68
N ARG F 332 29.54 -11.98 32.50
CA ARG F 332 30.94 -11.92 32.07
C ARG F 332 31.07 -11.31 30.68
N ILE F 333 30.17 -11.69 29.77
CA ILE F 333 30.19 -11.11 28.42
C ILE F 333 29.96 -9.61 28.48
N LEU F 334 29.07 -9.16 29.36
CA LEU F 334 28.89 -7.72 29.54
C LEU F 334 30.14 -7.07 30.12
N ASP F 335 30.86 -7.79 31.00
CA ASP F 335 32.05 -7.21 31.63
C ASP F 335 33.13 -6.88 30.60
N THR F 336 33.12 -7.53 29.44
CA THR F 336 34.10 -7.25 28.40
C THR F 336 33.77 -6.01 27.59
N ASN F 337 32.60 -5.39 27.81
CA ASN F 337 32.18 -4.19 27.08
C ASN F 337 32.17 -4.43 25.58
N SER F 338 31.73 -5.62 25.18
CA SER F 338 31.64 -5.96 23.76
C SER F 338 30.30 -5.62 23.15
N VAL F 339 29.23 -5.59 23.94
CA VAL F 339 27.90 -5.25 23.46
C VAL F 339 27.54 -3.86 23.99
N LEU F 340 27.03 -3.02 23.10
CA LEU F 340 26.61 -1.67 23.47
C LEU F 340 25.27 -1.36 22.83
N LEU F 341 24.52 -0.49 23.48
CA LEU F 341 23.23 -0.02 22.98
C LEU F 341 23.34 1.45 22.62
N THR F 342 22.83 1.81 21.45
CA THR F 342 22.84 3.19 20.98
C THR F 342 21.53 3.88 21.33
N GLU F 343 21.50 5.19 21.14
CA GLU F 343 20.28 5.96 21.40
C GLU F 343 19.16 5.60 20.43
N ARG F 344 19.49 4.97 19.30
CA ARG F 344 18.49 4.57 18.31
C ARG F 344 17.91 3.20 18.55
N GLY F 345 18.42 2.47 19.54
CA GLY F 345 17.95 1.12 19.81
C GLY F 345 18.76 0.01 19.16
N ASP F 346 19.91 0.33 18.60
CA ASP F 346 20.75 -0.66 17.93
C ASP F 346 21.62 -1.39 18.95
N HIS F 347 21.99 -2.63 18.61
CA HIS F 347 22.89 -3.44 19.42
C HIS F 347 24.17 -3.65 18.61
N ILE F 348 25.21 -2.88 18.93
CA ILE F 348 26.49 -2.96 18.25
C ILE F 348 27.38 -3.94 19.00
N VAL F 349 28.00 -4.85 18.26
CA VAL F 349 28.86 -5.87 18.82
C VAL F 349 30.28 -5.69 18.28
N TRP F 350 31.22 -6.37 18.90
CA TRP F 350 32.66 -6.24 18.61
C TRP F 350 33.19 -7.61 18.23
N ILE F 351 33.22 -7.90 16.93
CA ILE F 351 33.75 -9.15 16.41
C ILE F 351 34.84 -8.83 15.39
N ASN F 352 35.97 -9.51 15.51
CA ASN F 352 37.08 -9.39 14.57
C ASN F 352 37.54 -7.94 14.42
N ASN F 353 37.83 -7.33 15.57
CA ASN F 353 38.45 -6.00 15.64
C ASN F 353 37.62 -4.96 14.87
N SER F 354 36.29 -5.07 14.97
CA SER F 354 35.41 -4.11 14.29
C SER F 354 34.07 -4.08 15.00
N TRP F 355 33.49 -2.89 15.09
CA TRP F 355 32.13 -2.72 15.60
C TRP F 355 31.15 -2.93 14.45
N LYS F 356 30.13 -3.74 14.68
CA LYS F 356 29.15 -4.07 13.65
C LYS F 356 27.74 -3.98 14.22
N PHE F 357 26.80 -3.61 13.36
CA PHE F 357 25.38 -3.62 13.73
C PHE F 357 24.57 -4.03 12.51
N ASN F 358 23.64 -4.95 12.70
CA ASN F 358 22.80 -5.45 11.62
C ASN F 358 21.48 -5.93 12.22
N SER F 359 20.38 -5.34 11.77
CA SER F 359 19.07 -5.66 12.33
C SER F 359 18.56 -7.03 11.91
N GLU F 360 19.18 -7.66 10.91
CA GLU F 360 18.71 -8.95 10.40
C GLU F 360 19.52 -10.11 10.98
N GLU F 361 20.85 -10.06 10.86
CA GLU F 361 21.69 -11.14 11.33
C GLU F 361 21.67 -11.22 12.85
N PRO F 362 21.87 -12.42 13.41
CA PRO F 362 22.00 -12.58 14.87
C PRO F 362 23.41 -12.25 15.36
N LEU F 363 23.71 -10.95 15.40
CA LEU F 363 25.06 -10.51 15.74
C LEU F 363 25.41 -10.85 17.19
N ILE F 364 24.47 -10.68 18.11
CA ILE F 364 24.75 -10.98 19.50
C ILE F 364 25.07 -12.46 19.69
N THR F 365 24.33 -13.34 19.03
CA THR F 365 24.59 -14.77 19.09
C THR F 365 25.90 -15.14 18.41
N LYS F 366 26.30 -14.43 17.36
CA LYS F 366 27.62 -14.64 16.77
C LYS F 366 28.72 -14.26 17.75
N LEU F 367 28.56 -13.13 18.44
CA LEU F 367 29.55 -12.71 19.42
C LEU F 367 29.64 -13.69 20.58
N ILE F 368 28.49 -14.21 21.03
CA ILE F 368 28.49 -15.19 22.11
C ILE F 368 29.27 -16.44 21.71
N LEU F 369 29.13 -16.87 20.47
CA LEU F 369 29.90 -18.01 19.99
C LEU F 369 31.38 -17.69 19.83
N SER F 370 31.71 -16.46 19.44
CA SER F 370 33.10 -16.11 19.19
C SER F 370 33.88 -15.78 20.46
N ILE F 371 33.21 -15.44 21.55
CA ILE F 371 33.91 -15.04 22.77
C ILE F 371 34.07 -16.30 23.62
N ARG F 372 33.73 -17.45 23.03
CA ARG F 372 33.69 -18.71 23.77
C ARG F 372 35.03 -19.09 24.38
N HIS F 373 36.14 -18.64 23.82
CA HIS F 373 37.47 -19.03 24.29
C HIS F 373 37.97 -18.18 25.46
N GLN F 374 37.35 -17.03 25.74
CA GLN F 374 37.79 -16.17 26.81
C GLN F 374 37.12 -16.48 28.15
N LEU F 375 36.28 -17.50 28.20
CA LEU F 375 35.56 -17.89 29.40
C LEU F 375 36.19 -19.14 30.03
N PRO F 376 35.91 -19.41 31.30
CA PRO F 376 36.39 -20.65 31.91
C PRO F 376 35.93 -21.88 31.14
N LYS F 377 36.60 -23.01 31.42
CA LYS F 377 36.34 -24.23 30.67
C LYS F 377 34.91 -24.71 30.83
N GLU F 378 34.37 -24.64 32.04
CA GLU F 378 33.00 -25.08 32.29
C GLU F 378 31.96 -24.15 31.67
N TYR F 379 32.27 -22.86 31.52
CA TYR F 379 31.38 -21.93 30.86
C TYR F 379 31.51 -21.96 29.34
N SER F 380 32.49 -22.69 28.80
CA SER F 380 32.70 -22.73 27.37
C SER F 380 31.94 -23.86 26.69
N SER F 381 31.69 -24.96 27.39
CA SER F 381 30.97 -26.09 26.81
C SER F 381 29.47 -25.85 26.73
N GLU F 382 28.95 -24.80 27.35
CA GLU F 382 27.53 -24.51 27.30
C GLU F 382 27.12 -23.68 26.09
N LEU F 383 28.06 -22.96 25.49
CA LEU F 383 27.77 -22.06 24.38
C LEU F 383 27.68 -22.78 23.04
N LEU F 384 27.86 -24.10 23.01
CA LEU F 384 27.74 -24.84 21.77
C LEU F 384 26.30 -25.06 21.35
N CYS F 385 25.40 -25.25 22.30
CA CYS F 385 23.99 -25.48 21.99
C CYS F 385 23.32 -24.15 21.63
N PRO F 386 22.65 -24.06 20.48
CA PRO F 386 22.01 -22.79 20.11
C PRO F 386 20.95 -22.33 21.09
N ARG F 387 20.23 -23.24 21.73
CA ARG F 387 19.19 -22.86 22.68
C ARG F 387 19.77 -22.24 23.95
N LYS F 388 21.00 -22.60 24.33
CA LYS F 388 21.67 -21.92 25.42
C LYS F 388 22.18 -20.55 25.01
N ARG F 389 22.69 -20.43 23.78
CA ARG F 389 23.12 -19.14 23.27
C ARG F 389 21.97 -18.16 23.16
N LYS F 390 20.79 -18.60 22.76
CA LYS F 390 19.62 -17.73 22.75
C LYS F 390 19.21 -17.27 24.14
N THR F 391 19.33 -18.14 25.16
CA THR F 391 19.08 -17.73 26.53
C THR F 391 20.08 -16.67 26.98
N VAL F 392 21.36 -16.88 26.66
CA VAL F 392 22.38 -15.89 27.02
C VAL F 392 22.11 -14.56 26.33
N GLU F 393 21.72 -14.61 25.06
CA GLU F 393 21.40 -13.39 24.32
C GLU F 393 20.17 -12.69 24.89
N ALA F 394 19.16 -13.45 25.31
CA ALA F 394 18.00 -12.85 25.95
C ALA F 394 18.37 -12.17 27.26
N ASN F 395 19.24 -12.80 28.05
CA ASN F 395 19.71 -12.15 29.27
C ASN F 395 20.49 -10.87 28.96
N ILE F 396 21.33 -10.92 27.94
CA ILE F 396 22.12 -9.76 27.56
C ILE F 396 21.22 -8.60 27.14
N ARG F 397 20.18 -8.90 26.35
CA ARG F 397 19.24 -7.85 25.95
C ARG F 397 18.58 -7.20 27.16
N ASP F 398 18.26 -7.98 28.18
CA ASP F 398 17.64 -7.45 29.39
C ASP F 398 18.61 -6.68 30.26
N MET F 399 19.89 -7.01 30.21
CA MET F 399 20.90 -6.34 31.03
C MET F 399 21.27 -4.94 30.53
N LEU F 400 21.06 -4.65 29.24
CA LEU F 400 21.46 -3.39 28.65
C LEU F 400 20.29 -2.40 28.76
N VAL F 401 20.37 -1.53 29.78
CA VAL F 401 19.31 -0.55 30.02
C VAL F 401 19.76 0.88 29.71
N ASP F 402 21.02 1.10 29.39
CA ASP F 402 21.55 2.45 29.14
C ASP F 402 22.20 2.51 27.77
N SER F 403 22.13 3.68 27.17
CA SER F 403 22.72 3.92 25.85
C SER F 403 24.07 4.61 25.97
N VAL F 404 24.85 4.52 24.88
CA VAL F 404 26.17 5.14 24.80
C VAL F 404 26.27 5.86 23.45
N GLU F 405 27.19 6.81 23.37
CA GLU F 405 27.38 7.62 22.17
C GLU F 405 28.30 6.92 21.19
N THR F 406 27.93 6.97 19.91
CA THR F 406 28.66 6.29 18.86
C THR F 406 29.04 7.27 17.76
N ASP F 407 30.18 7.01 17.13
CA ASP F 407 30.69 7.82 16.02
C ASP F 407 30.82 9.29 16.42
N THR F 408 31.49 9.52 17.55
CA THR F 408 31.72 10.88 18.04
C THR F 408 32.97 11.52 17.46
N TYR F 409 33.94 10.72 17.03
CA TYR F 409 35.20 11.25 16.50
C TYR F 409 35.06 11.46 15.00
N PRO F 410 35.16 12.69 14.50
CA PRO F 410 34.98 12.94 13.06
C PRO F 410 36.24 12.79 12.22
N ASP F 411 37.41 12.68 12.82
CA ASP F 411 38.67 12.63 12.08
C ASP F 411 39.30 11.24 12.15
N LYS F 412 38.46 10.20 12.14
CA LYS F 412 38.92 8.82 12.15
C LYS F 412 38.20 8.07 11.03
N LEU F 413 38.93 7.17 10.38
CA LEU F 413 38.39 6.39 9.27
C LEU F 413 38.42 4.91 9.64
N PRO F 414 37.29 4.21 9.69
CA PRO F 414 37.28 2.81 10.10
C PRO F 414 37.53 1.86 8.95
N PHE F 415 38.10 0.70 9.29
CA PHE F 415 38.37 -0.37 8.34
C PHE F 415 38.02 -1.70 8.99
N LYS F 416 37.85 -2.71 8.14
CA LYS F 416 37.48 -4.04 8.61
C LYS F 416 38.40 -4.58 9.69
N ASN F 417 39.58 -3.99 9.87
CA ASN F 417 40.52 -4.45 10.89
C ASN F 417 41.13 -3.28 11.64
N GLY F 418 40.38 -2.20 11.85
CA GLY F 418 40.88 -1.16 12.73
C GLY F 418 40.65 0.28 12.28
N VAL F 419 40.96 1.23 13.15
CA VAL F 419 40.68 2.64 12.92
C VAL F 419 41.98 3.34 12.52
N LEU F 420 41.94 4.10 11.44
CA LEU F 420 43.07 4.90 10.98
C LEU F 420 42.83 6.35 11.34
N ASP F 421 43.83 6.98 11.96
CA ASP F 421 43.72 8.37 12.39
C ASP F 421 44.15 9.28 11.25
N LEU F 422 43.29 10.26 10.92
CA LEU F 422 43.58 11.14 9.80
C LEU F 422 44.50 12.29 10.20
N VAL F 423 44.31 12.84 11.41
CA VAL F 423 45.10 14.00 11.83
C VAL F 423 46.57 13.61 11.98
N ASP F 424 46.85 12.46 12.58
CA ASP F 424 48.22 12.03 12.82
C ASP F 424 48.73 11.12 11.70
N GLY F 425 48.07 9.99 11.49
CA GLY F 425 48.45 9.05 10.44
C GLY F 425 48.69 7.64 10.90
N MET F 426 48.66 7.36 12.21
CA MET F 426 48.90 6.01 12.71
C MET F 426 47.63 5.17 12.60
N PHE F 427 47.80 3.90 12.23
CA PHE F 427 46.69 2.97 12.08
C PHE F 427 46.55 2.19 13.38
N TYR F 428 45.49 2.50 14.15
CA TYR F 428 45.22 1.82 15.40
C TYR F 428 44.49 0.52 15.13
N SER F 429 45.13 -0.61 15.43
CA SER F 429 44.53 -1.91 15.24
C SER F 429 44.19 -2.56 16.58
N GLY F 430 43.31 -3.55 16.52
CA GLY F 430 42.95 -4.31 17.69
C GLY F 430 42.22 -3.48 18.73
N ASP F 431 42.45 -3.83 20.01
CA ASP F 431 41.75 -3.18 21.11
C ASP F 431 42.02 -1.69 21.17
N ASP F 432 43.12 -1.21 20.60
CA ASP F 432 43.40 0.22 20.57
C ASP F 432 42.37 0.99 19.76
N ALA F 433 41.67 0.32 18.85
CA ALA F 433 40.61 0.95 18.07
C ALA F 433 39.23 0.82 18.73
N LYS F 434 39.15 0.15 19.88
CA LYS F 434 37.86 -0.04 20.54
C LYS F 434 37.32 1.26 21.11
N LYS F 435 38.22 2.15 21.55
CA LYS F 435 37.78 3.41 22.15
C LYS F 435 36.95 4.24 21.18
N TYR F 436 37.44 4.41 19.96
CA TYR F 436 36.71 5.14 18.94
C TYR F 436 35.59 4.27 18.39
N THR F 437 34.38 4.43 18.93
CA THR F 437 33.25 3.57 18.56
C THR F 437 32.76 3.98 17.18
N CYS F 438 33.43 3.46 16.16
CA CYS F 438 33.07 3.69 14.76
C CYS F 438 32.25 2.49 14.29
N THR F 439 30.93 2.66 14.20
CA THR F 439 30.05 1.55 13.87
C THR F 439 30.21 1.13 12.41
N VAL F 440 30.20 2.10 11.49
CA VAL F 440 30.38 1.78 10.08
C VAL F 440 31.84 1.46 9.81
N SER F 441 32.07 0.80 8.67
CA SER F 441 33.41 0.44 8.24
C SER F 441 33.50 0.55 6.72
N THR F 442 34.72 0.45 6.20
CA THR F 442 34.94 0.46 4.76
C THR F 442 34.69 -0.89 4.12
N GLY F 443 34.82 -1.97 4.88
CA GLY F 443 34.54 -3.29 4.38
C GLY F 443 35.74 -4.08 3.88
N PHE F 444 36.95 -3.54 3.97
CA PHE F 444 38.15 -4.26 3.55
C PHE F 444 39.28 -4.00 4.53
N LYS F 445 40.17 -4.97 4.65
CA LYS F 445 41.31 -4.84 5.54
C LYS F 445 42.26 -3.77 5.04
N PHE F 446 42.97 -3.14 5.98
CA PHE F 446 43.93 -2.09 5.67
C PHE F 446 45.33 -2.69 5.61
N ASP F 447 46.03 -2.42 4.51
CA ASP F 447 47.38 -2.92 4.29
C ASP F 447 48.34 -1.74 4.29
N ASP F 448 49.37 -1.81 5.14
CA ASP F 448 50.35 -0.74 5.23
C ASP F 448 51.44 -0.85 4.16
N THR F 449 51.50 -1.96 3.43
CA THR F 449 52.47 -2.11 2.35
C THR F 449 52.01 -1.48 1.04
N LYS F 450 50.73 -1.11 0.93
CA LYS F 450 50.22 -0.41 -0.23
C LYS F 450 49.87 1.05 0.04
N PHE F 451 49.87 1.48 1.30
CA PHE F 451 49.63 2.86 1.67
C PHE F 451 50.86 3.74 1.43
N VAL F 452 51.88 3.24 0.75
CA VAL F 452 53.10 4.00 0.53
C VAL F 452 52.83 5.18 -0.40
N GLU F 453 53.77 6.12 -0.41
CA GLU F 453 53.63 7.33 -1.22
C GLU F 453 54.02 7.07 -2.66
N ASP F 454 55.13 6.38 -2.89
CA ASP F 454 55.66 6.17 -4.22
C ASP F 454 55.38 4.74 -4.68
N SER F 455 54.77 4.62 -5.85
CA SER F 455 54.42 3.34 -6.45
C SER F 455 53.92 3.61 -7.86
N PRO F 456 54.11 2.65 -8.79
CA PRO F 456 53.59 2.86 -10.15
C PRO F 456 52.10 3.12 -10.18
N GLU F 457 51.34 2.47 -9.30
CA GLU F 457 49.91 2.74 -9.20
C GLU F 457 49.66 4.20 -8.85
N MET F 458 50.45 4.74 -7.92
CA MET F 458 50.30 6.15 -7.55
C MET F 458 50.63 7.07 -8.71
N GLU F 459 51.66 6.74 -9.50
CA GLU F 459 51.99 7.55 -10.66
C GLU F 459 50.86 7.54 -11.68
N GLU F 460 50.31 6.36 -11.96
CA GLU F 460 49.20 6.26 -12.89
C GLU F 460 47.99 7.06 -12.40
N LEU F 461 47.69 6.93 -11.11
CA LEU F 461 46.54 7.64 -10.54
C LEU F 461 46.75 9.15 -10.61
N MET F 462 47.96 9.62 -10.29
CA MET F 462 48.24 11.05 -10.36
C MET F 462 48.11 11.56 -11.78
N ASN F 463 48.58 10.79 -12.76
CA ASN F 463 48.42 11.17 -14.16
C ASN F 463 46.95 11.26 -14.52
N ILE F 464 46.15 10.27 -14.08
CA ILE F 464 44.72 10.27 -14.39
C ILE F 464 44.05 11.51 -13.79
N ILE F 465 44.35 11.80 -12.52
CA ILE F 465 43.74 12.93 -11.85
C ILE F 465 44.14 14.24 -12.51
N ASN F 466 45.41 14.39 -12.87
CA ASN F 466 45.85 15.60 -13.56
C ASN F 466 45.18 15.73 -14.93
N ASP F 467 44.92 14.61 -15.61
CA ASP F 467 44.20 14.66 -16.86
C ASP F 467 42.76 15.13 -16.65
N ILE F 468 42.09 14.59 -15.63
CA ILE F 468 40.68 14.93 -15.39
C ILE F 468 40.55 16.40 -15.03
N GLN F 469 41.37 16.88 -14.09
CA GLN F 469 41.36 18.27 -13.65
C GLN F 469 42.77 18.83 -13.84
N PRO F 470 43.02 19.52 -14.93
CA PRO F 470 44.37 20.02 -15.20
C PRO F 470 44.80 21.06 -14.18
N LEU F 471 46.11 21.13 -13.97
CA LEU F 471 46.73 22.03 -13.00
C LEU F 471 47.01 23.42 -13.57
N THR F 472 46.30 23.82 -14.62
CA THR F 472 46.56 25.09 -15.29
C THR F 472 46.09 26.23 -14.39
N ASP F 473 46.36 27.47 -14.83
CA ASP F 473 46.05 28.66 -14.05
C ASP F 473 44.55 28.95 -13.98
N GLU F 474 43.84 28.77 -15.09
CA GLU F 474 42.40 28.98 -15.06
C GLU F 474 41.71 27.96 -14.16
N ASN F 475 42.17 26.71 -14.19
CA ASN F 475 41.62 25.66 -13.35
C ASN F 475 42.39 25.57 -12.03
N LYS F 476 42.39 26.69 -11.30
CA LYS F 476 43.04 26.79 -10.00
C LYS F 476 42.04 26.91 -8.86
N LYS F 477 41.14 27.88 -8.93
CA LYS F 477 40.09 28.01 -7.93
C LYS F 477 39.09 26.86 -7.99
N ASN F 478 39.07 26.11 -9.09
CA ASN F 478 38.19 24.95 -9.24
C ASN F 478 38.85 23.64 -8.85
N ARG F 479 40.16 23.50 -9.11
CA ARG F 479 40.85 22.28 -8.73
C ARG F 479 40.88 22.11 -7.21
N GLU F 480 41.13 23.20 -6.48
CA GLU F 480 41.18 23.10 -5.02
C GLU F 480 39.80 22.83 -4.44
N LEU F 481 38.74 23.35 -5.06
CA LEU F 481 37.38 23.01 -4.63
C LEU F 481 37.08 21.54 -4.87
N TYR F 482 37.56 21.01 -6.01
CA TYR F 482 37.40 19.59 -6.31
C TYR F 482 38.11 18.73 -5.27
N GLU F 483 39.34 19.12 -4.91
CA GLU F 483 40.08 18.39 -3.89
C GLU F 483 39.39 18.47 -2.53
N LYS F 484 38.87 19.65 -2.18
CA LYS F 484 38.15 19.81 -0.92
C LYS F 484 36.93 18.90 -0.88
N THR F 485 36.15 18.89 -1.96
CA THR F 485 34.95 18.05 -1.99
C THR F 485 35.30 16.58 -1.91
N LEU F 486 36.35 16.15 -2.61
CA LEU F 486 36.72 14.74 -2.59
C LEU F 486 37.29 14.32 -1.23
N SER F 487 38.05 15.20 -0.57
CA SER F 487 38.65 14.86 0.70
C SER F 487 37.71 15.03 1.88
N SER F 488 36.60 15.75 1.70
CA SER F 488 35.61 15.85 2.77
C SER F 488 34.87 14.54 2.99
N CYS F 489 34.96 13.60 2.06
CA CYS F 489 34.31 12.30 2.18
C CYS F 489 35.01 11.38 3.15
N LEU F 490 36.03 11.85 3.87
CA LEU F 490 36.70 11.04 4.87
C LEU F 490 36.29 11.40 6.29
N CYS F 491 35.84 12.63 6.52
CA CYS F 491 35.47 13.06 7.86
C CYS F 491 34.02 12.68 8.16
N GLY F 492 33.80 12.08 9.32
CA GLY F 492 32.47 11.67 9.72
C GLY F 492 31.70 12.73 10.47
N ALA F 493 31.49 13.88 9.84
CA ALA F 493 30.75 14.97 10.45
C ALA F 493 29.76 15.52 9.44
N THR F 494 28.70 16.14 9.95
CA THR F 494 27.67 16.69 9.09
C THR F 494 28.20 17.86 8.28
N LYS F 495 27.92 17.85 6.97
CA LYS F 495 28.33 18.92 6.08
C LYS F 495 27.17 19.87 5.85
N GLY F 496 27.39 20.90 5.02
CA GLY F 496 26.35 21.88 4.77
C GLY F 496 26.28 22.37 3.33
N CYS F 497 26.73 21.55 2.38
CA CYS F 497 26.69 21.91 0.98
C CYS F 497 26.36 20.69 0.14
N LEU F 498 25.84 20.93 -1.05
CA LEU F 498 25.48 19.89 -2.01
C LEU F 498 26.28 20.16 -3.28
N THR F 499 27.30 19.34 -3.52
CA THR F 499 28.19 19.57 -4.65
C THR F 499 27.57 19.05 -5.95
N PHE F 500 27.72 19.83 -7.00
CA PHE F 500 27.26 19.48 -8.34
C PHE F 500 28.45 19.31 -9.26
N PHE F 501 28.61 18.11 -9.82
CA PHE F 501 29.69 17.82 -10.75
C PHE F 501 29.25 18.18 -12.17
N PHE F 502 29.20 19.48 -12.45
CA PHE F 502 28.64 19.93 -13.71
C PHE F 502 29.67 19.81 -14.83
N GLY F 503 29.23 19.36 -15.98
CA GLY F 503 30.10 19.20 -17.13
C GLY F 503 29.43 18.40 -18.21
N GLU F 504 30.02 18.45 -19.40
CA GLU F 504 29.49 17.73 -20.55
C GLU F 504 29.87 16.25 -20.45
N THR F 505 29.53 15.49 -21.48
CA THR F 505 29.72 14.05 -21.45
C THR F 505 31.16 13.67 -21.74
N ALA F 506 31.51 12.44 -21.35
CA ALA F 506 32.84 11.88 -21.55
C ALA F 506 33.91 12.83 -21.01
N THR F 507 33.79 13.14 -19.73
CA THR F 507 34.64 14.16 -19.12
C THR F 507 35.37 13.67 -17.87
N GLY F 508 34.79 12.79 -17.08
CA GLY F 508 35.50 12.23 -15.94
C GLY F 508 34.70 12.06 -14.67
N LYS F 509 33.43 12.45 -14.68
CA LYS F 509 32.62 12.36 -13.47
C LYS F 509 32.43 10.92 -12.99
N SER F 510 32.07 10.02 -13.90
CA SER F 510 31.88 8.63 -13.52
C SER F 510 33.17 7.99 -13.06
N THR F 511 34.29 8.33 -13.69
CA THR F 511 35.58 7.80 -13.24
C THR F 511 35.90 8.27 -11.82
N THR F 512 35.64 9.54 -11.53
CA THR F 512 35.86 10.04 -10.18
C THR F 512 34.96 9.34 -9.16
N LYS F 513 33.69 9.13 -9.52
CA LYS F 513 32.78 8.43 -8.63
C LYS F 513 33.27 7.01 -8.37
N ARG F 514 33.70 6.32 -9.41
CA ARG F 514 34.18 4.94 -9.25
C ARG F 514 35.44 4.88 -8.41
N LEU F 515 36.35 5.85 -8.62
CA LEU F 515 37.56 5.91 -7.82
C LEU F 515 37.22 6.12 -6.35
N LEU F 516 36.31 7.05 -6.06
CA LEU F 516 35.91 7.29 -4.68
C LEU F 516 35.26 6.06 -4.07
N LYS F 517 34.40 5.38 -4.83
CA LYS F 517 33.76 4.17 -4.33
C LYS F 517 34.78 3.09 -4.01
N SER F 518 35.72 2.82 -4.92
CA SER F 518 36.74 1.82 -4.67
C SER F 518 37.69 2.24 -3.55
N ALA F 519 37.82 3.54 -3.28
CA ALA F 519 38.68 4.00 -2.20
C ALA F 519 38.03 3.81 -0.84
N ILE F 520 36.76 4.23 -0.70
CA ILE F 520 36.15 4.24 0.63
C ILE F 520 35.19 3.08 0.88
N GLY F 521 35.07 2.14 -0.05
CA GLY F 521 34.35 0.90 0.23
C GLY F 521 32.90 1.05 0.64
N ASP F 522 32.53 0.42 1.76
CA ASP F 522 31.16 0.38 2.25
C ASP F 522 30.67 1.78 2.62
N LEU F 523 31.55 2.70 2.98
CA LEU F 523 31.16 4.06 3.37
C LEU F 523 30.63 4.88 2.20
N PHE F 524 30.41 4.26 1.05
CA PHE F 524 29.92 4.92 -0.15
C PHE F 524 28.60 4.28 -0.56
N VAL F 525 27.63 5.11 -0.96
CA VAL F 525 26.33 4.62 -1.37
C VAL F 525 25.79 5.54 -2.46
N GLU F 526 24.97 4.97 -3.35
CA GLU F 526 24.32 5.70 -4.42
C GLU F 526 22.81 5.58 -4.24
N THR F 527 22.12 6.72 -4.27
CA THR F 527 20.68 6.77 -4.10
C THR F 527 20.01 7.40 -5.30
N GLY F 528 18.70 7.21 -5.40
CA GLY F 528 17.92 7.76 -6.48
C GLY F 528 17.66 9.24 -6.29
N GLN F 529 16.90 9.80 -7.23
CA GLN F 529 16.57 11.21 -7.22
C GLN F 529 15.29 11.53 -6.46
N THR F 530 14.73 10.57 -5.74
CA THR F 530 13.61 10.86 -4.86
C THR F 530 14.03 11.79 -3.73
N ILE F 531 15.26 11.61 -3.23
CA ILE F 531 15.78 12.45 -2.17
C ILE F 531 15.90 13.91 -2.58
N LEU F 532 15.79 14.21 -3.88
CA LEU F 532 15.84 15.57 -4.38
C LEU F 532 14.51 16.06 -4.90
N THR F 533 13.77 15.24 -5.65
CA THR F 533 12.56 15.68 -6.33
C THR F 533 11.30 15.02 -5.76
N ASP F 534 11.32 14.66 -4.49
CA ASP F 534 10.16 14.05 -3.86
C ASP F 534 10.23 14.30 -2.36
N VAL F 535 9.07 14.30 -1.72
CA VAL F 535 9.00 14.48 -0.27
C VAL F 535 9.32 13.15 0.41
N LEU F 536 10.33 13.17 1.27
CA LEU F 536 10.85 11.95 1.89
C LEU F 536 10.22 11.70 3.26
N ASP F 537 8.88 11.73 3.29
CA ASP F 537 8.17 11.49 4.54
C ASP F 537 6.95 10.59 4.35
N LYS F 538 6.93 9.75 3.32
CA LYS F 538 5.79 8.88 3.04
C LYS F 538 6.16 7.44 3.36
N GLY F 539 5.79 6.98 4.55
CA GLY F 539 5.97 5.61 4.95
C GLY F 539 7.43 5.18 4.95
N PRO F 540 7.69 3.92 4.59
CA PRO F 540 9.07 3.47 4.46
C PRO F 540 9.78 4.16 3.31
N ASN F 541 11.07 4.41 3.50
CA ASN F 541 11.89 5.07 2.49
C ASN F 541 13.32 4.56 2.62
N PRO F 542 13.59 3.34 2.15
CA PRO F 542 14.95 2.80 2.25
C PRO F 542 15.97 3.57 1.42
N PHE F 543 15.54 4.40 0.47
CA PHE F 543 16.45 5.29 -0.22
C PHE F 543 17.04 6.36 0.69
N ILE F 544 16.47 6.55 1.87
CA ILE F 544 17.02 7.45 2.88
C ILE F 544 17.57 6.68 4.07
N ALA F 545 16.91 5.58 4.46
CA ALA F 545 17.42 4.75 5.54
C ALA F 545 18.74 4.08 5.20
N ASN F 546 19.06 3.92 3.92
CA ASN F 546 20.33 3.31 3.54
C ASN F 546 21.51 4.27 3.72
N MET F 547 21.28 5.58 3.61
CA MET F 547 22.35 6.56 3.79
C MET F 547 22.41 7.02 5.25
N HIS F 548 22.66 6.07 6.14
CA HIS F 548 22.81 6.31 7.56
C HIS F 548 24.29 6.14 7.90
N LEU F 549 24.91 7.21 8.41
CA LEU F 549 26.32 7.26 8.78
C LEU F 549 27.25 7.08 7.60
N LYS F 550 26.73 7.08 6.37
CA LYS F 550 27.57 6.98 5.19
C LYS F 550 28.27 8.30 4.95
N ARG F 551 29.55 8.21 4.57
CA ARG F 551 30.35 9.43 4.39
C ARG F 551 30.00 10.15 3.08
N SER F 552 29.78 9.40 2.00
CA SER F 552 29.50 10.00 0.70
C SER F 552 28.23 9.40 0.11
N VAL F 553 27.45 10.24 -0.56
CA VAL F 553 26.21 9.83 -1.21
C VAL F 553 26.15 10.44 -2.59
N PHE F 554 25.84 9.64 -3.60
CA PHE F 554 25.75 10.08 -4.97
C PHE F 554 24.32 9.94 -5.48
N CYS F 555 23.85 10.97 -6.19
CA CYS F 555 22.49 11.02 -6.72
C CYS F 555 22.56 11.44 -8.19
N SER F 556 23.41 10.74 -8.95
CA SER F 556 23.80 11.13 -10.29
C SER F 556 22.65 11.12 -11.29
N GLU F 557 22.95 11.54 -12.53
CA GLU F 557 22.07 11.42 -13.69
C GLU F 557 20.78 12.23 -13.49
N LEU F 558 20.98 13.54 -13.34
CA LEU F 558 19.87 14.47 -13.26
C LEU F 558 19.31 14.76 -14.65
N PRO F 559 17.99 14.84 -14.78
CA PRO F 559 17.38 15.08 -16.09
C PRO F 559 17.34 16.57 -16.42
N ASP F 560 16.79 16.87 -17.60
CA ASP F 560 16.57 18.25 -18.01
C ASP F 560 15.27 18.77 -17.42
N PHE F 561 15.25 20.07 -17.10
CA PHE F 561 14.11 20.67 -16.42
C PHE F 561 13.32 21.61 -17.33
N ALA F 562 13.88 22.04 -18.45
CA ALA F 562 13.16 22.87 -19.41
C ALA F 562 12.48 22.00 -20.47
N CYS F 563 11.69 21.04 -19.98
CA CYS F 563 11.00 20.08 -20.83
C CYS F 563 9.52 20.08 -20.48
N SER F 564 8.71 19.53 -21.39
CA SER F 564 7.26 19.47 -21.22
C SER F 564 6.93 18.40 -20.19
N GLY F 565 7.09 18.77 -18.92
CA GLY F 565 6.80 17.87 -17.82
C GLY F 565 8.06 17.31 -17.17
N SER F 566 8.44 17.89 -16.03
CA SER F 566 9.64 17.46 -15.31
C SER F 566 9.65 18.06 -13.91
N LYS F 567 9.94 17.25 -12.91
CA LYS F 567 9.97 17.74 -11.53
C LYS F 567 11.16 18.67 -11.31
N LYS F 568 11.20 19.29 -10.14
CA LYS F 568 12.26 20.23 -9.79
C LYS F 568 13.01 19.73 -8.57
N ILE F 569 14.05 20.47 -8.19
CA ILE F 569 14.97 20.04 -7.14
C ILE F 569 14.33 20.24 -5.76
N ARG F 570 13.16 20.87 -5.73
CA ARG F 570 12.37 20.99 -4.49
C ARG F 570 13.18 21.65 -3.38
N SER F 571 13.43 22.95 -3.58
CA SER F 571 14.26 23.77 -2.70
C SER F 571 14.13 23.41 -1.22
N ASP F 572 12.91 23.18 -0.75
CA ASP F 572 12.70 22.81 0.65
C ASP F 572 13.36 21.47 0.98
N ASN F 573 13.49 20.59 -0.02
CA ASN F 573 14.09 19.28 0.23
C ASN F 573 15.60 19.35 0.45
N ILE F 574 16.25 20.43 0.04
CA ILE F 574 17.67 20.60 0.32
C ILE F 574 17.93 21.00 1.76
N LYS F 575 16.97 21.69 2.40
CA LYS F 575 17.12 22.03 3.81
C LYS F 575 17.18 20.79 4.69
N LYS F 576 16.37 19.77 4.37
CA LYS F 576 16.33 18.55 5.17
C LYS F 576 17.58 17.70 5.01
N LEU F 577 18.30 17.84 3.89
CA LEU F 577 19.46 17.01 3.62
C LEU F 577 20.73 17.54 4.28
N THR F 578 20.66 18.67 4.97
CA THR F 578 21.81 19.21 5.69
C THR F 578 21.69 19.05 7.20
N GLU F 579 20.52 18.72 7.71
CA GLU F 579 20.34 18.51 9.14
C GLU F 579 20.86 17.13 9.54
N PRO F 580 21.35 16.98 10.77
CA PRO F 580 21.86 15.68 11.21
C PRO F 580 20.77 14.73 11.67
N CYS F 581 19.52 15.04 11.34
CA CYS F 581 18.37 14.27 11.80
C CYS F 581 17.45 13.94 10.63
N VAL F 582 18.02 13.42 9.54
CA VAL F 582 17.20 13.08 8.37
C VAL F 582 16.24 11.96 8.72
N ILE F 583 14.97 12.16 8.41
CA ILE F 583 13.92 11.20 8.73
C ILE F 583 13.77 10.21 7.59
N GLY F 584 13.19 9.05 7.91
CA GLY F 584 13.00 8.00 6.93
C GLY F 584 13.38 6.64 7.48
N ARG F 585 12.45 5.69 7.43
CA ARG F 585 12.69 4.38 8.03
C ARG F 585 12.73 3.30 6.96
N PRO F 586 13.49 2.23 7.19
CA PRO F 586 13.48 1.11 6.24
C PRO F 586 12.28 0.20 6.49
N CYS F 587 12.05 -0.68 5.53
CA CYS F 587 10.95 -1.64 5.66
C CYS F 587 11.19 -2.58 6.82
N PHE F 588 10.12 -2.94 7.53
CA PHE F 588 10.17 -3.85 8.66
C PHE F 588 11.09 -3.33 9.77
N SER F 589 11.03 -2.03 10.04
CA SER F 589 11.85 -1.42 11.06
C SER F 589 11.19 -0.15 11.56
N ASN F 590 11.62 0.30 12.73
CA ASN F 590 11.06 1.48 13.38
C ASN F 590 12.02 2.65 13.49
N LYS F 591 13.31 2.45 13.20
CA LYS F 591 14.29 3.52 13.31
C LYS F 591 14.03 4.58 12.24
N ILE F 592 13.51 5.73 12.67
CA ILE F 592 13.05 6.77 11.75
C ILE F 592 14.15 7.76 11.42
N ASN F 593 14.91 8.21 12.40
CA ASN F 593 15.89 9.27 12.22
C ASN F 593 17.28 8.68 12.00
N ASN F 594 17.98 9.19 10.99
CA ASN F 594 19.30 8.71 10.63
C ASN F 594 20.32 9.82 10.75
N ARG F 595 21.51 9.47 11.24
CA ARG F 595 22.60 10.42 11.36
C ARG F 595 23.12 10.78 9.97
N ASN F 596 23.31 12.07 9.73
CA ASN F 596 23.66 12.58 8.40
C ASN F 596 25.12 13.04 8.40
N HIS F 597 26.02 12.10 8.10
CA HIS F 597 27.42 12.41 7.85
C HIS F 597 27.73 12.48 6.36
N ALA F 598 26.72 12.43 5.51
CA ALA F 598 26.93 12.28 4.08
C ALA F 598 27.45 13.56 3.44
N THR F 599 28.25 13.39 2.39
CA THR F 599 28.72 14.47 1.54
C THR F 599 27.96 14.35 0.22
N ILE F 600 26.82 15.03 0.14
CA ILE F 600 25.94 14.88 -1.01
C ILE F 600 26.64 15.41 -2.26
N ILE F 601 26.79 14.55 -3.26
CA ILE F 601 27.37 14.92 -4.54
C ILE F 601 26.40 14.48 -5.64
N ILE F 602 26.04 15.41 -6.53
CA ILE F 602 25.13 15.13 -7.62
C ILE F 602 25.92 15.23 -8.92
N ASP F 603 26.02 14.11 -9.64
CA ASP F 603 26.67 14.08 -10.94
C ASP F 603 25.59 14.40 -11.96
N THR F 604 25.62 15.64 -12.47
CA THR F 604 24.61 16.13 -13.38
C THR F 604 25.24 16.50 -14.72
N ASN F 605 24.38 16.86 -15.67
CA ASN F 605 24.79 17.36 -16.97
C ASN F 605 24.20 18.72 -17.30
N TYR F 606 23.02 19.06 -16.76
CA TYR F 606 22.44 20.38 -16.90
C TYR F 606 22.35 21.02 -15.52
N LYS F 607 22.52 22.34 -15.47
CA LYS F 607 22.46 23.02 -14.19
C LYS F 607 21.06 22.90 -13.59
N PRO F 608 20.94 22.68 -12.29
CA PRO F 608 19.64 22.37 -11.69
C PRO F 608 18.71 23.58 -11.72
N VAL F 609 17.41 23.28 -11.73
CA VAL F 609 16.35 24.28 -11.65
C VAL F 609 15.49 23.92 -10.44
N PHE F 610 15.42 24.83 -9.47
CA PHE F 610 14.76 24.56 -8.21
C PHE F 610 13.29 24.98 -8.27
N ASP F 611 12.53 24.60 -7.24
CA ASP F 611 11.12 25.00 -7.16
C ASP F 611 11.01 26.50 -6.92
N ARG F 612 11.56 26.97 -5.80
CA ARG F 612 11.56 28.40 -5.48
C ARG F 612 12.98 28.77 -5.06
N ILE F 613 13.47 29.89 -5.58
CA ILE F 613 14.82 30.34 -5.28
C ILE F 613 14.77 31.38 -4.18
N ASP F 614 15.49 31.12 -3.09
CA ASP F 614 15.49 32.03 -1.94
C ASP F 614 16.93 32.29 -1.53
N ASN F 615 17.09 33.28 -0.65
CA ASN F 615 18.40 33.71 -0.17
C ASN F 615 19.04 32.71 0.79
N ALA F 616 18.31 31.68 1.22
CA ALA F 616 18.86 30.66 2.11
C ALA F 616 19.44 29.47 1.35
N LEU F 617 19.44 29.51 0.01
CA LEU F 617 19.89 28.39 -0.79
C LEU F 617 21.29 28.58 -1.38
N MET F 618 21.70 29.82 -1.65
CA MET F 618 23.02 30.01 -2.25
C MET F 618 24.15 29.69 -1.27
N ARG F 619 23.86 29.53 0.02
CA ARG F 619 24.87 29.26 1.03
C ARG F 619 25.10 27.77 1.24
N ARG F 620 24.39 26.90 0.52
CA ARG F 620 24.52 25.46 0.70
C ARG F 620 24.60 24.76 -0.64
N ILE F 621 25.23 25.41 -1.63
CA ILE F 621 25.37 24.82 -2.96
C ILE F 621 26.74 25.17 -3.51
N ALA F 622 27.46 24.15 -3.97
CA ALA F 622 28.74 24.33 -4.64
C ALA F 622 28.71 23.57 -5.96
N VAL F 623 29.43 24.08 -6.96
CA VAL F 623 29.45 23.49 -8.29
C VAL F 623 30.89 23.43 -8.76
N VAL F 624 31.33 22.26 -9.23
CA VAL F 624 32.64 22.11 -9.83
C VAL F 624 32.47 21.75 -11.30
N ARG F 625 33.29 22.38 -12.14
CA ARG F 625 33.18 22.26 -13.59
C ARG F 625 34.18 21.23 -14.09
N PHE F 626 33.71 20.39 -15.01
CA PHE F 626 34.53 19.38 -15.66
C PHE F 626 34.69 19.75 -17.13
N ARG F 627 35.92 19.86 -17.60
CA ARG F 627 36.20 20.39 -18.93
C ARG F 627 36.95 19.43 -19.83
N THR F 628 37.89 18.65 -19.30
CA THR F 628 38.74 17.82 -20.15
C THR F 628 37.93 16.71 -20.80
N HIS F 629 37.97 16.65 -22.13
CA HIS F 629 37.20 15.67 -22.88
C HIS F 629 38.05 14.44 -23.20
N PHE F 630 37.41 13.27 -23.17
CA PHE F 630 38.05 12.00 -23.49
C PHE F 630 37.35 11.45 -24.72
N SER F 631 37.96 11.62 -25.88
CA SER F 631 37.34 11.31 -27.16
C SER F 631 38.03 10.12 -27.82
N GLN F 632 37.26 9.41 -28.64
CA GLN F 632 37.81 8.37 -29.50
C GLN F 632 38.67 9.02 -30.59
N PRO F 633 39.63 8.28 -31.15
CA PRO F 633 40.41 8.83 -32.27
C PRO F 633 39.56 9.22 -33.46
N SER F 634 38.40 8.58 -33.64
CA SER F 634 37.54 8.89 -34.78
C SER F 634 36.94 10.28 -34.65
N GLY F 635 36.17 10.51 -33.58
CA GLY F 635 35.51 11.78 -33.38
C GLY F 635 36.29 12.77 -32.56
N ARG F 636 37.60 12.88 -32.84
CA ARG F 636 38.44 13.81 -32.10
C ARG F 636 38.38 15.21 -32.67
N GLU F 637 38.25 15.34 -33.99
CA GLU F 637 38.22 16.65 -34.62
C GLU F 637 36.96 17.42 -34.25
N ALA F 638 35.82 16.72 -34.12
CA ALA F 638 34.57 17.39 -33.76
C ALA F 638 34.61 17.93 -32.34
N ALA F 639 35.48 17.42 -31.48
CA ALA F 639 35.56 17.86 -30.10
C ALA F 639 36.48 19.05 -29.90
N GLU F 640 37.52 19.19 -30.74
CA GLU F 640 38.43 20.33 -30.60
C GLU F 640 37.76 21.66 -30.92
N ASN F 641 36.65 21.64 -31.66
CA ASN F 641 35.90 22.86 -31.95
C ASN F 641 34.74 23.10 -30.99
N ASN F 642 34.51 22.19 -30.04
CA ASN F 642 33.42 22.36 -29.09
C ASN F 642 33.75 23.45 -28.07
N ASP F 643 32.72 24.18 -27.66
CA ASP F 643 32.90 25.28 -26.73
C ASP F 643 33.08 24.83 -25.28
N ALA F 644 32.32 23.83 -24.85
CA ALA F 644 32.37 23.41 -23.45
C ALA F 644 33.42 22.34 -23.23
N TYR F 645 34.64 22.60 -23.70
CA TYR F 645 35.77 21.69 -23.51
C TYR F 645 37.06 22.48 -23.55
N ASP F 646 38.04 22.06 -22.75
CA ASP F 646 39.35 22.70 -22.71
C ASP F 646 40.48 21.74 -23.06
N LYS F 647 40.22 20.44 -23.16
CA LYS F 647 41.25 19.48 -23.49
C LYS F 647 40.59 18.27 -24.16
N VAL F 648 41.27 17.72 -25.16
CA VAL F 648 40.70 16.66 -25.98
C VAL F 648 41.57 15.41 -25.89
N LYS F 649 42.18 15.20 -24.71
CA LYS F 649 43.03 14.04 -24.46
C LYS F 649 42.36 12.74 -24.89
N LEU F 650 43.15 11.82 -25.45
CA LEU F 650 42.61 10.59 -26.01
C LEU F 650 41.98 9.70 -24.94
N LEU F 651 40.98 8.93 -25.35
CA LEU F 651 40.30 8.01 -24.46
C LEU F 651 41.20 6.81 -24.14
N ASP F 652 40.84 6.07 -23.09
CA ASP F 652 41.58 4.88 -22.70
C ASP F 652 40.59 3.77 -22.42
N GLU F 653 40.54 2.78 -23.30
CA GLU F 653 39.60 1.66 -23.12
C GLU F 653 40.00 0.78 -21.94
N GLY F 654 41.30 0.60 -21.71
CA GLY F 654 41.76 -0.29 -20.67
C GLY F 654 41.97 0.39 -19.33
N LEU F 655 41.14 1.38 -19.02
CA LEU F 655 41.20 2.08 -17.74
C LEU F 655 40.00 1.78 -16.86
N ASP F 656 38.79 1.93 -17.40
CA ASP F 656 37.59 1.70 -16.61
C ASP F 656 37.41 0.23 -16.21
N GLY F 657 38.17 -0.69 -16.82
CA GLY F 657 38.12 -2.06 -16.37
C GLY F 657 39.06 -2.35 -15.21
N LYS F 658 40.00 -1.45 -14.95
CA LYS F 658 40.96 -1.66 -13.87
C LYS F 658 40.47 -1.06 -12.55
N ILE F 659 39.64 -0.01 -12.62
CA ILE F 659 39.12 0.61 -11.40
C ILE F 659 38.25 -0.37 -10.63
N GLN F 660 37.41 -1.14 -11.34
CA GLN F 660 36.60 -2.16 -10.69
C GLN F 660 37.45 -3.25 -10.06
N ASN F 661 38.72 -3.36 -10.43
CA ASN F 661 39.63 -4.33 -9.85
C ASN F 661 40.36 -3.77 -8.63
N ASN F 662 40.01 -2.56 -8.20
CA ASN F 662 40.60 -1.94 -7.01
C ASN F 662 42.12 -1.81 -7.13
N ARG F 663 42.58 -1.43 -8.33
CA ARG F 663 44.01 -1.26 -8.54
C ARG F 663 44.53 0.02 -7.88
N TYR F 664 43.75 1.09 -7.95
CA TYR F 664 44.13 2.38 -7.36
C TYR F 664 43.42 2.65 -6.04
N ARG F 665 43.07 1.60 -5.30
CA ARG F 665 42.37 1.75 -4.03
C ARG F 665 43.21 2.50 -3.00
N PHE F 666 44.32 1.90 -2.59
CA PHE F 666 45.13 2.49 -1.53
C PHE F 666 45.87 3.73 -1.99
N ALA F 667 46.21 3.81 -3.29
CA ALA F 667 46.81 5.03 -3.80
C ALA F 667 45.85 6.21 -3.69
N PHE F 668 44.59 5.99 -4.05
CA PHE F 668 43.60 7.06 -3.91
C PHE F 668 43.30 7.35 -2.44
N LEU F 669 43.34 6.34 -1.58
CA LEU F 669 43.17 6.60 -0.16
C LEU F 669 44.29 7.47 0.38
N TYR F 670 45.53 7.19 -0.02
CA TYR F 670 46.66 8.00 0.39
C TYR F 670 46.55 9.43 -0.13
N LEU F 671 46.13 9.58 -1.39
CA LEU F 671 45.94 10.91 -1.95
C LEU F 671 44.85 11.67 -1.20
N LEU F 672 43.76 10.98 -0.85
CA LEU F 672 42.67 11.61 -0.12
C LEU F 672 43.13 12.04 1.27
N VAL F 673 43.94 11.21 1.94
CA VAL F 673 44.47 11.60 3.24
C VAL F 673 45.41 12.80 3.11
N LYS F 674 46.22 12.81 2.05
CA LYS F 674 47.13 13.92 1.81
C LYS F 674 46.35 15.22 1.62
N TRP F 675 45.27 15.17 0.83
CA TRP F 675 44.42 16.35 0.67
C TRP F 675 43.68 16.71 1.96
N TYR F 676 43.28 15.71 2.74
CA TYR F 676 42.59 16.00 4.00
C TYR F 676 43.50 16.75 4.96
N LYS F 677 44.77 16.35 5.05
CA LYS F 677 45.69 17.14 5.86
C LYS F 677 46.23 18.30 5.05
N LYS F 678 45.35 19.01 4.34
CA LYS F 678 45.69 20.28 3.73
C LYS F 678 44.58 21.32 3.80
N TYR F 679 43.34 20.93 4.09
CA TYR F 679 42.23 21.88 4.07
C TYR F 679 41.36 21.74 5.31
N HIS F 680 41.34 20.54 5.90
CA HIS F 680 40.37 20.22 6.94
C HIS F 680 41.03 19.89 8.28
N ILE F 681 42.26 20.33 8.49
CA ILE F 681 42.96 20.02 9.74
C ILE F 681 42.40 20.85 10.89
N PRO F 682 42.43 22.22 10.83
CA PRO F 682 41.91 22.98 11.98
C PRO F 682 40.42 22.79 12.19
N ILE F 683 39.63 23.13 11.16
CA ILE F 683 38.18 22.96 11.19
C ILE F 683 37.75 22.48 9.81
N MET F 684 36.83 21.52 9.77
CA MET F 684 36.27 21.05 8.51
C MET F 684 35.00 21.84 8.20
N LYS F 685 34.96 22.44 7.02
CA LYS F 685 33.78 23.20 6.61
C LYS F 685 33.79 23.31 5.09
N LEU F 686 32.62 23.14 4.49
CA LEU F 686 32.45 23.24 3.04
C LEU F 686 31.88 24.61 2.70
N TYR F 687 32.52 25.30 1.76
CA TYR F 687 32.07 26.63 1.43
C TYR F 687 31.27 26.64 0.13
N PRO F 688 30.18 27.42 0.07
CA PRO F 688 29.39 27.47 -1.14
C PRO F 688 30.01 28.36 -2.20
N THR F 689 29.63 28.09 -3.46
CA THR F 689 30.05 28.89 -4.62
C THR F 689 28.80 29.29 -5.37
N PRO F 690 28.10 30.34 -4.93
CA PRO F 690 26.82 30.68 -5.56
C PRO F 690 26.94 31.39 -6.90
N GLU F 691 28.10 31.98 -7.21
CA GLU F 691 28.24 32.77 -8.43
C GLU F 691 28.26 31.93 -9.69
N GLU F 692 28.28 30.60 -9.58
CA GLU F 692 28.30 29.73 -10.75
C GLU F 692 26.91 29.50 -11.35
N ILE F 693 25.88 29.38 -10.52
CA ILE F 693 24.52 29.20 -11.01
C ILE F 693 24.02 30.54 -11.53
N PRO F 694 23.47 30.59 -12.76
CA PRO F 694 23.08 31.90 -13.32
C PRO F 694 22.04 32.64 -12.49
N ASP F 695 21.09 31.92 -11.87
CA ASP F 695 20.05 32.57 -11.10
C ASP F 695 20.63 33.30 -9.89
N PHE F 696 21.52 32.63 -9.15
CA PHE F 696 22.14 33.27 -8.00
C PHE F 696 23.06 34.41 -8.43
N ALA F 697 23.73 34.26 -9.59
CA ALA F 697 24.56 35.36 -10.10
C ALA F 697 23.71 36.58 -10.42
N PHE F 698 22.53 36.38 -11.01
CA PHE F 698 21.63 37.50 -11.27
C PHE F 698 21.12 38.10 -9.96
N TYR F 699 20.82 37.26 -8.98
CA TYR F 699 20.34 37.77 -7.69
C TYR F 699 21.41 38.58 -6.98
N LEU F 700 22.67 38.33 -7.29
CA LEU F 700 23.77 39.08 -6.69
C LEU F 700 23.95 40.44 -7.38
#